data_2XKG
# 
_entry.id   2XKG 
# 
_audit_conform.dict_name       mmcif_pdbx.dic 
_audit_conform.dict_version    5.383 
_audit_conform.dict_location   http://mmcif.pdb.org/dictionaries/ascii/mmcif_pdbx.dic 
# 
loop_
_database_2.database_id 
_database_2.database_code 
_database_2.pdbx_database_accession 
_database_2.pdbx_DOI 
PDB   2XKG         pdb_00002xkg 10.2210/pdb2xkg/pdb 
PDBE  EBI-44556    ?            ?                   
WWPDB D_1290044556 ?            ?                   
# 
loop_
_pdbx_database_related.db_name 
_pdbx_database_related.db_id 
_pdbx_database_related.content_type 
_pdbx_database_related.details 
PDB 2VYZ unspecified 'MUTANT ALA55PHE OF CEREBRATULUS LACTEUS MINI- HEMOGLOBIN' 
PDB 1V07 unspecified 
'CRYSTAL STRUCTURE OF THRE11VAL MUTANT OF THE NERVE TISSUE MINI-HEMOGLOBIN FROM THE NEMERTEAN WORM CEREBRATULUS LACTEUS' 
PDB 2VYY unspecified 'MUTANT ALA55TRP OF CEREBRATULS LACTEUS MINI- HEMOGLOBIN' 
PDB 1KR7 unspecified 'CRYSTAL STRUCTURE OF THE NERVE TISSUE MINI- HEMOGLOBIN FROMTHE NEMERTEAN WORM CEREBRATULUS LACTEUS' 
PDB 2XKH unspecified 'XE DERIVATIVE OF C.LACTEUS MINI-HB LEU86ALA MUTANT' 
PDB 2XKI unspecified 'AQUO-MET STRUCTURE OF C.LACTEUS MINI-HB' 
# 
_pdbx_database_status.status_code                     REL 
_pdbx_database_status.entry_id                        2XKG 
_pdbx_database_status.deposit_site                    PDBE 
_pdbx_database_status.process_site                    PDBE 
_pdbx_database_status.SG_entry                        . 
_pdbx_database_status.recvd_initial_deposition_date   2010-07-08 
_pdbx_database_status.pdb_format_compatible           Y 
_pdbx_database_status.status_code_sf                  REL 
_pdbx_database_status.status_code_mr                  ? 
_pdbx_database_status.status_code_cs                  ? 
_pdbx_database_status.methods_development_category    ? 
_pdbx_database_status.status_code_nmr_data            ? 
# 
loop_
_audit_author.name 
_audit_author.pdbx_ordinal 
'Pesce, A.'     1  
'Nardini, M.'   2  
'Dewilde, S.'   3  
'Capece, L.'    4  
'Marti, M.A.'   5  
'Congia, S.'    6  
'Salter, M.D.'  7  
'Blouin, G.C.'  8  
'Estrin, D.A.'  9  
'Ascenzi, P.'   10 
'Moens, L.'     11 
'Bolognesi, M.' 12 
'Olson, J.S.'   13 
# 
_citation.id                        primary 
_citation.title                     'Ligand Migration in the Apolar Tunnel of Cerebratulus Lacteus Mini-Hemoglobin.' 
_citation.journal_abbrev            J.Biol.Chem. 
_citation.journal_volume            286 
_citation.page_first                5347 
_citation.page_last                 ? 
_citation.year                      2011 
_citation.journal_id_ASTM           JBCHA3 
_citation.country                   US 
_citation.journal_id_ISSN           0021-9258 
_citation.journal_id_CSD            0071 
_citation.book_publisher            ? 
_citation.pdbx_database_id_PubMed   21147768 
_citation.pdbx_database_id_DOI      10.1074/JBC.M110.169045 
# 
loop_
_citation_author.citation_id 
_citation_author.name 
_citation_author.ordinal 
_citation_author.identifier_ORCID 
primary 'Pesce, A.'     1  ? 
primary 'Nardini, M.'   2  ? 
primary 'Dewilde, S.'   3  ? 
primary 'Capece, L.'    4  ? 
primary 'Marti, M.A.'   5  ? 
primary 'Congia, S.'    6  ? 
primary 'Salter, M.D.'  7  ? 
primary 'Blouin, G.C.'  8  ? 
primary 'Estrin, D.A.'  9  ? 
primary 'Ascenzi, P.'   10 ? 
primary 'Moens, L.'     11 ? 
primary 'Bolognesi, M.' 12 ? 
primary 'Olson, J.S.'   13 ? 
# 
_cell.entry_id           2XKG 
_cell.length_a           42.650 
_cell.length_b           43.347 
_cell.length_c           59.443 
_cell.angle_alpha        90.00 
_cell.angle_beta         90.00 
_cell.angle_gamma        90.00 
_cell.Z_PDB              4 
_cell.pdbx_unique_axis   ? 
# 
_symmetry.entry_id                         2XKG 
_symmetry.space_group_name_H-M             'P 21 21 21' 
_symmetry.pdbx_full_space_group_name_H-M   ? 
_symmetry.cell_setting                     ? 
_symmetry.Int_Tables_number                19 
# 
loop_
_entity.id 
_entity.type 
_entity.src_method 
_entity.pdbx_description 
_entity.formula_weight 
_entity.pdbx_number_of_molecules 
_entity.pdbx_ec 
_entity.pdbx_mutation 
_entity.pdbx_fragment 
_entity.details 
1 polymer     man 'NEURAL HEMOGLOBIN'               11504.869 1   ? YES ? ? 
2 non-polymer syn 'PROTOPORPHYRIN IX CONTAINING FE' 616.487   1   ? ?   ? ? 
3 non-polymer syn 'OXYGEN MOLECULE'                 31.999    1   ? ?   ? ? 
4 non-polymer syn 'SULFATE ION'                     96.063    4   ? ?   ? ? 
5 water       nat water                             18.015    140 ? ?   ? ? 
# 
_entity_name_com.entity_id   1 
_entity_name_com.name        'NRHB, MINI-HEMOGLOBIN' 
# 
_entity_poly.entity_id                      1 
_entity_poly.type                           'polypeptide(L)' 
_entity_poly.nstd_linkage                   no 
_entity_poly.nstd_monomer                   no 
_entity_poly.pdbx_seq_one_letter_code       
;MVNWAAVVDDFYQELFKAHPEYQNKFGFKGVALGSLKGNAAYKTQAGKTVDYINAAIGGSADAAGLASRHKGRNVGSAEF
HNAKACAAKACSAHGAPDLGHAIDDILSHL
;
_entity_poly.pdbx_seq_one_letter_code_can   
;MVNWAAVVDDFYQELFKAHPEYQNKFGFKGVALGSLKGNAAYKTQAGKTVDYINAAIGGSADAAGLASRHKGRNVGSAEF
HNAKACAAKACSAHGAPDLGHAIDDILSHL
;
_entity_poly.pdbx_strand_id                 A 
_entity_poly.pdbx_target_identifier         ? 
# 
loop_
_entity_poly_seq.entity_id 
_entity_poly_seq.num 
_entity_poly_seq.mon_id 
_entity_poly_seq.hetero 
1 1   MET n 
1 2   VAL n 
1 3   ASN n 
1 4   TRP n 
1 5   ALA n 
1 6   ALA n 
1 7   VAL n 
1 8   VAL n 
1 9   ASP n 
1 10  ASP n 
1 11  PHE n 
1 12  TYR n 
1 13  GLN n 
1 14  GLU n 
1 15  LEU n 
1 16  PHE n 
1 17  LYS n 
1 18  ALA n 
1 19  HIS n 
1 20  PRO n 
1 21  GLU n 
1 22  TYR n 
1 23  GLN n 
1 24  ASN n 
1 25  LYS n 
1 26  PHE n 
1 27  GLY n 
1 28  PHE n 
1 29  LYS n 
1 30  GLY n 
1 31  VAL n 
1 32  ALA n 
1 33  LEU n 
1 34  GLY n 
1 35  SER n 
1 36  LEU n 
1 37  LYS n 
1 38  GLY n 
1 39  ASN n 
1 40  ALA n 
1 41  ALA n 
1 42  TYR n 
1 43  LYS n 
1 44  THR n 
1 45  GLN n 
1 46  ALA n 
1 47  GLY n 
1 48  LYS n 
1 49  THR n 
1 50  VAL n 
1 51  ASP n 
1 52  TYR n 
1 53  ILE n 
1 54  ASN n 
1 55  ALA n 
1 56  ALA n 
1 57  ILE n 
1 58  GLY n 
1 59  GLY n 
1 60  SER n 
1 61  ALA n 
1 62  ASP n 
1 63  ALA n 
1 64  ALA n 
1 65  GLY n 
1 66  LEU n 
1 67  ALA n 
1 68  SER n 
1 69  ARG n 
1 70  HIS n 
1 71  LYS n 
1 72  GLY n 
1 73  ARG n 
1 74  ASN n 
1 75  VAL n 
1 76  GLY n 
1 77  SER n 
1 78  ALA n 
1 79  GLU n 
1 80  PHE n 
1 81  HIS n 
1 82  ASN n 
1 83  ALA n 
1 84  LYS n 
1 85  ALA n 
1 86  CYS n 
1 87  ALA n 
1 88  ALA n 
1 89  LYS n 
1 90  ALA n 
1 91  CYS n 
1 92  SER n 
1 93  ALA n 
1 94  HIS n 
1 95  GLY n 
1 96  ALA n 
1 97  PRO n 
1 98  ASP n 
1 99  LEU n 
1 100 GLY n 
1 101 HIS n 
1 102 ALA n 
1 103 ILE n 
1 104 ASP n 
1 105 ASP n 
1 106 ILE n 
1 107 LEU n 
1 108 SER n 
1 109 HIS n 
1 110 LEU n 
# 
_entity_src_gen.entity_id                          1 
_entity_src_gen.pdbx_src_id                        1 
_entity_src_gen.pdbx_alt_source_flag               sample 
_entity_src_gen.pdbx_seq_type                      ? 
_entity_src_gen.pdbx_beg_seq_num                   ? 
_entity_src_gen.pdbx_end_seq_num                   ? 
_entity_src_gen.gene_src_common_name               'MILKY RIBBON-WORM' 
_entity_src_gen.gene_src_genus                     ? 
_entity_src_gen.pdbx_gene_src_gene                 ? 
_entity_src_gen.gene_src_species                   ? 
_entity_src_gen.gene_src_strain                    ? 
_entity_src_gen.gene_src_tissue                    'NERVE TISSUE' 
_entity_src_gen.gene_src_tissue_fraction           ? 
_entity_src_gen.gene_src_details                   ? 
_entity_src_gen.pdbx_gene_src_fragment             ? 
_entity_src_gen.pdbx_gene_src_scientific_name      'CEREBRATULUS LACTEUS' 
_entity_src_gen.pdbx_gene_src_ncbi_taxonomy_id     6221 
_entity_src_gen.pdbx_gene_src_variant              ? 
_entity_src_gen.pdbx_gene_src_cell_line            ? 
_entity_src_gen.pdbx_gene_src_atcc                 ? 
_entity_src_gen.pdbx_gene_src_organ                ? 
_entity_src_gen.pdbx_gene_src_organelle            ? 
_entity_src_gen.pdbx_gene_src_cell                 ? 
_entity_src_gen.pdbx_gene_src_cellular_location    ? 
_entity_src_gen.host_org_common_name               ? 
_entity_src_gen.pdbx_host_org_scientific_name      'ESCHERICHIA COLI' 
_entity_src_gen.pdbx_host_org_ncbi_taxonomy_id     562 
_entity_src_gen.host_org_genus                     ? 
_entity_src_gen.pdbx_host_org_gene                 ? 
_entity_src_gen.pdbx_host_org_organ                ? 
_entity_src_gen.host_org_species                   ? 
_entity_src_gen.pdbx_host_org_tissue               ? 
_entity_src_gen.pdbx_host_org_tissue_fraction      ? 
_entity_src_gen.pdbx_host_org_strain               ? 
_entity_src_gen.pdbx_host_org_variant              ? 
_entity_src_gen.pdbx_host_org_cell_line            ? 
_entity_src_gen.pdbx_host_org_atcc                 ? 
_entity_src_gen.pdbx_host_org_culture_collection   ? 
_entity_src_gen.pdbx_host_org_cell                 ? 
_entity_src_gen.pdbx_host_org_organelle            ? 
_entity_src_gen.pdbx_host_org_cellular_location    ? 
_entity_src_gen.pdbx_host_org_vector_type          ? 
_entity_src_gen.pdbx_host_org_vector               ? 
_entity_src_gen.host_org_details                   ? 
_entity_src_gen.expression_system_id               ? 
_entity_src_gen.plasmid_name                       ? 
_entity_src_gen.plasmid_details                    ? 
_entity_src_gen.pdbx_description                   ? 
# 
_struct_ref.id                         1 
_struct_ref.db_name                    UNP 
_struct_ref.db_code                    GLBN_CERLA 
_struct_ref.entity_id                  1 
_struct_ref.pdbx_seq_one_letter_code   ? 
_struct_ref.pdbx_align_begin           ? 
_struct_ref.pdbx_db_accession          O76242 
_struct_ref.pdbx_db_isoform            ? 
# 
_struct_ref_seq.align_id                      1 
_struct_ref_seq.ref_id                        1 
_struct_ref_seq.pdbx_PDB_id_code              2XKG 
_struct_ref_seq.pdbx_strand_id                A 
_struct_ref_seq.seq_align_beg                 1 
_struct_ref_seq.pdbx_seq_align_beg_ins_code   ? 
_struct_ref_seq.seq_align_end                 110 
_struct_ref_seq.pdbx_seq_align_end_ins_code   ? 
_struct_ref_seq.pdbx_db_accession             O76242 
_struct_ref_seq.db_align_beg                  1 
_struct_ref_seq.pdbx_db_align_beg_ins_code    ? 
_struct_ref_seq.db_align_end                  110 
_struct_ref_seq.pdbx_db_align_end_ins_code    ? 
_struct_ref_seq.pdbx_auth_seq_align_beg       0 
_struct_ref_seq.pdbx_auth_seq_align_end       109 
# 
_struct_ref_seq_dif.align_id                     1 
_struct_ref_seq_dif.pdbx_pdb_id_code             2XKG 
_struct_ref_seq_dif.mon_id                       ALA 
_struct_ref_seq_dif.pdbx_pdb_strand_id           A 
_struct_ref_seq_dif.seq_num                      87 
_struct_ref_seq_dif.pdbx_pdb_ins_code            ? 
_struct_ref_seq_dif.pdbx_seq_db_name             UNP 
_struct_ref_seq_dif.pdbx_seq_db_accession_code   O76242 
_struct_ref_seq_dif.db_mon_id                    LEU 
_struct_ref_seq_dif.pdbx_seq_db_seq_num          87 
_struct_ref_seq_dif.details                      'engineered mutation' 
_struct_ref_seq_dif.pdbx_auth_seq_num            86 
_struct_ref_seq_dif.pdbx_ordinal                 1 
# 
loop_
_chem_comp.id 
_chem_comp.type 
_chem_comp.mon_nstd_flag 
_chem_comp.name 
_chem_comp.pdbx_synonyms 
_chem_comp.formula 
_chem_comp.formula_weight 
ALA 'L-peptide linking' y ALANINE                           ?    'C3 H7 N O2'       89.093  
ARG 'L-peptide linking' y ARGININE                          ?    'C6 H15 N4 O2 1'   175.209 
ASN 'L-peptide linking' y ASPARAGINE                        ?    'C4 H8 N2 O3'      132.118 
ASP 'L-peptide linking' y 'ASPARTIC ACID'                   ?    'C4 H7 N O4'       133.103 
CYS 'L-peptide linking' y CYSTEINE                          ?    'C3 H7 N O2 S'     121.158 
GLN 'L-peptide linking' y GLUTAMINE                         ?    'C5 H10 N2 O3'     146.144 
GLU 'L-peptide linking' y 'GLUTAMIC ACID'                   ?    'C5 H9 N O4'       147.129 
GLY 'peptide linking'   y GLYCINE                           ?    'C2 H5 N O2'       75.067  
HEM non-polymer         . 'PROTOPORPHYRIN IX CONTAINING FE' HEME 'C34 H32 Fe N4 O4' 616.487 
HIS 'L-peptide linking' y HISTIDINE                         ?    'C6 H10 N3 O2 1'   156.162 
HOH non-polymer         . WATER                             ?    'H2 O'             18.015  
ILE 'L-peptide linking' y ISOLEUCINE                        ?    'C6 H13 N O2'      131.173 
LEU 'L-peptide linking' y LEUCINE                           ?    'C6 H13 N O2'      131.173 
LYS 'L-peptide linking' y LYSINE                            ?    'C6 H15 N2 O2 1'   147.195 
MET 'L-peptide linking' y METHIONINE                        ?    'C5 H11 N O2 S'    149.211 
OXY non-polymer         . 'OXYGEN MOLECULE'                 ?    O2                 31.999  
PHE 'L-peptide linking' y PHENYLALANINE                     ?    'C9 H11 N O2'      165.189 
PRO 'L-peptide linking' y PROLINE                           ?    'C5 H9 N O2'       115.130 
SER 'L-peptide linking' y SERINE                            ?    'C3 H7 N O3'       105.093 
SO4 non-polymer         . 'SULFATE ION'                     ?    'O4 S -2'          96.063  
THR 'L-peptide linking' y THREONINE                         ?    'C4 H9 N O3'       119.119 
TRP 'L-peptide linking' y TRYPTOPHAN                        ?    'C11 H12 N2 O2'    204.225 
TYR 'L-peptide linking' y TYROSINE                          ?    'C9 H11 N O3'      181.189 
VAL 'L-peptide linking' y VALINE                            ?    'C5 H11 N O2'      117.146 
# 
_exptl.entry_id          2XKG 
_exptl.method            'X-RAY DIFFRACTION' 
_exptl.crystals_number   1 
# 
_exptl_crystal.id                    1 
_exptl_crystal.density_meas          ? 
_exptl_crystal.density_Matthews      2.5 
_exptl_crystal.density_percent_sol   51 
_exptl_crystal.description           NONE 
# 
_exptl_crystal_grow.crystal_id      1 
_exptl_crystal_grow.method          ? 
_exptl_crystal_grow.temp            277 
_exptl_crystal_grow.temp_details    ? 
_exptl_crystal_grow.pH              6 
_exptl_crystal_grow.pdbx_pH_range   ? 
_exptl_crystal_grow.pdbx_details    '60 % AMMONIUM SULFATE AND 50 MM SODIUM ACETATE BUFFER, PH 6, AT 4C' 
# 
_diffrn.id                     1 
_diffrn.ambient_temp           100 
_diffrn.ambient_temp_details   ? 
_diffrn.crystal_id             1 
# 
_diffrn_radiation.diffrn_id                        1 
_diffrn_radiation.wavelength_id                    1 
_diffrn_radiation.pdbx_monochromatic_or_laue_m_l   M 
_diffrn_radiation.monochromator                    ? 
_diffrn_radiation.pdbx_diffrn_protocol             'SINGLE WAVELENGTH' 
_diffrn_radiation.pdbx_scattering_type             x-ray 
# 
_diffrn_radiation_wavelength.id           1 
_diffrn_radiation_wavelength.wavelength   0.9 
_diffrn_radiation_wavelength.wt           1.0 
# 
_diffrn_source.diffrn_id                   1 
_diffrn_source.source                      SYNCHROTRON 
_diffrn_source.type                        'ESRF BEAMLINE ID14-1' 
_diffrn_source.pdbx_synchrotron_site       ESRF 
_diffrn_source.pdbx_synchrotron_beamline   ID14-1 
_diffrn_source.pdbx_wavelength             0.9 
_diffrn_source.pdbx_wavelength_list        ? 
# 
_reflns.pdbx_diffrn_id               1 
_reflns.pdbx_ordinal                 1 
_reflns.entry_id                     2XKG 
_reflns.observed_criterion_sigma_I   0.0 
_reflns.observed_criterion_sigma_F   ? 
_reflns.d_resolution_low             34.90 
_reflns.d_resolution_high            1.60 
_reflns.number_obs                   15045 
_reflns.number_all                   ? 
_reflns.percent_possible_obs         99.7 
_reflns.pdbx_Rmerge_I_obs            0.04 
_reflns.pdbx_Rsym_value              ? 
_reflns.pdbx_netI_over_sigmaI        24.10 
_reflns.B_iso_Wilson_estimate        ? 
_reflns.pdbx_redundancy              3.9 
# 
_reflns_shell.pdbx_diffrn_id         1 
_reflns_shell.pdbx_ordinal           1 
_reflns_shell.d_res_high             1.60 
_reflns_shell.d_res_low              1.69 
_reflns_shell.percent_possible_all   100.0 
_reflns_shell.Rmerge_I_obs           0.10 
_reflns_shell.pdbx_Rsym_value        ? 
_reflns_shell.meanI_over_sigI_obs    12.70 
_reflns_shell.pdbx_redundancy        4.0 
# 
_refine.pdbx_refine_id                           'X-RAY DIFFRACTION' 
_refine.entry_id                                 2XKG 
_refine.pdbx_diffrn_id                           1 
_refine.pdbx_TLS_residual_ADP_flag               ? 
_refine.ls_number_reflns_obs                     14252 
_refine.ls_number_reflns_all                     ? 
_refine.pdbx_ls_sigma_I                          ? 
_refine.pdbx_ls_sigma_F                          . 
_refine.pdbx_data_cutoff_high_absF               ? 
_refine.pdbx_data_cutoff_low_absF                ? 
_refine.pdbx_data_cutoff_high_rms_absF           ? 
_refine.ls_d_res_low                             21.25 
_refine.ls_d_res_high                            1.60 
_refine.ls_percent_reflns_obs                    99.56 
_refine.ls_R_factor_obs                          0.15529 
_refine.ls_R_factor_all                          ? 
_refine.ls_R_factor_R_work                       0.15372 
_refine.ls_R_factor_R_free                       0.18581 
_refine.ls_R_factor_R_free_error                 ? 
_refine.ls_R_factor_R_free_error_details         ? 
_refine.ls_percent_reflns_R_free                 5.1 
_refine.ls_number_reflns_R_free                  759 
_refine.ls_number_parameters                     ? 
_refine.ls_number_restraints                     ? 
_refine.occupancy_min                            ? 
_refine.occupancy_max                            ? 
_refine.correlation_coeff_Fo_to_Fc               0.959 
_refine.correlation_coeff_Fo_to_Fc_free          0.948 
_refine.B_iso_mean                               11.247 
_refine.aniso_B[1][1]                            0.00 
_refine.aniso_B[2][2]                            0.00 
_refine.aniso_B[3][3]                            0.00 
_refine.aniso_B[1][2]                            0.00 
_refine.aniso_B[1][3]                            0.00 
_refine.aniso_B[2][3]                            0.00 
_refine.solvent_model_details                    MASK 
_refine.solvent_model_param_ksol                 ? 
_refine.solvent_model_param_bsol                 ? 
_refine.pdbx_solvent_vdw_probe_radii             1.40 
_refine.pdbx_solvent_ion_probe_radii             0.80 
_refine.pdbx_solvent_shrinkage_radii             0.80 
_refine.pdbx_ls_cross_valid_method               THROUGHOUT 
_refine.details                                  'HYDROGENS HAVE BEEN ADDED IN THE RIDING POSITIONS.' 
_refine.pdbx_starting_model                      'PDB ENTRY 1KR7' 
_refine.pdbx_method_to_determine_struct          'MOLECULAR REPLACEMENT' 
_refine.pdbx_isotropic_thermal_model             ? 
_refine.pdbx_stereochemistry_target_values       'MAXIMUM LIKELIHOOD' 
_refine.pdbx_stereochem_target_val_spec_case     ? 
_refine.pdbx_R_Free_selection_details            RANDOM 
_refine.pdbx_overall_ESU_R                       0.080 
_refine.pdbx_overall_ESU_R_Free                  0.082 
_refine.overall_SU_ML                            0.043 
_refine.pdbx_overall_phase_error                 ? 
_refine.overall_SU_B                             1.177 
_refine.overall_SU_R_Cruickshank_DPI             ? 
_refine.pdbx_overall_SU_R_free_Cruickshank_DPI   ? 
_refine.pdbx_overall_SU_R_Blow_DPI               ? 
_refine.pdbx_overall_SU_R_free_Blow_DPI          ? 
# 
_refine_hist.pdbx_refine_id                   'X-RAY DIFFRACTION' 
_refine_hist.cycle_id                         LAST 
_refine_hist.pdbx_number_atoms_protein        811 
_refine_hist.pdbx_number_atoms_nucleic_acid   0 
_refine_hist.pdbx_number_atoms_ligand         65 
_refine_hist.number_atoms_solvent             140 
_refine_hist.number_atoms_total               1016 
_refine_hist.d_res_high                       1.60 
_refine_hist.d_res_low                        21.25 
# 
loop_
_refine_ls_restr.type 
_refine_ls_restr.dev_ideal 
_refine_ls_restr.dev_ideal_target 
_refine_ls_restr.weight 
_refine_ls_restr.number 
_refine_ls_restr.pdbx_refine_id 
_refine_ls_restr.pdbx_restraint_function 
r_bond_refined_d             0.011  0.021  ? 918  'X-RAY DIFFRACTION' ? 
r_bond_other_d               ?      ?      ? ?    'X-RAY DIFFRACTION' ? 
r_angle_refined_deg          1.172  2.087  ? 1258 'X-RAY DIFFRACTION' ? 
r_angle_other_deg            ?      ?      ? ?    'X-RAY DIFFRACTION' ? 
r_dihedral_angle_1_deg       4.555  5.000  ? 113  'X-RAY DIFFRACTION' ? 
r_dihedral_angle_2_deg       31.712 24.615 ? 39   'X-RAY DIFFRACTION' ? 
r_dihedral_angle_3_deg       11.493 15.000 ? 129  'X-RAY DIFFRACTION' ? 
r_dihedral_angle_4_deg       26.183 15.000 ? 2    'X-RAY DIFFRACTION' ? 
r_chiral_restr               0.085  0.200  ? 119  'X-RAY DIFFRACTION' ? 
r_gen_planes_refined         0.018  0.020  ? 709  'X-RAY DIFFRACTION' ? 
r_gen_planes_other           ?      ?      ? ?    'X-RAY DIFFRACTION' ? 
r_nbd_refined                ?      ?      ? ?    'X-RAY DIFFRACTION' ? 
r_nbd_other                  ?      ?      ? ?    'X-RAY DIFFRACTION' ? 
r_nbtor_refined              ?      ?      ? ?    'X-RAY DIFFRACTION' ? 
r_nbtor_other                ?      ?      ? ?    'X-RAY DIFFRACTION' ? 
r_xyhbond_nbd_refined        ?      ?      ? ?    'X-RAY DIFFRACTION' ? 
r_xyhbond_nbd_other          ?      ?      ? ?    'X-RAY DIFFRACTION' ? 
r_metal_ion_refined          ?      ?      ? ?    'X-RAY DIFFRACTION' ? 
r_metal_ion_other            ?      ?      ? ?    'X-RAY DIFFRACTION' ? 
r_symmetry_vdw_refined       ?      ?      ? ?    'X-RAY DIFFRACTION' ? 
r_symmetry_vdw_other         ?      ?      ? ?    'X-RAY DIFFRACTION' ? 
r_symmetry_hbond_refined     ?      ?      ? ?    'X-RAY DIFFRACTION' ? 
r_symmetry_hbond_other       ?      ?      ? ?    'X-RAY DIFFRACTION' ? 
r_symmetry_metal_ion_refined ?      ?      ? ?    'X-RAY DIFFRACTION' ? 
r_symmetry_metal_ion_other   ?      ?      ? ?    'X-RAY DIFFRACTION' ? 
r_mcbond_it                  1.625  1.500  ? 546  'X-RAY DIFFRACTION' ? 
r_mcbond_other               ?      ?      ? ?    'X-RAY DIFFRACTION' ? 
r_mcangle_it                 2.465  2.000  ? 854  'X-RAY DIFFRACTION' ? 
r_mcangle_other              ?      ?      ? ?    'X-RAY DIFFRACTION' ? 
r_scbond_it                  3.601  3.000  ? 372  'X-RAY DIFFRACTION' ? 
r_scbond_other               ?      ?      ? ?    'X-RAY DIFFRACTION' ? 
r_scangle_it                 5.262  4.500  ? 402  'X-RAY DIFFRACTION' ? 
r_scangle_other              ?      ?      ? ?    'X-RAY DIFFRACTION' ? 
r_long_range_B_refined       ?      ?      ? ?    'X-RAY DIFFRACTION' ? 
r_long_range_B_other         ?      ?      ? ?    'X-RAY DIFFRACTION' ? 
r_rigid_bond_restr           ?      ?      ? ?    'X-RAY DIFFRACTION' ? 
r_sphericity_free            ?      ?      ? ?    'X-RAY DIFFRACTION' ? 
r_sphericity_bonded          ?      ?      ? ?    'X-RAY DIFFRACTION' ? 
# 
_refine_ls_shell.pdbx_refine_id                   'X-RAY DIFFRACTION' 
_refine_ls_shell.pdbx_total_number_of_bins_used   20 
_refine_ls_shell.d_res_high                       1.600 
_refine_ls_shell.d_res_low                        1.641 
_refine_ls_shell.number_reflns_R_work             1029 
_refine_ls_shell.R_factor_R_work                  0.175 
_refine_ls_shell.percent_reflns_obs               100.00 
_refine_ls_shell.R_factor_R_free                  0.197 
_refine_ls_shell.R_factor_R_free_error            ? 
_refine_ls_shell.percent_reflns_R_free            ? 
_refine_ls_shell.number_reflns_R_free             55 
_refine_ls_shell.number_reflns_all                ? 
_refine_ls_shell.R_factor_all                     ? 
# 
_struct.entry_id                  2XKG 
_struct.title                     'C.lacteus mini-Hb Leu86Ala mutant' 
_struct.pdbx_model_details        ? 
_struct.pdbx_CASP_flag            ? 
_struct.pdbx_model_type_details   ? 
# 
_struct_keywords.entry_id        2XKG 
_struct_keywords.pdbx_keywords   'OXYGEN STORAGE' 
_struct_keywords.text            'OXYGEN STORAGE, METAL-BINDING' 
# 
loop_
_struct_asym.id 
_struct_asym.pdbx_blank_PDB_chainid_flag 
_struct_asym.pdbx_modified 
_struct_asym.entity_id 
_struct_asym.details 
A N N 1 ? 
B N N 2 ? 
C N N 3 ? 
D N N 4 ? 
E N N 4 ? 
F N N 4 ? 
G N N 4 ? 
H N N 5 ? 
# 
_struct_biol.id   1 
# 
loop_
_struct_conf.conf_type_id 
_struct_conf.id 
_struct_conf.pdbx_PDB_helix_id 
_struct_conf.beg_label_comp_id 
_struct_conf.beg_label_asym_id 
_struct_conf.beg_label_seq_id 
_struct_conf.pdbx_beg_PDB_ins_code 
_struct_conf.end_label_comp_id 
_struct_conf.end_label_asym_id 
_struct_conf.end_label_seq_id 
_struct_conf.pdbx_end_PDB_ins_code 
_struct_conf.beg_auth_comp_id 
_struct_conf.beg_auth_asym_id 
_struct_conf.beg_auth_seq_id 
_struct_conf.end_auth_comp_id 
_struct_conf.end_auth_asym_id 
_struct_conf.end_auth_seq_id 
_struct_conf.pdbx_PDB_helix_class 
_struct_conf.details 
_struct_conf.pdbx_PDB_helix_length 
HELX_P HELX_P1 1 ASN A 3  ? HIS A 19  ? ASN A 2  HIS A 18  1 ? 17 
HELX_P HELX_P2 2 PRO A 20 ? PHE A 26  ? PRO A 19 PHE A 25  5 ? 7  
HELX_P HELX_P3 3 ALA A 32 ? GLY A 38  ? ALA A 31 GLY A 37  5 ? 7  
HELX_P HELX_P4 4 ASN A 39 ? GLY A 58  ? ASN A 38 GLY A 57  1 ? 20 
HELX_P HELX_P5 5 ASP A 62 ? GLY A 72  ? ASP A 61 GLY A 71  1 ? 11 
HELX_P HELX_P6 6 GLY A 76 ? HIS A 94  ? GLY A 75 HIS A 93  1 ? 19 
HELX_P HELX_P7 7 LEU A 99 ? SER A 108 ? LEU A 98 SER A 107 1 ? 10 
# 
_struct_conf_type.id          HELX_P 
_struct_conf_type.criteria    ? 
_struct_conf_type.reference   ? 
# 
loop_
_struct_conn.id 
_struct_conn.conn_type_id 
_struct_conn.pdbx_leaving_atom_flag 
_struct_conn.pdbx_PDB_id 
_struct_conn.ptnr1_label_asym_id 
_struct_conn.ptnr1_label_comp_id 
_struct_conn.ptnr1_label_seq_id 
_struct_conn.ptnr1_label_atom_id 
_struct_conn.pdbx_ptnr1_label_alt_id 
_struct_conn.pdbx_ptnr1_PDB_ins_code 
_struct_conn.pdbx_ptnr1_standard_comp_id 
_struct_conn.ptnr1_symmetry 
_struct_conn.ptnr2_label_asym_id 
_struct_conn.ptnr2_label_comp_id 
_struct_conn.ptnr2_label_seq_id 
_struct_conn.ptnr2_label_atom_id 
_struct_conn.pdbx_ptnr2_label_alt_id 
_struct_conn.pdbx_ptnr2_PDB_ins_code 
_struct_conn.ptnr1_auth_asym_id 
_struct_conn.ptnr1_auth_comp_id 
_struct_conn.ptnr1_auth_seq_id 
_struct_conn.ptnr2_auth_asym_id 
_struct_conn.ptnr2_auth_comp_id 
_struct_conn.ptnr2_auth_seq_id 
_struct_conn.ptnr2_symmetry 
_struct_conn.pdbx_ptnr3_label_atom_id 
_struct_conn.pdbx_ptnr3_label_seq_id 
_struct_conn.pdbx_ptnr3_label_comp_id 
_struct_conn.pdbx_ptnr3_label_asym_id 
_struct_conn.pdbx_ptnr3_label_alt_id 
_struct_conn.pdbx_ptnr3_PDB_ins_code 
_struct_conn.details 
_struct_conn.pdbx_dist_value 
_struct_conn.pdbx_value_order 
_struct_conn.pdbx_role 
metalc1 metalc ? ? A HIS 70 NE2 ? ? ? 1_555 B HEM . FE ? ? A HIS 69  A HEM 144 1_555 ? ? ? ? ? ? ? 2.061 ? ? 
metalc2 metalc ? ? B HEM .  FE  ? ? ? 1_555 C OXY . O2 ? ? A HEM 144 A OXY 150 1_555 ? ? ? ? ? ? ? 2.651 ? ? 
metalc3 metalc ? ? B HEM .  FE  ? ? ? 1_555 C OXY . O1 ? ? A HEM 144 A OXY 150 1_555 ? ? ? ? ? ? ? 1.971 ? ? 
# 
_struct_conn_type.id          metalc 
_struct_conn_type.criteria    ? 
_struct_conn_type.reference   ? 
# 
loop_
_struct_site.id 
_struct_site.pdbx_evidence_code 
_struct_site.pdbx_auth_asym_id 
_struct_site.pdbx_auth_comp_id 
_struct_site.pdbx_auth_seq_id 
_struct_site.pdbx_auth_ins_code 
_struct_site.pdbx_num_residues 
_struct_site.details 
AC1 Software A HEM 144 ? 18 'BINDING SITE FOR RESIDUE HEM A 144' 
AC2 Software A OXY 150 ? 4  'BINDING SITE FOR RESIDUE OXY A 150' 
AC3 Software A SO4 152 ? 11 'BINDING SITE FOR RESIDUE SO4 A 152' 
AC4 Software A SO4 153 ? 7  'BINDING SITE FOR RESIDUE SO4 A 153' 
AC5 Software A SO4 154 ? 2  'BINDING SITE FOR RESIDUE SO4 A 154' 
AC6 Software A SO4 155 ? 4  'BINDING SITE FOR RESIDUE SO4 A 155' 
# 
loop_
_struct_site_gen.id 
_struct_site_gen.site_id 
_struct_site_gen.pdbx_num_res 
_struct_site_gen.label_comp_id 
_struct_site_gen.label_asym_id 
_struct_site_gen.label_seq_id 
_struct_site_gen.pdbx_auth_ins_code 
_struct_site_gen.auth_comp_id 
_struct_site_gen.auth_asym_id 
_struct_site_gen.auth_seq_id 
_struct_site_gen.label_atom_id 
_struct_site_gen.label_alt_id 
_struct_site_gen.symmetry 
_struct_site_gen.details 
1  AC1 18 TYR A 22 ? TYR A 21   . ? 1_555 ? 
2  AC1 18 LYS A 25 ? LYS A 24   . ? 1_555 ? 
3  AC1 18 PHE A 26 ? PHE A 25   . ? 1_555 ? 
4  AC1 18 GLN A 45 ? GLN A 44   . ? 1_555 ? 
5  AC1 18 LYS A 48 ? LYS A 47   . ? 1_555 ? 
6  AC1 18 LEU A 66 ? LEU A 65   . ? 1_555 ? 
7  AC1 18 ARG A 69 ? ARG A 68   . ? 1_555 ? 
8  AC1 18 HIS A 70 ? HIS A 69   . ? 1_555 ? 
9  AC1 18 ARG A 73 ? ARG A 72   . ? 1_555 ? 
10 AC1 18 VAL A 75 ? VAL A 74   . ? 1_555 ? 
11 AC1 18 PHE A 80 ? PHE A 79   . ? 1_555 ? 
12 AC1 18 OXY C .  ? OXY A 150  . ? 1_555 ? 
13 AC1 18 SO4 D .  ? SO4 A 152  . ? 1_555 ? 
14 AC1 18 HOH H .  ? HOH A 2045 . ? 1_555 ? 
15 AC1 18 HOH H .  ? HOH A 2129 . ? 1_555 ? 
16 AC1 18 HOH H .  ? HOH A 2131 . ? 1_555 ? 
17 AC1 18 HOH H .  ? HOH A 2132 . ? 1_555 ? 
18 AC1 18 HOH H .  ? HOH A 2133 . ? 1_555 ? 
19 AC2 4  TYR A 12 ? TYR A 11   . ? 1_555 ? 
20 AC2 4  PHE A 26 ? PHE A 25   . ? 1_555 ? 
21 AC2 4  GLN A 45 ? GLN A 44   . ? 1_555 ? 
22 AC2 4  HEM B .  ? HEM A 144  . ? 1_555 ? 
23 AC3 11 MET A 1  ? MET A 0    . ? 3_645 ? 
24 AC3 11 VAL A 2  ? VAL A 1    . ? 3_645 ? 
25 AC3 11 TRP A 4  ? TRP A 3    . ? 3_645 ? 
26 AC3 11 ALA A 32 ? ALA A 31   . ? 4_465 ? 
27 AC3 11 ARG A 69 ? ARG A 68   . ? 1_555 ? 
28 AC3 11 HEM B .  ? HEM A 144  . ? 1_555 ? 
29 AC3 11 HOH H .  ? HOH A 2075 . ? 3_645 ? 
30 AC3 11 HOH H .  ? HOH A 2134 . ? 1_555 ? 
31 AC3 11 HOH H .  ? HOH A 2135 . ? 1_555 ? 
32 AC3 11 HOH H .  ? HOH A 2136 . ? 1_555 ? 
33 AC3 11 HOH H .  ? HOH A 2137 . ? 1_555 ? 
34 AC4 7  HIS A 19 ? HIS A 18   . ? 1_555 ? 
35 AC4 7  GLU A 21 ? GLU A 20   . ? 1_555 ? 
36 AC4 7  ALA A 40 ? ALA A 39   . ? 4_565 ? 
37 AC4 7  HOH H .  ? HOH A 2109 . ? 1_555 ? 
38 AC4 7  HOH H .  ? HOH A 2118 . ? 3_745 ? 
39 AC4 7  HOH H .  ? HOH A 2138 . ? 1_555 ? 
40 AC4 7  HOH H .  ? HOH A 2139 . ? 1_555 ? 
41 AC5 2  HIS A 81 ? HIS A 80   . ? 1_555 ? 
42 AC5 2  LYS A 84 ? LYS A 83   . ? 1_555 ? 
43 AC6 4  ASN A 3  ? ASN A 2    . ? 1_555 ? 
44 AC6 4  HIS A 94 ? HIS A 93   . ? 1_555 ? 
45 AC6 4  HOH H .  ? HOH A 2113 . ? 1_555 ? 
46 AC6 4  HOH H .  ? HOH A 2140 . ? 1_555 ? 
# 
_atom_sites.entry_id                    2XKG 
_atom_sites.fract_transf_matrix[1][1]   0.00402727 
_atom_sites.fract_transf_matrix[1][2]   -0.01937759 
_atom_sites.fract_transf_matrix[1][3]   -0.01257188 
_atom_sites.fract_transf_matrix[2][1]   -0.00876441 
_atom_sites.fract_transf_matrix[2][2]   0.01030319 
_atom_sites.fract_transf_matrix[2][3]   -0.01868835 
_atom_sites.fract_transf_matrix[3][1]   0.01529109 
_atom_sites.fract_transf_matrix[3][2]   0.00576754 
_atom_sites.fract_transf_matrix[3][3]   -0.00399143 
_atom_sites.fract_transf_vector[1]      0.730760 
_atom_sites.fract_transf_vector[2]      0.836257 
_atom_sites.fract_transf_vector[3]      0.184938 
# 
loop_
_atom_type.symbol 
C  
FE 
N  
O  
S  
# 
loop_
_atom_site.group_PDB 
_atom_site.id 
_atom_site.type_symbol 
_atom_site.label_atom_id 
_atom_site.label_alt_id 
_atom_site.label_comp_id 
_atom_site.label_asym_id 
_atom_site.label_entity_id 
_atom_site.label_seq_id 
_atom_site.pdbx_PDB_ins_code 
_atom_site.Cartn_x 
_atom_site.Cartn_y 
_atom_site.Cartn_z 
_atom_site.occupancy 
_atom_site.B_iso_or_equiv 
_atom_site.pdbx_formal_charge 
_atom_site.auth_seq_id 
_atom_site.auth_comp_id 
_atom_site.auth_asym_id 
_atom_site.auth_atom_id 
_atom_site.pdbx_PDB_model_num 
ATOM   1    N  N   . MET A 1 1   ? -4.664  13.023  -14.705 1.00 22.48 ? 0    MET A N   1 
ATOM   2    C  CA  . MET A 1 1   ? -3.689  12.628  -13.631 1.00 17.61 ? 0    MET A CA  1 
ATOM   3    C  C   . MET A 1 1   ? -3.720  11.106  -13.519 1.00 17.52 ? 0    MET A C   1 
ATOM   4    O  O   . MET A 1 1   ? -4.734  10.491  -13.898 1.00 18.86 ? 0    MET A O   1 
ATOM   5    C  CB  . MET A 1 1   ? -4.091  13.270  -12.297 1.00 20.42 ? 0    MET A CB  1 
ATOM   6    C  CG  . MET A 1 1   ? -4.039  14.786  -12.304 1.00 18.75 ? 0    MET A CG  1 
ATOM   7    S  SD  . MET A 1 1   ? -4.540  15.489  -10.707 1.00 28.02 ? 0    MET A SD  1 
ATOM   8    C  CE  . MET A 1 1   ? -6.226  14.956  -10.549 1.00 24.21 ? 0    MET A CE  1 
ATOM   9    N  N   . VAL A 1 2   ? -2.593  10.499  -13.103 1.00 12.42 ? 1    VAL A N   1 
ATOM   10   C  CA  . VAL A 1 2   ? -2.530  9.052   -12.833 1.00 9.39  ? 1    VAL A CA  1 
ATOM   11   C  C   . VAL A 1 2   ? -3.599  8.734   -11.805 1.00 7.28  ? 1    VAL A C   1 
ATOM   12   O  O   . VAL A 1 2   ? -3.762  9.455   -10.827 1.00 9.26  ? 1    VAL A O   1 
ATOM   13   C  CB  . VAL A 1 2   ? -1.176  8.600   -12.227 1.00 8.90  ? 1    VAL A CB  1 
ATOM   14   C  CG1 . VAL A 1 2   ? -1.209  7.105   -11.834 1.00 10.53 ? 1    VAL A CG1 1 
ATOM   15   C  CG2 . VAL A 1 2   ? -0.026  8.897   -13.208 1.00 13.73 ? 1    VAL A CG2 1 
ATOM   16   N  N   . ASN A 1 3   ? -4.344  7.659   -12.054 1.00 7.86  ? 2    ASN A N   1 
ATOM   17   C  CA  . ASN A 1 3   ? -5.445  7.308   -11.176 1.00 5.70  ? 2    ASN A CA  1 
ATOM   18   C  C   . ASN A 1 3   ? -4.957  6.485   -9.997  1.00 6.91  ? 2    ASN A C   1 
ATOM   19   O  O   . ASN A 1 3   ? -5.091  5.257   -9.976  1.00 6.55  ? 2    ASN A O   1 
ATOM   20   C  CB  . ASN A 1 3   ? -6.494  6.526   -11.999 1.00 8.80  ? 2    ASN A CB  1 
ATOM   21   C  CG  . ASN A 1 3   ? -7.767  6.262   -11.238 1.00 9.36  ? 2    ASN A CG  1 
ATOM   22   O  OD1 . ASN A 1 3   ? -7.868  6.531   -10.043 1.00 9.40  ? 2    ASN A OD1 1 
ATOM   23   N  ND2 . ASN A 1 3   ? -8.789  5.785   -11.955 1.00 12.34 ? 2    ASN A ND2 1 
ATOM   24   N  N   . TRP A 1 4   ? -4.276  7.154   -9.062  1.00 5.13  ? 3    TRP A N   1 
ATOM   25   C  CA  . TRP A 1 4   ? -3.641  6.427   -7.957  1.00 4.82  ? 3    TRP A CA  1 
ATOM   26   C  C   . TRP A 1 4   ? -4.674  5.706   -7.078  1.00 4.25  ? 3    TRP A C   1 
ATOM   27   O  O   . TRP A 1 4   ? -4.366  4.638   -6.517  1.00 5.85  ? 3    TRP A O   1 
ATOM   28   C  CB  . TRP A 1 4   ? -2.761  7.345   -7.083  1.00 5.51  ? 3    TRP A CB  1 
ATOM   29   C  CG  . TRP A 1 4   ? -1.519  7.747   -7.790  1.00 5.39  ? 3    TRP A CG  1 
ATOM   30   C  CD1 . TRP A 1 4   ? -1.137  9.033   -8.150  1.00 6.29  ? 3    TRP A CD1 1 
ATOM   31   C  CD2 . TRP A 1 4   ? -0.470  6.878   -8.223  1.00 5.32  ? 3    TRP A CD2 1 
ATOM   32   N  NE1 . TRP A 1 4   ? 0.075   8.984   -8.794  1.00 6.84  ? 3    TRP A NE1 1 
ATOM   33   C  CE2 . TRP A 1 4   ? 0.514   7.679   -8.840  1.00 5.34  ? 3    TRP A CE2 1 
ATOM   34   C  CE3 . TRP A 1 4   ? -0.275  5.481   -8.175  1.00 7.28  ? 3    TRP A CE3 1 
ATOM   35   C  CZ2 . TRP A 1 4   ? 1.668   7.136   -9.429  1.00 5.77  ? 3    TRP A CZ2 1 
ATOM   36   C  CZ3 . TRP A 1 4   ? 0.896   4.941   -8.747  1.00 8.25  ? 3    TRP A CZ3 1 
ATOM   37   C  CH2 . TRP A 1 4   ? 1.833   5.770   -9.395  1.00 5.67  ? 3    TRP A CH2 1 
ATOM   38   N  N   . ALA A 1 5   ? -5.897  6.231   -6.994  1.00 5.66  ? 4    ALA A N   1 
ATOM   39   C  CA  . ALA A 1 5   ? -6.935  5.545   -6.207  1.00 5.41  ? 4    ALA A CA  1 
ATOM   40   C  C   . ALA A 1 5   ? -7.213  4.157   -6.819  1.00 4.53  ? 4    ALA A C   1 
ATOM   41   O  O   . ALA A 1 5   ? -7.293  3.160   -6.099  1.00 6.20  ? 4    ALA A O   1 
ATOM   42   C  CB  . ALA A 1 5   ? -8.186  6.365   -6.139  1.00 5.63  ? 4    ALA A CB  1 
ATOM   43   N  N   . ALA A 1 6   ? -7.254  4.060   -8.143  1.00 5.84  ? 5    ALA A N   1 
ATOM   44   C  CA  . ALA A 1 6   ? -7.478  2.760   -8.766  1.00 6.11  ? 5    ALA A CA  1 
ATOM   45   C  C   . ALA A 1 6   ? -6.266  1.849   -8.644  1.00 5.07  ? 5    ALA A C   1 
ATOM   46   O  O   . ALA A 1 6   ? -6.393  0.644   -8.437  1.00 6.16  ? 5    ALA A O   1 
ATOM   47   C  CB  . ALA A 1 6   ? -7.864  2.931   -10.234 1.00 7.25  ? 5    ALA A CB  1 
ATOM   48   N  N   . VAL A 1 7   ? -5.075  2.426   -8.729  1.00 5.69  ? 6    VAL A N   1 
ATOM   49   C  CA  . VAL A 1 7   ? -3.859  1.666   -8.517  1.00 5.59  ? 6    VAL A CA  1 
ATOM   50   C  C   . VAL A 1 7   ? -3.862  1.078   -7.103  1.00 4.17  ? 6    VAL A C   1 
ATOM   51   O  O   . VAL A 1 7   ? -3.577  -0.091  -6.904  1.00 5.59  ? 6    VAL A O   1 
ATOM   52   C  CB  . VAL A 1 7   ? -2.601  2.556   -8.731  1.00 7.08  ? 6    VAL A CB  1 
ATOM   53   C  CG1 . VAL A 1 7   ? -1.331  1.800   -8.338  1.00 6.23  ? 6    VAL A CG1 1 
ATOM   54   C  CG2 . VAL A 1 7   ? -2.540  3.012   -10.222 1.00 8.27  ? 6    VAL A CG2 1 
ATOM   55   N  N   . VAL A 1 8   ? -4.201  1.904   -6.129  1.00 4.62  ? 7    VAL A N   1 
ATOM   56   C  CA  . VAL A 1 8   ? -4.175  1.461   -4.739  1.00 3.37  ? 7    VAL A CA  1 
ATOM   57   C  C   . VAL A 1 8   ? -5.233  0.367   -4.521  1.00 4.12  ? 7    VAL A C   1 
ATOM   58   O  O   . VAL A 1 8   ? -4.968  -0.621  -3.833  1.00 5.90  ? 7    VAL A O   1 
ATOM   59   C  CB  . VAL A 1 8   ? -4.317  2.663   -3.790  1.00 4.06  ? 7    VAL A CB  1 
ATOM   60   C  CG1 . VAL A 1 8   ? -4.743  2.236   -2.382  1.00 5.64  ? 7    VAL A CG1 1 
ATOM   61   C  CG2 . VAL A 1 8   ? -2.998  3.436   -3.706  1.00 4.99  ? 7    VAL A CG2 1 
ATOM   62   N  N   . ASP A 1 9   ? -6.401  0.489   -5.157  1.00 4.94  ? 8    ASP A N   1 
ATOM   63   C  CA  . ASP A 1 9   ? -7.377  -0.578  -5.028  1.00 5.44  ? 8    ASP A CA  1 
ATOM   64   C  C   . ASP A 1 9   ? -6.814  -1.896  -5.548  1.00 6.15  ? 8    ASP A C   1 
ATOM   65   O  O   . ASP A 1 9   ? -6.960  -2.963  -4.901  1.00 5.61  ? 8    ASP A O   1 
ATOM   66   C  CB  . ASP A 1 9   ? -8.674  -0.210  -5.728  1.00 4.31  ? 8    ASP A CB  1 
ATOM   67   C  CG  . ASP A 1 9   ? -9.455  0.894   -5.010  1.00 9.90  ? 8    ASP A CG  1 
ATOM   68   O  OD1 . ASP A 1 9   ? -9.349  1.045   -3.771  1.00 8.50  ? 8    ASP A OD1 1 
ATOM   69   O  OD2 . ASP A 1 9   ? -10.251 1.581   -5.691  1.00 11.55 ? 8    ASP A OD2 1 
ATOM   70   N  N   . ASP A 1 10  ? -6.156  -1.855  -6.702  1.00 6.73  ? 9    ASP A N   1 
ATOM   71   C  CA  . ASP A 1 10  ? -5.564  -3.079  -7.225  1.00 8.44  ? 9    ASP A CA  1 
ATOM   72   C  C   . ASP A 1 10  ? -4.400  -3.572  -6.368  1.00 7.06  ? 9    ASP A C   1 
ATOM   73   O  O   . ASP A 1 10  ? -4.244  -4.785  -6.154  1.00 7.05  ? 9    ASP A O   1 
ATOM   74   C  CB  . ASP A 1 10  ? -5.154  -2.884  -8.690  1.00 7.87  ? 9    ASP A CB  1 
ATOM   75   C  CG  . ASP A 1 10  ? -6.349  -2.906  -9.615  1.00 17.58 ? 9    ASP A CG  1 
ATOM   76   O  OD1 . ASP A 1 10  ? -7.390  -3.464  -9.204  1.00 25.30 ? 9    ASP A OD1 1 
ATOM   77   O  OD2 . ASP A 1 10  ? -6.226  -2.483  -10.777 1.00 20.34 ? 9    ASP A OD2 1 
ATOM   78   N  N   . PHE A 1 11  ? -3.666  -2.639  -5.752  1.00 4.36  ? 10   PHE A N   1 
ATOM   79   C  CA  . PHE A 1 11  ? -2.596  -3.017  -4.843  1.00 3.65  ? 10   PHE A CA  1 
ATOM   80   C  C   . PHE A 1 11  ? -3.133  -3.858  -3.681  1.00 4.91  ? 10   PHE A C   1 
ATOM   81   O  O   . PHE A 1 11  ? -2.577  -4.911  -3.333  1.00 4.42  ? 10   PHE A O   1 
ATOM   82   C  CB  . PHE A 1 11  ? -1.900  -1.754  -4.320  1.00 4.94  ? 10   PHE A CB  1 
ATOM   83   C  CG  . PHE A 1 11  ? -1.030  -1.993  -3.110  1.00 4.39  ? 10   PHE A CG  1 
ATOM   84   C  CD1 . PHE A 1 11  ? 0.212   -2.642  -3.225  1.00 5.78  ? 10   PHE A CD1 1 
ATOM   85   C  CD2 . PHE A 1 11  ? -1.449  -1.574  -1.860  1.00 8.45  ? 10   PHE A CD2 1 
ATOM   86   C  CE1 . PHE A 1 11  ? 0.998   -2.888  -2.084  1.00 7.10  ? 10   PHE A CE1 1 
ATOM   87   C  CE2 . PHE A 1 11  ? -0.657  -1.816  -0.727  1.00 9.86  ? 10   PHE A CE2 1 
ATOM   88   C  CZ  . PHE A 1 11  ? 0.553   -2.478  -0.847  1.00 6.53  ? 10   PHE A CZ  1 
ATOM   89   N  N   . TYR A 1 12  ? -4.203  -3.398  -3.053  1.00 4.56  ? 11   TYR A N   1 
ATOM   90   C  CA  . TYR A 1 12  ? -4.714  -4.121  -1.903  1.00 5.28  ? 11   TYR A CA  1 
ATOM   91   C  C   . TYR A 1 12  ? -5.323  -5.456  -2.349  1.00 5.11  ? 11   TYR A C   1 
ATOM   92   O  O   . TYR A 1 12  ? -5.234  -6.458  -1.626  1.00 4.97  ? 11   TYR A O   1 
ATOM   93   C  CB  . TYR A 1 12  ? -5.716  -3.269  -1.100  1.00 5.76  ? 11   TYR A CB  1 
ATOM   94   C  CG  . TYR A 1 12  ? -5.043  -2.278  -0.151  1.00 4.81  ? 11   TYR A CG  1 
ATOM   95   C  CD1 . TYR A 1 12  ? -4.179  -2.717  0.850   1.00 9.34  ? 11   TYR A CD1 1 
ATOM   96   C  CD2 . TYR A 1 12  ? -5.162  -0.888  -0.360  1.00 10.21 ? 11   TYR A CD2 1 
ATOM   97   C  CE1 . TYR A 1 12  ? -3.472  -1.807  1.665   1.00 12.13 ? 11   TYR A CE1 1 
ATOM   98   C  CE2 . TYR A 1 12  ? -4.526  0.019   0.484   1.00 8.77  ? 11   TYR A CE2 1 
ATOM   99   C  CZ  . TYR A 1 12  ? -3.645  -0.445  1.466   1.00 15.29 ? 11   TYR A CZ  1 
ATOM   100  O  OH  . TYR A 1 12  ? -2.869  0.405   2.232   1.00 16.77 ? 11   TYR A OH  1 
ATOM   101  N  N   . GLN A 1 13  ? -5.953  -5.483  -3.529  1.00 5.43  ? 12   GLN A N   1 
ATOM   102  C  CA  . GLN A 1 13  ? -6.450  -6.774  -4.037  1.00 6.03  ? 12   GLN A CA  1 
ATOM   103  C  C   . GLN A 1 13  ? -5.285  -7.758  -4.168  1.00 4.91  ? 12   GLN A C   1 
ATOM   104  O  O   . GLN A 1 13  ? -5.415  -8.931  -3.819  1.00 7.80  ? 12   GLN A O   1 
ATOM   105  C  CB  . GLN A 1 13  ? -7.155  -6.623  -5.382  1.00 5.51  ? 12   GLN A CB  1 
ATOM   106  C  CG  . GLN A 1 13  ? -8.464  -5.857  -5.309  1.00 5.89  ? 12   GLN A CG  1 
ATOM   107  C  CD  . GLN A 1 13  ? -9.496  -6.527  -4.453  1.00 8.98  ? 12   GLN A CD  1 
ATOM   108  O  OE1 . GLN A 1 13  ? -10.091 -5.885  -3.576  1.00 12.39 ? 12   GLN A OE1 1 
ATOM   109  N  NE2 . GLN A 1 13  ? -9.787  -7.788  -4.745  1.00 10.41 ? 12   GLN A NE2 1 
ATOM   110  N  N   . GLU A 1 14  ? -4.189  -7.325  -4.783  1.00 4.68  ? 13   GLU A N   1 
ATOM   111  C  CA  . GLU A 1 14  ? -3.017  -8.183  -4.934  1.00 5.03  ? 13   GLU A CA  1 
ATOM   112  C  C   . GLU A 1 14  ? -2.450  -8.597  -3.588  1.00 7.00  ? 13   GLU A C   1 
ATOM   113  O  O   . GLU A 1 14  ? -2.103  -9.759  -3.376  1.00 8.22  ? 13   GLU A O   1 
ATOM   114  C  CB  . GLU A 1 14  ? -1.930  -7.482  -5.757  1.00 7.44  ? 13   GLU A CB  1 
ATOM   115  C  CG  . GLU A 1 14  ? -2.338  -7.219  -7.202  1.00 8.46  ? 13   GLU A CG  1 
ATOM   116  C  CD  . GLU A 1 14  ? -2.429  -8.488  -8.058  1.00 17.71 ? 13   GLU A CD  1 
ATOM   117  O  OE1 . GLU A 1 14  ? -2.030  -9.567  -7.583  1.00 18.30 ? 13   GLU A OE1 1 
ATOM   118  O  OE2 . GLU A 1 14  ? -2.794  -8.358  -9.242  1.00 23.21 ? 13   GLU A OE2 1 
ATOM   119  N  N   . LEU A 1 15  ? -2.321  -7.626  -2.681  1.00 4.84  ? 14   LEU A N   1 
ATOM   120  C  CA  . LEU A 1 15  ? -1.685  -7.860  -1.392  1.00 4.85  ? 14   LEU A CA  1 
ATOM   121  C  C   . LEU A 1 15  ? -2.460  -8.872  -0.565  1.00 6.36  ? 14   LEU A C   1 
ATOM   122  O  O   . LEU A 1 15  ? -1.868  -9.807  -0.004  1.00 6.71  ? 14   LEU A O   1 
ATOM   123  C  CB  . LEU A 1 15  ? -1.572  -6.529  -0.637  1.00 4.96  ? 14   LEU A CB  1 
ATOM   124  C  CG  . LEU A 1 15  ? -0.798  -6.615  0.679   1.00 5.60  ? 14   LEU A CG  1 
ATOM   125  C  CD1 . LEU A 1 15  ? 0.694   -6.828  0.445   1.00 6.97  ? 14   LEU A CD1 1 
ATOM   126  C  CD2 . LEU A 1 15  ? -1.007  -5.355  1.509   1.00 7.33  ? 14   LEU A CD2 1 
ATOM   127  N  N   . PHE A 1 16  ? -3.776  -8.718  -0.500  1.00 6.32  ? 15   PHE A N   1 
ATOM   128  C  CA  . PHE A 1 16  ? -4.559  -9.603  0.343   1.00 5.56  ? 15   PHE A CA  1 
ATOM   129  C  C   . PHE A 1 16  ? -4.905  -10.915 -0.339  1.00 8.34  ? 15   PHE A C   1 
ATOM   130  O  O   . PHE A 1 16  ? -5.184  -11.897 0.366   1.00 9.31  ? 15   PHE A O   1 
ATOM   131  C  CB  . PHE A 1 16  ? -5.825  -8.902  0.830   1.00 6.50  ? 15   PHE A CB  1 
ATOM   132  C  CG  . PHE A 1 16  ? -5.543  -7.666  1.635   1.00 4.74  ? 15   PHE A CG  1 
ATOM   133  C  CD1 . PHE A 1 16  ? -4.544  -7.663  2.615   1.00 6.16  ? 15   PHE A CD1 1 
ATOM   134  C  CD2 . PHE A 1 16  ? -6.296  -6.497  1.447   1.00 6.30  ? 15   PHE A CD2 1 
ATOM   135  C  CE1 . PHE A 1 16  ? -4.316  -6.539  3.432   1.00 7.16  ? 15   PHE A CE1 1 
ATOM   136  C  CE2 . PHE A 1 16  ? -6.020  -5.350  2.182   1.00 5.97  ? 15   PHE A CE2 1 
ATOM   137  C  CZ  . PHE A 1 16  ? -5.048  -5.332  3.164   1.00 6.03  ? 15   PHE A CZ  1 
ATOM   138  N  N   . LYS A 1 17  ? -4.887  -10.948 -1.666  1.00 6.53  ? 16   LYS A N   1 
ATOM   139  C  CA  . LYS A 1 17  ? -4.959  -12.237 -2.382  1.00 7.64  ? 16   LYS A CA  1 
ATOM   140  C  C   . LYS A 1 17  ? -3.741  -13.099 -2.056  1.00 9.22  ? 16   LYS A C   1 
ATOM   141  O  O   . LYS A 1 17  ? -3.900  -14.274 -1.687  1.00 9.07  ? 16   LYS A O   1 
ATOM   142  C  CB  . LYS A 1 17  ? -5.060  -12.011 -3.883  1.00 9.36  ? 16   LYS A CB  1 
ATOM   143  C  CG  . LYS A 1 17  ? -5.015  -13.301 -4.687  1.00 17.01 ? 16   LYS A CG  1 
ATOM   144  C  CD  . LYS A 1 17  ? -5.314  -13.016 -6.130  1.00 26.71 ? 16   LYS A CD  1 
ATOM   145  C  CE  . LYS A 1 17  ? -4.040  -12.737 -6.895  1.00 34.28 ? 16   LYS A CE  1 
ATOM   146  N  NZ  . LYS A 1 17  ? -4.361  -12.140 -8.228  1.00 39.24 ? 16   LYS A NZ  1 
ATOM   147  N  N   . ALA A 1 18  ? -2.546  -12.506 -2.034  1.00 5.34  ? 17   ALA A N   1 
ATOM   148  C  CA  . ALA A 1 18  ? -1.333  -13.297 -1.794  1.00 5.86  ? 17   ALA A CA  1 
ATOM   149  C  C   . ALA A 1 18  ? -1.066  -13.525 -0.311  1.00 6.24  ? 17   ALA A C   1 
ATOM   150  O  O   . ALA A 1 18  ? -0.438  -14.518 0.065   1.00 8.53  ? 17   ALA A O   1 
ATOM   151  C  CB  . ALA A 1 18  ? -0.122  -12.603 -2.428  1.00 8.76  ? 17   ALA A CB  1 
ATOM   152  N  N   . HIS A 1 19  ? -1.530  -12.602 0.534   1.00 6.21  ? 18   HIS A N   1 
ATOM   153  C  CA  . HIS A 1 19  ? -1.228  -12.619 1.954   1.00 6.01  ? 18   HIS A CA  1 
ATOM   154  C  C   . HIS A 1 19  ? -2.476  -12.242 2.732   1.00 6.80  ? 18   HIS A C   1 
ATOM   155  O  O   . HIS A 1 19  ? -2.567  -11.141 3.286   1.00 6.24  ? 18   HIS A O   1 
ATOM   156  C  CB  . HIS A 1 19  ? -0.083  -11.646 2.273   1.00 7.75  ? 18   HIS A CB  1 
ATOM   157  C  CG  . HIS A 1 19  ? 1.118   -11.831 1.391   1.00 12.43 ? 18   HIS A CG  1 
ATOM   158  N  ND1 . HIS A 1 19  ? 2.050   -12.816 1.619   1.00 14.31 ? 18   HIS A ND1 1 
ATOM   159  C  CD2 . HIS A 1 19  ? 1.473   -11.236 0.227   1.00 15.55 ? 18   HIS A CD2 1 
ATOM   160  C  CE1 . HIS A 1 19  ? 2.932   -12.825 0.634   1.00 12.00 ? 18   HIS A CE1 1 
ATOM   161  N  NE2 . HIS A 1 19  ? 2.578   -11.907 -0.250  1.00 17.74 ? 18   HIS A NE2 1 
ATOM   162  N  N   . PRO A 1 20  ? -3.486  -13.121 2.721   1.00 7.11  ? 19   PRO A N   1 
ATOM   163  C  CA  . PRO A 1 20  ? -4.765  -12.785 3.317   1.00 8.11  ? 19   PRO A CA  1 
ATOM   164  C  C   . PRO A 1 20  ? -4.650  -12.400 4.784   1.00 6.63  ? 19   PRO A C   1 
ATOM   165  O  O   . PRO A 1 20  ? -5.458  -11.592 5.273   1.00 7.51  ? 19   PRO A O   1 
ATOM   166  C  CB  . PRO A 1 20  ? -5.585  -14.086 3.186   1.00 9.13  ? 19   PRO A CB  1 
ATOM   167  C  CG  . PRO A 1 20  ? -4.898  -14.872 2.110   1.00 7.70  ? 19   PRO A CG  1 
ATOM   168  C  CD  . PRO A 1 20  ? -3.447  -14.496 2.183   1.00 8.82  ? 19   PRO A CD  1 
ATOM   169  N  N   . GLU A 1 21  ? -3.679  -12.971 5.493   1.00 6.52  ? 20   GLU A N   1 
ATOM   170  C  CA  . GLU A 1 21  ? -3.557  -12.711 6.916   1.00 7.63  ? 20   GLU A CA  1 
ATOM   171  C  C   . GLU A 1 21  ? -3.148  -11.277 7.215   1.00 8.36  ? 20   GLU A C   1 
ATOM   172  O  O   . GLU A 1 21  ? -3.403  -10.782 8.324   1.00 9.41  ? 20   GLU A O   1 
ATOM   173  C  CB  . GLU A 1 21  ? -2.577  -13.719 7.557   1.00 9.97  ? 20   GLU A CB  1 
ATOM   174  C  CG  . GLU A 1 21  ? -1.099  -13.441 7.307   1.00 11.76 ? 20   GLU A CG  1 
ATOM   175  C  CD  . GLU A 1 21  ? -0.550  -13.898 5.939   1.00 18.62 ? 20   GLU A CD  1 
ATOM   176  O  OE1 . GLU A 1 21  ? -1.333  -14.333 5.043   1.00 14.21 ? 20   GLU A OE1 1 
ATOM   177  O  OE2 . GLU A 1 21  ? 0.704   -13.871 5.800   1.00 18.66 ? 20   GLU A OE2 1 
ATOM   178  N  N   . TYR A 1 22  ? -2.565  -10.587 6.225   1.00 5.12  ? 21   TYR A N   1 
ATOM   179  C  CA  . TYR A 1 22  ? -2.199  -9.182  6.423   1.00 6.84  ? 21   TYR A CA  1 
ATOM   180  C  C   . TYR A 1 22  ? -3.464  -8.376  6.704   1.00 5.18  ? 21   TYR A C   1 
ATOM   181  O  O   . TYR A 1 22  ? -3.425  -7.358  7.401   1.00 6.14  ? 21   TYR A O   1 
ATOM   182  C  CB  . TYR A 1 22  ? -1.524  -8.618  5.172   1.00 5.71  ? 21   TYR A CB  1 
ATOM   183  C  CG  . TYR A 1 22  ? -0.098  -9.050  4.942   1.00 5.86  ? 21   TYR A CG  1 
ATOM   184  C  CD1 . TYR A 1 22  ? 0.506   -10.037 5.715   1.00 7.27  ? 21   TYR A CD1 1 
ATOM   185  C  CD2 . TYR A 1 22  ? 0.625   -8.516  3.893   1.00 5.90  ? 21   TYR A CD2 1 
ATOM   186  C  CE1 . TYR A 1 22  ? 1.831   -10.435 5.436   1.00 8.19  ? 21   TYR A CE1 1 
ATOM   187  C  CE2 . TYR A 1 22  ? 1.883   -8.982  3.549   1.00 5.07  ? 21   TYR A CE2 1 
ATOM   188  C  CZ  . TYR A 1 22  ? 2.492   -9.922  4.352   1.00 9.02  ? 21   TYR A CZ  1 
ATOM   189  O  OH  . TYR A 1 22  ? 3.770   -10.353 4.010   1.00 9.26  ? 21   TYR A OH  1 
ATOM   190  N  N   . GLN A 1 23  ? -4.593  -8.802  6.143   1.00 6.68  ? 22   GLN A N   1 
ATOM   191  C  CA  . GLN A 1 23  ? -5.833  -8.029  6.292   1.00 5.02  ? 22   GLN A CA  1 
ATOM   192  C  C   . GLN A 1 23  ? -6.357  -8.029  7.733   1.00 6.52  ? 22   GLN A C   1 
ATOM   193  O  O   . GLN A 1 23  ? -7.026  -7.098  8.152   1.00 6.05  ? 22   GLN A O   1 
ATOM   194  C  CB  . GLN A 1 23  ? -6.909  -8.612  5.363   1.00 6.38  ? 22   GLN A CB  1 
ATOM   195  C  CG  . GLN A 1 23  ? -8.117  -7.724  5.197   1.00 5.46  ? 22   GLN A CG  1 
ATOM   196  C  CD  . GLN A 1 23  ? -9.154  -8.386  4.332   1.00 7.64  ? 22   GLN A CD  1 
ATOM   197  O  OE1 . GLN A 1 23  ? -8.808  -9.150  3.410   1.00 12.12 ? 22   GLN A OE1 1 
ATOM   198  N  NE2 . GLN A 1 23  ? -10.404 -8.011  4.525   1.00 6.37  ? 22   GLN A NE2 1 
ATOM   199  N  N   . ASN A 1 24  ? -5.924  -9.010  8.512   1.00 7.50  ? 23   ASN A N   1 
ATOM   200  C  CA  . ASN A 1 24  ? -6.352  -9.087  9.896   1.00 6.44  ? 23   ASN A CA  1 
ATOM   201  C  C   . ASN A 1 24  ? -5.863  -7.917  10.745  1.00 8.47  ? 23   ASN A C   1 
ATOM   202  O  O   . ASN A 1 24  ? -6.377  -7.681  11.858  1.00 10.08 ? 23   ASN A O   1 
ATOM   203  C  CB  . ASN A 1 24  ? -5.860  -10.405 10.494  1.00 6.49  ? 23   ASN A CB  1 
ATOM   204  C  CG  . ASN A 1 24  ? -6.532  -11.593 9.861   1.00 9.63  ? 23   ASN A CG  1 
ATOM   205  O  OD1 . ASN A 1 24  ? -7.654  -11.490 9.366   1.00 11.55 ? 23   ASN A OD1 1 
ATOM   206  N  ND2 . ASN A 1 24  ? -5.892  -12.743 9.952   1.00 16.51 ? 23   ASN A ND2 1 
ATOM   207  N  N   . LYS A 1 25  ? -4.839  -7.225  10.253  1.00 5.39  ? 24   LYS A N   1 
ATOM   208  C  CA  . LYS A 1 25  ? -4.273  -6.097  10.993  1.00 5.40  ? 24   LYS A CA  1 
ATOM   209  C  C   . LYS A 1 25  ? -5.009  -4.794  10.785  1.00 5.15  ? 24   LYS A C   1 
ATOM   210  O  O   . LYS A 1 25  ? -4.711  -3.800  11.457  1.00 7.18  ? 24   LYS A O   1 
ATOM   211  C  CB  . LYS A 1 25  ? -2.782  -5.910  10.687  1.00 5.41  ? 24   LYS A CB  1 
ATOM   212  C  CG  . LYS A 1 25  ? -1.954  -7.081  11.222  1.00 6.05  ? 24   LYS A CG  1 
ATOM   213  C  CD  . LYS A 1 25  ? -0.443  -6.822  11.087  1.00 6.99  ? 24   LYS A CD  1 
ATOM   214  C  CE  . LYS A 1 25  ? 0.319   -7.886  11.870  1.00 10.79 ? 24   LYS A CE  1 
ATOM   215  N  NZ  . LYS A 1 25  ? 1.795   -7.687  11.823  1.00 9.33  ? 24   LYS A NZ  1 
ATOM   216  N  N   . PHE A 1 26  ? -5.982  -4.802  9.884   1.00 5.85  ? 25   PHE A N   1 
ATOM   217  C  CA  . PHE A 1 26  ? -6.733  -3.617  9.536   1.00 4.83  ? 25   PHE A CA  1 
ATOM   218  C  C   . PHE A 1 26  ? -8.149  -3.609  10.081  1.00 6.93  ? 25   PHE A C   1 
ATOM   219  O  O   . PHE A 1 26  ? -8.672  -4.633  10.514  1.00 8.51  ? 25   PHE A O   1 
ATOM   220  C  CB  . PHE A 1 26  ? -6.814  -3.528  8.006   1.00 6.70  ? 25   PHE A CB  1 
ATOM   221  C  CG  . PHE A 1 26  ? -5.493  -3.245  7.358   1.00 4.52  ? 25   PHE A CG  1 
ATOM   222  C  CD1 . PHE A 1 26  ? -4.690  -4.282  6.928   1.00 6.65  ? 25   PHE A CD1 1 
ATOM   223  C  CD2 . PHE A 1 26  ? -5.056  -1.914  7.148   1.00 6.05  ? 25   PHE A CD2 1 
ATOM   224  C  CE1 . PHE A 1 26  ? -3.478  -4.025  6.245   1.00 6.38  ? 25   PHE A CE1 1 
ATOM   225  C  CE2 . PHE A 1 26  ? -3.890  -1.651  6.469   1.00 6.40  ? 25   PHE A CE2 1 
ATOM   226  C  CZ  . PHE A 1 26  ? -3.094  -2.707  5.991   1.00 6.39  ? 25   PHE A CZ  1 
ATOM   227  N  N   . GLY A 1 27  ? -8.778  -2.437  10.050  1.00 6.59  ? 26   GLY A N   1 
ATOM   228  C  CA  . GLY A 1 27  ? -10.137 -2.288  10.596  1.00 9.19  ? 26   GLY A CA  1 
ATOM   229  C  C   . GLY A 1 27  ? -11.194 -2.942  9.715   1.00 10.64 ? 26   GLY A C   1 
ATOM   230  O  O   . GLY A 1 27  ? -12.347 -3.118  10.129  1.00 12.27 ? 26   GLY A O   1 
ATOM   231  N  N   . PHE A 1 28  ? -10.778 -3.337  8.513   1.00 8.09  ? 27   PHE A N   1 
ATOM   232  C  CA  . PHE A 1 28  ? -11.625 -4.124  7.608   1.00 8.04  ? 27   PHE A CA  1 
ATOM   233  C  C   . PHE A 1 28  ? -11.272 -5.602  7.588   1.00 8.98  ? 27   PHE A C   1 
ATOM   234  O  O   . PHE A 1 28  ? -11.596 -6.323  6.640   1.00 7.66  ? 27   PHE A O   1 
ATOM   235  C  CB  . PHE A 1 28  ? -11.582 -3.536  6.191   1.00 7.41  ? 27   PHE A CB  1 
ATOM   236  C  CG  . PHE A 1 28  ? -10.194 -3.203  5.706   1.00 5.45  ? 27   PHE A CG  1 
ATOM   237  C  CD1 . PHE A 1 28  ? -9.431  -4.170  5.044   1.00 6.32  ? 27   PHE A CD1 1 
ATOM   238  C  CD2 . PHE A 1 28  ? -9.657  -1.930  5.874   1.00 4.37  ? 27   PHE A CD2 1 
ATOM   239  C  CE1 . PHE A 1 28  ? -8.144  -3.888  4.597   1.00 5.17  ? 27   PHE A CE1 1 
ATOM   240  C  CE2 . PHE A 1 28  ? -8.353  -1.632  5.439   1.00 4.71  ? 27   PHE A CE2 1 
ATOM   241  C  CZ  . PHE A 1 28  ? -7.616  -2.591  4.743   1.00 5.56  ? 27   PHE A CZ  1 
ATOM   242  N  N   . LYS A 1 29  ? -10.684 -6.079  8.678   1.00 7.89  ? 28   LYS A N   1 
ATOM   243  C  CA  . LYS A 1 29  ? -10.494 -7.517  8.891   1.00 7.14  ? 28   LYS A CA  1 
ATOM   244  C  C   . LYS A 1 29  ? -11.790 -8.309  8.618   1.00 8.21  ? 28   LYS A C   1 
ATOM   245  O  O   . LYS A 1 29  ? -12.898 -7.878  9.004   1.00 12.07 ? 28   LYS A O   1 
ATOM   246  C  CB  . LYS A 1 29  ? -10.028 -7.743  10.329  1.00 8.74  ? 28   LYS A CB  1 
ATOM   247  C  CG  . LYS A 1 29  ? -10.118 -9.185  10.758  1.00 11.98 ? 28   LYS A CG  1 
ATOM   248  C  CD  . LYS A 1 29  ? -9.651  -9.339  12.208  1.00 14.05 ? 28   LYS A CD  1 
ATOM   249  C  CE  . LYS A 1 29  ? -9.633  -10.803 12.596  1.00 18.34 ? 28   LYS A CE  1 
ATOM   250  N  NZ  . LYS A 1 29  ? -9.178  -10.961 14.017  1.00 22.94 ? 28   LYS A NZ  1 
ATOM   251  N  N   . GLY A 1 30  ? -11.642 -9.387  7.860   1.00 8.85  ? 29   GLY A N   1 
ATOM   252  C  CA  . GLY A 1 30  ? -12.756 -10.321 7.592   1.00 11.40 ? 29   GLY A CA  1 
ATOM   253  C  C   . GLY A 1 30  ? -13.675 -9.951  6.435   1.00 13.74 ? 29   GLY A C   1 
ATOM   254  O  O   . GLY A 1 30  ? -14.444 -10.781 5.939   1.00 14.41 ? 29   GLY A O   1 
ATOM   255  N  N   . VAL A 1 31  ? -13.513 -8.752  5.905   1.00 10.05 ? 30   VAL A N   1 
ATOM   256  C  CA  . VAL A 1 31  ? -14.349 -8.296  4.817   1.00 5.96  ? 30   VAL A CA  1 
ATOM   257  C  C   . VAL A 1 31  ? -13.927 -8.941  3.493   1.00 6.51  ? 30   VAL A C   1 
ATOM   258  O  O   . VAL A 1 31  ? -12.740 -9.002  3.140   1.00 7.03  ? 30   VAL A O   1 
ATOM   259  C  CB  . VAL A 1 31  ? -14.348 -6.763  4.699   1.00 6.94  ? 30   VAL A CB  1 
ATOM   260  C  CG1 . VAL A 1 31  ? -15.189 -6.294  3.499   1.00 8.65  ? 30   VAL A CG1 1 
ATOM   261  C  CG2 . VAL A 1 31  ? -14.852 -6.112  6.021   1.00 9.23  ? 30   VAL A CG2 1 
ATOM   262  N  N   . ALA A 1 32  ? -14.920 -9.438  2.749   1.00 6.54  ? 31   ALA A N   1 
ATOM   263  C  CA  . ALA A 1 32  ? -14.632 -10.028 1.454   1.00 5.48  ? 31   ALA A CA  1 
ATOM   264  C  C   . ALA A 1 32  ? -13.899 -9.059  0.537   1.00 4.86  ? 31   ALA A C   1 
ATOM   265  O  O   . ALA A 1 32  ? -14.184 -7.847  0.527   1.00 6.45  ? 31   ALA A O   1 
ATOM   266  C  CB  . ALA A 1 32  ? -15.928 -10.467 0.784   1.00 4.61  ? 31   ALA A CB  1 
ATOM   267  N  N   . LEU A 1 33  ? -12.921 -9.560  -0.200  1.00 6.27  ? 32   LEU A N   1 
ATOM   268  C  CA  . LEU A 1 33  ? -12.118 -8.642  -1.040  1.00 5.88  ? 32   LEU A CA  1 
ATOM   269  C  C   . LEU A 1 33  ? -12.965 -7.826  -2.012  1.00 6.01  ? 32   LEU A C   1 
ATOM   270  O  O   . LEU A 1 33  ? -12.692 -6.641  -2.253  1.00 7.54  ? 32   LEU A O   1 
ATOM   271  C  CB  . LEU A 1 33  ? -11.011 -9.381  -1.803  1.00 6.46  ? 32   LEU A CB  1 
ATOM   272  C  CG  . LEU A 1 33  ? -9.964  -10.047 -0.915  1.00 7.71  ? 32   LEU A CG  1 
ATOM   273  C  CD1 . LEU A 1 33  ? -8.840  -10.671 -1.802  1.00 13.11 ? 32   LEU A CD1 1 
ATOM   274  C  CD2 . LEU A 1 33  ? -9.385  -9.035  0.106   1.00 8.56  ? 32   LEU A CD2 1 
ATOM   275  N  N   . GLY A 1 34  ? -13.991 -8.454  -2.590  1.00 6.20  ? 33   GLY A N   1 
ATOM   276  C  CA  . GLY A 1 34  ? -14.838 -7.752  -3.556  1.00 5.34  ? 33   GLY A CA  1 
ATOM   277  C  C   . GLY A 1 34  ? -15.820 -6.790  -2.913  1.00 7.18  ? 33   GLY A C   1 
ATOM   278  O  O   . GLY A 1 34  ? -16.544 -6.090  -3.620  1.00 10.34 ? 33   GLY A O   1 
ATOM   279  N  N   . SER A 1 35  ? -15.760 -6.666  -1.585  1.00 6.16  ? 34   SER A N   1 
ATOM   280  C  CA  . SER A 1 35  ? -16.566 -5.680  -0.858  1.00 5.57  ? 34   SER A CA  1 
ATOM   281  C  C   . SER A 1 35  ? -15.771 -4.584  -0.189  1.00 8.16  ? 34   SER A C   1 
ATOM   282  O  O   . SER A 1 35  ? -16.344 -3.753  0.511   1.00 8.64  ? 34   SER A O   1 
ATOM   283  C  CB  . SER A 1 35  ? -17.450 -6.347  0.221   1.00 7.94  ? 34   SER A CB  1 
ATOM   284  O  OG  A SER A 1 35  ? -18.529 -7.019  -0.381  0.50 3.16  ? 34   SER A OG  1 
ATOM   285  O  OG  B SER A 1 35  ? -16.711 -7.195  1.063   0.50 13.67 ? 34   SER A OG  1 
ATOM   286  N  N   . LEU A 1 36  ? -14.444 -4.620  -0.310  1.00 5.67  ? 35   LEU A N   1 
ATOM   287  C  CA  . LEU A 1 36  ? -13.649 -3.595  0.357   1.00 6.12  ? 35   LEU A CA  1 
ATOM   288  C  C   . LEU A 1 36  ? -14.119 -2.194  -0.001  1.00 6.93  ? 35   LEU A C   1 
ATOM   289  O  O   . LEU A 1 36  ? -14.136 -1.325  0.860   1.00 5.97  ? 35   LEU A O   1 
ATOM   290  C  CB  . LEU A 1 36  ? -12.148 -3.758  0.077   1.00 5.87  ? 35   LEU A CB  1 
ATOM   291  C  CG  . LEU A 1 36  ? -11.577 -5.021  0.740   1.00 6.38  ? 35   LEU A CG  1 
ATOM   292  C  CD1 . LEU A 1 36  ? -10.164 -5.235  0.249   1.00 8.29  ? 35   LEU A CD1 1 
ATOM   293  C  CD2 . LEU A 1 36  ? -11.612 -4.922  2.293   1.00 10.96 ? 35   LEU A CD2 1 
ATOM   294  N  N   . LYS A 1 37  ? -14.446 -1.955  -1.267  1.00 7.34  ? 36   LYS A N   1 
ATOM   295  C  CA  . LYS A 1 37  ? -14.836 -0.604  -1.670  1.00 7.24  ? 36   LYS A CA  1 
ATOM   296  C  C   . LYS A 1 37  ? -16.095 -0.117  -0.953  1.00 7.85  ? 36   LYS A C   1 
ATOM   297  O  O   . LYS A 1 37  ? -16.336 1.096   -0.864  1.00 12.11 ? 36   LYS A O   1 
ATOM   298  C  CB  . LYS A 1 37  ? -15.043 -0.520  -3.201  1.00 12.59 ? 36   LYS A CB  1 
ATOM   299  C  CG  . LYS A 1 37  ? -13.754 -0.451  -3.986  1.00 19.62 ? 36   LYS A CG  1 
ATOM   300  C  CD  . LYS A 1 37  ? -14.075 -0.320  -5.486  1.00 26.57 ? 36   LYS A CD  1 
ATOM   301  C  CE  . LYS A 1 37  ? -12.851 -0.569  -6.357  1.00 33.12 ? 36   LYS A CE  1 
ATOM   302  N  NZ  . LYS A 1 37  ? -13.198 -0.475  -7.813  1.00 33.53 ? 36   LYS A NZ  1 
ATOM   303  N  N   . GLY A 1 38  ? -16.882 -1.049  -0.407  1.00 6.15  ? 37   GLY A N   1 
ATOM   304  C  CA  . GLY A 1 38  ? -18.066 -0.658  0.351   1.00 8.02  ? 37   GLY A CA  1 
ATOM   305  C  C   . GLY A 1 38  ? -17.860 -0.606  1.862   1.00 7.92  ? 37   GLY A C   1 
ATOM   306  O  O   . GLY A 1 38  ? -18.825 -0.493  2.626   1.00 8.78  ? 37   GLY A O   1 
ATOM   307  N  N   . ASN A 1 39  ? -16.605 -0.633  2.297   1.00 5.40  ? 38   ASN A N   1 
ATOM   308  C  CA  . ASN A 1 39  ? -16.301 -0.700  3.721   1.00 5.04  ? 38   ASN A CA  1 
ATOM   309  C  C   . ASN A 1 39  ? -15.610 0.600   4.162   1.00 5.37  ? 38   ASN A C   1 
ATOM   310  O  O   . ASN A 1 39  ? -14.657 1.071   3.522   1.00 4.69  ? 38   ASN A O   1 
ATOM   311  C  CB  . ASN A 1 39  ? -15.388 -1.902  3.986   1.00 6.21  ? 38   ASN A CB  1 
ATOM   312  C  CG  . ASN A 1 39  ? -14.892 -1.953  5.407   1.00 7.85  ? 38   ASN A CG  1 
ATOM   313  O  OD1 . ASN A 1 39  ? -13.928 -1.261  5.760   1.00 5.32  ? 38   ASN A OD1 1 
ATOM   314  N  ND2 . ASN A 1 39  ? -15.587 -2.734  6.262   1.00 9.74  ? 38   ASN A ND2 1 
ATOM   315  N  N   . ALA A 1 40  ? -16.179 1.231   5.186   1.00 6.47  ? 39   ALA A N   1 
ATOM   316  C  CA  . ALA A 1 40  ? -15.734 2.562   5.619   1.00 5.08  ? 39   ALA A CA  1 
ATOM   317  C  C   . ALA A 1 40  ? -14.295 2.551   6.114   1.00 5.69  ? 39   ALA A C   1 
ATOM   318  O  O   . ALA A 1 40  ? -13.523 3.471   5.818   1.00 6.12  ? 39   ALA A O   1 
ATOM   319  C  CB  . ALA A 1 40  ? -16.644 3.085   6.724   1.00 6.73  ? 39   ALA A CB  1 
ATOM   320  N  N   . ALA A 1 41  ? -13.920 1.518   6.852   1.00 5.55  ? 40   ALA A N   1 
ATOM   321  C  CA  . ALA A 1 41  ? -12.524 1.447   7.293   1.00 4.52  ? 40   ALA A CA  1 
ATOM   322  C  C   . ALA A 1 41  ? -11.566 1.369   6.091   1.00 4.32  ? 40   ALA A C   1 
ATOM   323  O  O   . ALA A 1 41  ? -10.492 1.996   6.081   1.00 7.06  ? 40   ALA A O   1 
ATOM   324  C  CB  . ALA A 1 41  ? -12.324 0.264   8.235   1.00 7.15  ? 40   ALA A CB  1 
ATOM   325  N  N   . TYR A 1 42  ? -11.930 0.588   5.079   1.00 4.70  ? 41   TYR A N   1 
ATOM   326  C  CA  . TYR A 1 42  ? -11.093 0.488   3.898   1.00 4.64  ? 41   TYR A CA  1 
ATOM   327  C  C   . TYR A 1 42  ? -11.021 1.815   3.148   1.00 5.77  ? 41   TYR A C   1 
ATOM   328  O  O   . TYR A 1 42  ? -9.938  2.236   2.677   1.00 5.21  ? 41   TYR A O   1 
ATOM   329  C  CB  . TYR A 1 42  ? -11.643 -0.592  2.957   1.00 3.67  ? 41   TYR A CB  1 
ATOM   330  C  CG  . TYR A 1 42  ? -10.877 -0.666  1.665   1.00 2.81  ? 41   TYR A CG  1 
ATOM   331  C  CD1 . TYR A 1 42  ? -9.629  -1.296  1.609   1.00 4.79  ? 41   TYR A CD1 1 
ATOM   332  C  CD2 . TYR A 1 42  ? -11.342 0.028   0.532   1.00 4.58  ? 41   TYR A CD2 1 
ATOM   333  C  CE1 . TYR A 1 42  ? -8.886  -1.313  0.425   1.00 6.18  ? 41   TYR A CE1 1 
ATOM   334  C  CE2 . TYR A 1 42  ? -10.610 0.010   -0.655  1.00 4.28  ? 41   TYR A CE2 1 
ATOM   335  C  CZ  . TYR A 1 42  ? -9.363  -0.635  -0.662  1.00 5.23  ? 41   TYR A CZ  1 
ATOM   336  O  OH  . TYR A 1 42  ? -8.581  -0.626  -1.799  1.00 8.03  ? 41   TYR A OH  1 
ATOM   337  N  N   . LYS A 1 43  ? -12.166 2.475   3.000   1.00 4.64  ? 42   LYS A N   1 
ATOM   338  C  CA  . LYS A 1 43  ? -12.177 3.750   2.272   1.00 5.32  ? 42   LYS A CA  1 
ATOM   339  C  C   . LYS A 1 43  ? -11.195 4.743   2.892   1.00 7.81  ? 42   LYS A C   1 
ATOM   340  O  O   . LYS A 1 43  ? -10.364 5.325   2.184   1.00 7.48  ? 42   LYS A O   1 
ATOM   341  C  CB  . LYS A 1 43  ? -13.595 4.332   2.247   1.00 8.19  ? 42   LYS A CB  1 
ATOM   342  C  CG  . LYS A 1 43  ? -14.523 3.586   1.315   1.00 18.85 ? 42   LYS A CG  1 
ATOM   343  C  CD  . LYS A 1 43  ? -15.961 4.110   1.394   1.00 24.37 ? 42   LYS A CD  1 
ATOM   344  C  CE  . LYS A 1 43  ? -16.906 3.194   0.615   1.00 31.33 ? 42   LYS A CE  1 
ATOM   345  N  NZ  . LYS A 1 43  ? -18.349 3.541   0.753   1.00 28.34 ? 42   LYS A NZ  1 
ATOM   346  N  N   . THR A 1 44  ? -11.187 4.821   4.228   1.00 5.70  ? 43   THR A N   1 
ATOM   347  C  CA  . THR A 1 44  ? -10.232 5.705   4.918   1.00 4.44  ? 43   THR A CA  1 
ATOM   348  C  C   . THR A 1 44  ? -8.790  5.264   4.718   1.00 6.53  ? 43   THR A C   1 
ATOM   349  O  O   . THR A 1 44  ? -7.921  6.099   4.398   1.00 6.79  ? 43   THR A O   1 
ATOM   350  C  CB  . THR A 1 44  ? -10.560 5.782   6.407   1.00 7.36  ? 43   THR A CB  1 
ATOM   351  O  OG1 . THR A 1 44  ? -11.787 6.501   6.544   1.00 11.32 ? 43   THR A OG1 1 
ATOM   352  C  CG2 . THR A 1 44  ? -9.471  6.509   7.152   1.00 8.85  ? 43   THR A CG2 1 
ATOM   353  N  N   . GLN A 1 45  ? -8.517  3.961   4.851   1.00 5.14  ? 44   GLN A N   1 
ATOM   354  C  CA  . GLN A 1 45  ? -7.144  3.474   4.717   1.00 4.86  ? 44   GLN A CA  1 
ATOM   355  C  C   . GLN A 1 45  ? -6.596  3.639   3.296   1.00 5.31  ? 44   GLN A C   1 
ATOM   356  O  O   . GLN A 1 45  ? -5.489  4.150   3.104   1.00 6.27  ? 44   GLN A O   1 
ATOM   357  C  CB  . GLN A 1 45  ? -7.043  2.008   5.148   1.00 7.28  ? 44   GLN A CB  1 
ATOM   358  C  CG  . GLN A 1 45  ? -5.690  1.372   4.883   1.00 9.63  ? 44   GLN A CG  1 
ATOM   359  C  CD  . GLN A 1 45  ? -4.553  1.985   5.700   1.00 12.63 ? 44   GLN A CD  1 
ATOM   360  O  OE1 . GLN A 1 45  ? -4.769  2.510   6.806   1.00 13.16 ? 44   GLN A OE1 1 
ATOM   361  N  NE2 . GLN A 1 45  ? -3.361  2.038   5.092   1.00 13.32 ? 44   GLN A NE2 1 
ATOM   362  N  N   . ALA A 1 46  ? -7.405  3.284   2.300   1.00 3.87  ? 45   ALA A N   1 
ATOM   363  C  CA  . ALA A 1 46  ? -6.975  3.470   0.922   1.00 4.13  ? 45   ALA A CA  1 
ATOM   364  C  C   . ALA A 1 46  ? -6.713  4.937   0.592   1.00 5.59  ? 45   ALA A C   1 
ATOM   365  O  O   . ALA A 1 46  ? -5.753  5.246   -0.120  1.00 5.75  ? 45   ALA A O   1 
ATOM   366  C  CB  . ALA A 1 46  ? -8.012  2.892   -0.043  1.00 6.66  ? 45   ALA A CB  1 
ATOM   367  N  N   . GLY A 1 47  ? -7.530  5.844   1.135   1.00 3.36  ? 46   GLY A N   1 
ATOM   368  C  CA  . GLY A 1 47  ? -7.260  7.276   0.950   1.00 4.85  ? 46   GLY A CA  1 
ATOM   369  C  C   . GLY A 1 47  ? -5.921  7.708   1.534   1.00 4.43  ? 46   GLY A C   1 
ATOM   370  O  O   . GLY A 1 47  ? -5.221  8.523   0.940   1.00 6.74  ? 46   GLY A O   1 
ATOM   371  N  N   . LYS A 1 48  ? -5.574  7.173   2.707   1.00 4.27  ? 47   LYS A N   1 
ATOM   372  C  CA  . LYS A 1 48  ? -4.287  7.460   3.317   1.00 3.42  ? 47   LYS A CA  1 
ATOM   373  C  C   . LYS A 1 48  ? -3.130  6.950   2.459   1.00 2.96  ? 47   LYS A C   1 
ATOM   374  O  O   . LYS A 1 48  ? -2.067  7.583   2.373   1.00 5.22  ? 47   LYS A O   1 
ATOM   375  C  CB  . LYS A 1 48  ? -4.213  6.876   4.732   1.00 5.74  ? 47   LYS A CB  1 
ATOM   376  C  CG  . LYS A 1 48  ? -5.099  7.582   5.729   1.00 8.86  ? 47   LYS A CG  1 
ATOM   377  C  CD  . LYS A 1 48  ? -4.825  7.053   7.124   1.00 11.85 ? 47   LYS A CD  1 
ATOM   378  C  CE  . LYS A 1 48  ? -5.614  7.820   8.165   1.00 24.27 ? 47   LYS A CE  1 
ATOM   379  N  NZ  . LYS A 1 48  ? -5.077  7.534   9.527   1.00 30.60 ? 47   LYS A NZ  1 
ATOM   380  N  N   . THR A 1 49  ? -3.305  5.752   1.909   1.00 3.65  ? 48   THR A N   1 
ATOM   381  C  CA  . THR A 1 49  ? -2.281  5.175   1.052   1.00 4.67  ? 48   THR A CA  1 
ATOM   382  C  C   . THR A 1 49  ? -2.078  6.024   -0.196  1.00 4.36  ? 48   THR A C   1 
ATOM   383  O  O   . THR A 1 49  ? -0.940  6.292   -0.571  1.00 4.54  ? 48   THR A O   1 
ATOM   384  C  CB  . THR A 1 49  ? -2.635  3.722   0.714   1.00 4.77  ? 48   THR A CB  1 
ATOM   385  O  OG1 . THR A 1 49  ? -2.754  3.004   1.956   1.00 7.69  ? 48   THR A OG1 1 
ATOM   386  C  CG2 . THR A 1 49  ? -1.531  3.032   -0.086  1.00 4.51  ? 48   THR A CG2 1 
ATOM   387  N  N   . VAL A 1 50  ? -3.187  6.387   -0.843  1.00 3.05  ? 49   VAL A N   1 
ATOM   388  C  CA  . VAL A 1 50  ? -3.117  7.306   -1.975  1.00 4.48  ? 49   VAL A CA  1 
ATOM   389  C  C   . VAL A 1 50  ? -2.411  8.610   -1.571  1.00 3.55  ? 49   VAL A C   1 
ATOM   390  O  O   . VAL A 1 50  ? -1.522  9.070   -2.286  1.00 3.94  ? 49   VAL A O   1 
ATOM   391  C  CB  . VAL A 1 50  ? -4.524  7.629   -2.496  1.00 3.74  ? 49   VAL A CB  1 
ATOM   392  C  CG1 . VAL A 1 50  ? -4.481  8.819   -3.498  1.00 5.86  ? 49   VAL A CG1 1 
ATOM   393  C  CG2 . VAL A 1 50  ? -5.170  6.385   -3.177  1.00 4.25  ? 49   VAL A CG2 1 
ATOM   394  N  N   . ASP A 1 51  ? -2.788  9.181   -0.414  1.00 4.90  ? 50   ASP A N   1 
ATOM   395  C  CA  . ASP A 1 51  ? -2.109  10.387  0.038   1.00 3.75  ? 50   ASP A CA  1 
ATOM   396  C  C   . ASP A 1 51  ? -0.605  10.212  0.224   1.00 3.96  ? 50   ASP A C   1 
ATOM   397  O  O   . ASP A 1 51  ? 0.201   11.058  -0.185  1.00 5.34  ? 50   ASP A O   1 
ATOM   398  C  CB  . ASP A 1 51  ? -2.706  10.884  1.354   1.00 4.32  ? 50   ASP A CB  1 
ATOM   399  C  CG  . ASP A 1 51  ? -4.103  11.427  1.221   1.00 8.53  ? 50   ASP A CG  1 
ATOM   400  O  OD1 . ASP A 1 51  ? -4.552  11.766  0.101   1.00 8.73  ? 50   ASP A OD1 1 
ATOM   401  O  OD2 . ASP A 1 51  ? -4.742  11.589  2.296   1.00 10.55 ? 50   ASP A OD2 1 
ATOM   402  N  N   . TYR A 1 52  ? -0.199  9.058   0.740   1.00 3.20  ? 51   TYR A N   1 
ATOM   403  C  CA  . TYR A 1 52  ? 1.225   8.817   0.921   1.00 4.01  ? 51   TYR A CA  1 
ATOM   404  C  C   . TYR A 1 52  ? 1.979   8.704   -0.401  1.00 4.55  ? 51   TYR A C   1 
ATOM   405  O  O   . TYR A 1 52  ? 3.049   9.280   -0.591  1.00 5.29  ? 51   TYR A O   1 
ATOM   406  C  CB  . TYR A 1 52  ? 1.462   7.576   1.789   1.00 5.00  ? 51   TYR A CB  1 
ATOM   407  C  CG  . TYR A 1 52  ? 2.927   7.378   2.067   1.00 4.25  ? 51   TYR A CG  1 
ATOM   408  C  CD1 . TYR A 1 52  ? 3.519   8.046   3.129   1.00 4.76  ? 51   TYR A CD1 1 
ATOM   409  C  CD2 . TYR A 1 52  ? 3.764   6.666   1.155   1.00 3.46  ? 51   TYR A CD2 1 
ATOM   410  C  CE1 . TYR A 1 52  ? 4.901   8.005   3.325   1.00 7.08  ? 51   TYR A CE1 1 
ATOM   411  C  CE2 . TYR A 1 52  ? 5.138   6.571   1.370   1.00 4.39  ? 51   TYR A CE2 1 
ATOM   412  C  CZ  . TYR A 1 52  ? 5.702   7.292   2.417   1.00 6.62  ? 51   TYR A CZ  1 
ATOM   413  O  OH  . TYR A 1 52  ? 7.066   7.198   2.586   1.00 7.36  ? 51   TYR A OH  1 
ATOM   414  N  N   . ILE A 1 53  ? 1.354   8.045   -1.374  1.00 2.79  ? 52   ILE A N   1 
ATOM   415  C  CA  . ILE A 1 53  ? 1.937   7.961   -2.706  1.00 5.05  ? 52   ILE A CA  1 
ATOM   416  C  C   . ILE A 1 53  ? 2.098   9.349   -3.337  1.00 4.78  ? 52   ILE A C   1 
ATOM   417  O  O   . ILE A 1 53  ? 3.185   9.685   -3.800  1.00 5.08  ? 52   ILE A O   1 
ATOM   418  C  CB  . ILE A 1 53  ? 1.076   7.061   -3.574  1.00 4.29  ? 52   ILE A CB  1 
ATOM   419  C  CG1 . ILE A 1 53  ? 1.284   5.621   -3.114  1.00 4.34  ? 52   ILE A CG1 1 
ATOM   420  C  CG2 . ILE A 1 53  ? 1.453   7.226   -5.059  1.00 6.11  ? 52   ILE A CG2 1 
ATOM   421  C  CD1 . ILE A 1 53  ? 0.233   4.660   -3.653  1.00 7.78  ? 52   ILE A CD1 1 
ATOM   422  N  N   . ASN A 1 54  ? 1.090   10.195  -3.174  1.00 4.40  ? 53   ASN A N   1 
ATOM   423  C  CA  . ASN A 1 54  ? 1.195   11.541  -3.743  1.00 2.68  ? 53   ASN A CA  1 
ATOM   424  C  C   . ASN A 1 54  ? 2.252   12.348  -2.978  1.00 3.81  ? 53   ASN A C   1 
ATOM   425  O  O   . ASN A 1 54  ? 2.932   13.211  -3.549  1.00 5.81  ? 53   ASN A O   1 
ATOM   426  C  CB  . ASN A 1 54  ? -0.174  12.250  -3.758  1.00 3.19  ? 53   ASN A CB  1 
ATOM   427  C  CG  . ASN A 1 54  ? -1.104  11.721  -4.841  1.00 5.67  ? 53   ASN A CG  1 
ATOM   428  O  OD1 . ASN A 1 54  ? -2.315  11.550  -4.621  1.00 6.94  ? 53   ASN A OD1 1 
ATOM   429  N  ND2 . ASN A 1 54  ? -0.569  11.508  -6.015  1.00 3.45  ? 53   ASN A ND2 1 
ATOM   430  N  N   . ALA A 1 55  ? 2.400   12.084  -1.680  1.00 4.74  ? 54   ALA A N   1 
ATOM   431  C  CA  . ALA A 1 55  ? 3.451   12.760  -0.921  1.00 4.77  ? 54   ALA A CA  1 
ATOM   432  C  C   . ALA A 1 55  ? 4.844   12.284  -1.305  1.00 4.91  ? 54   ALA A C   1 
ATOM   433  O  O   . ALA A 1 55  ? 5.787   13.072  -1.385  1.00 6.34  ? 54   ALA A O   1 
ATOM   434  C  CB  . ALA A 1 55  ? 3.201   12.554  0.595   1.00 6.23  ? 54   ALA A CB  1 
ATOM   435  N  N   . ALA A 1 56  ? 4.996   10.978  -1.533  1.00 3.85  ? 55   ALA A N   1 
ATOM   436  C  CA  . ALA A 1 56  ? 6.281   10.456  -1.982  1.00 3.34  ? 55   ALA A CA  1 
ATOM   437  C  C   . ALA A 1 56  ? 6.685   11.027  -3.351  1.00 5.75  ? 55   ALA A C   1 
ATOM   438  O  O   . ALA A 1 56  ? 7.821   11.520  -3.533  1.00 6.73  ? 55   ALA A O   1 
ATOM   439  C  CB  . ALA A 1 56  ? 6.224   8.929   -2.029  1.00 4.86  ? 55   ALA A CB  1 
ATOM   440  N  N   . ILE A 1 57  ? 5.723   11.091  -4.264  1.00 5.37  ? 56   ILE A N   1 
ATOM   441  C  CA  . ILE A 1 57  ? 5.987   11.664  -5.584  1.00 4.28  ? 56   ILE A CA  1 
ATOM   442  C  C   . ILE A 1 57  ? 6.224   13.183  -5.500  1.00 6.51  ? 56   ILE A C   1 
ATOM   443  O  O   . ILE A 1 57  ? 7.089   13.721  -6.184  1.00 7.82  ? 56   ILE A O   1 
ATOM   444  C  CB  . ILE A 1 57  ? 4.809   11.326  -6.540  1.00 4.26  ? 56   ILE A CB  1 
ATOM   445  C  CG1 . ILE A 1 57  ? 4.761   9.815   -6.750  1.00 6.38  ? 56   ILE A CG1 1 
ATOM   446  C  CG2 . ILE A 1 57  ? 4.948   12.085  -7.905  1.00 5.34  ? 56   ILE A CG2 1 
ATOM   447  C  CD1 . ILE A 1 57  ? 3.448   9.338   -7.377  1.00 6.43  ? 56   ILE A CD1 1 
ATOM   448  N  N   . GLY A 1 58  ? 5.513   13.850  -4.604  1.00 5.34  ? 57   GLY A N   1 
ATOM   449  C  CA  . GLY A 1 58  ? 5.619   15.303  -4.438  1.00 7.43  ? 57   GLY A CA  1 
ATOM   450  C  C   . GLY A 1 58  ? 6.830   15.746  -3.633  1.00 10.61 ? 57   GLY A C   1 
ATOM   451  O  O   . GLY A 1 58  ? 7.192   16.942  -3.635  1.00 12.60 ? 57   GLY A O   1 
ATOM   452  N  N   . GLY A 1 59  ? 7.454   14.803  -2.936  1.00 8.53  ? 58   GLY A N   1 
ATOM   453  C  CA  . GLY A 1 59  ? 8.751   15.038  -2.278  1.00 12.19 ? 58   GLY A CA  1 
ATOM   454  C  C   . GLY A 1 59  ? 8.648   15.309  -0.787  1.00 13.73 ? 58   GLY A C   1 
ATOM   455  O  O   . GLY A 1 59  ? 9.642   15.686  -0.166  1.00 17.95 ? 58   GLY A O   1 
ATOM   456  N  N   . SER A 1 60  ? 7.456   15.176  -0.214  1.00 13.33 ? 59   SER A N   1 
ATOM   457  C  CA  . SER A 1 60  ? 7.264   15.511  1.204   1.00 13.16 ? 59   SER A CA  1 
ATOM   458  C  C   . SER A 1 60  ? 7.132   14.295  2.121   1.00 14.26 ? 59   SER A C   1 
ATOM   459  O  O   . SER A 1 60  ? 6.944   14.455  3.338   1.00 14.57 ? 59   SER A O   1 
ATOM   460  C  CB  . SER A 1 60  ? 6.022   16.350  1.396   1.00 15.15 ? 59   SER A CB  1 
ATOM   461  O  OG  . SER A 1 60  ? 4.888   15.560  1.144   1.00 16.87 ? 59   SER A OG  1 
ATOM   462  N  N   . ALA A 1 61  ? 7.133   13.104  1.542   1.00 9.01  ? 60   ALA A N   1 
ATOM   463  C  CA  . ALA A 1 61  ? 6.834   11.896  2.305   1.00 10.19 ? 60   ALA A CA  1 
ATOM   464  C  C   . ALA A 1 61  ? 7.865   11.702  3.396   1.00 9.94  ? 60   ALA A C   1 
ATOM   465  O  O   . ALA A 1 61  ? 9.066   11.870  3.171   1.00 13.33 ? 60   ALA A O   1 
ATOM   466  C  CB  . ALA A 1 61  ? 6.820   10.669  1.378   1.00 7.05  ? 60   ALA A CB  1 
ATOM   467  N  N   . ASP A 1 62  ? 7.392   11.286  4.565   1.00 8.75  ? 61   ASP A N   1 
ATOM   468  C  CA  . ASP A 1 62  ? 8.259   10.937  5.681   1.00 9.72  ? 61   ASP A CA  1 
ATOM   469  C  C   . ASP A 1 62  ? 8.400   9.409   5.766   1.00 7.94  ? 61   ASP A C   1 
ATOM   470  O  O   . ASP A 1 62  ? 7.621   8.743   6.455   1.00 8.69  ? 61   ASP A O   1 
ATOM   471  C  CB  . ASP A 1 62  ? 7.640   11.502  6.950   1.00 11.53 ? 61   ASP A CB  1 
ATOM   472  C  CG  . ASP A 1 62  ? 8.387   11.092  8.216   1.00 17.08 ? 61   ASP A CG  1 
ATOM   473  O  OD1 . ASP A 1 62  ? 9.566   10.694  8.119   1.00 17.07 ? 61   ASP A OD1 1 
ATOM   474  O  OD2 . ASP A 1 62  ? 7.774   11.275  9.288   1.00 26.86 ? 61   ASP A OD2 1 
ATOM   475  N  N   . ALA A 1 63  ? 9.285   8.861   4.935   1.00 8.86  ? 62   ALA A N   1 
ATOM   476  C  CA  . ALA A 1 63  ? 9.452   7.402   4.847   1.00 7.37  ? 62   ALA A CA  1 
ATOM   477  C  C   . ALA A 1 63  ? 9.916   6.818   6.186   1.00 8.36  ? 62   ALA A C   1 
ATOM   478  O  O   . ALA A 1 63  ? 9.526   5.713   6.565   1.00 8.83  ? 62   ALA A O   1 
ATOM   479  C  CB  . ALA A 1 63  ? 10.429  7.034   3.727   1.00 11.02 ? 62   ALA A CB  1 
ATOM   480  N  N   . ALA A 1 64  ? 10.754  7.553   6.919   1.00 7.54  ? 63   ALA A N   1 
ATOM   481  C  CA  . ALA A 1 64  ? 11.160  7.037   8.227   1.00 10.62 ? 63   ALA A CA  1 
ATOM   482  C  C   . ALA A 1 64  ? 9.987   6.935   9.193   1.00 7.27  ? 63   ALA A C   1 
ATOM   483  O  O   . ALA A 1 64  ? 9.836   5.926   9.910   1.00 7.97  ? 63   ALA A O   1 
ATOM   484  C  CB  . ALA A 1 64  ? 12.259  7.901   8.811   1.00 10.40 ? 63   ALA A CB  1 
ATOM   485  N  N   . GLY A 1 65  ? 9.104   7.921   9.150   1.00 7.52  ? 64   GLY A N   1 
ATOM   486  C  CA  . GLY A 1 65  ? 7.932   7.941   10.029  1.00 7.17  ? 64   GLY A CA  1 
ATOM   487  C  C   . GLY A 1 65  ? 6.935   6.861   9.647   1.00 5.37  ? 64   GLY A C   1 
ATOM   488  O  O   . GLY A 1 65  ? 6.348   6.215   10.508  1.00 7.76  ? 64   GLY A O   1 
ATOM   489  N  N   . LEU A 1 66  ? 6.807   6.607   8.342   1.00 6.82  ? 65   LEU A N   1 
ATOM   490  C  CA  . LEU A 1 66  ? 5.908   5.544   7.892   1.00 5.59  ? 65   LEU A CA  1 
ATOM   491  C  C   . LEU A 1 66  ? 6.458   4.197   8.278   1.00 5.66  ? 65   LEU A C   1 
ATOM   492  O  O   . LEU A 1 66  ? 5.707   3.333   8.729   1.00 5.63  ? 65   LEU A O   1 
ATOM   493  C  CB  . LEU A 1 66  ? 5.685   5.615   6.374   1.00 5.19  ? 65   LEU A CB  1 
ATOM   494  C  CG  . LEU A 1 66  ? 4.485   4.736   5.950   1.00 6.34  ? 65   LEU A CG  1 
ATOM   495  C  CD1 . LEU A 1 66  ? 3.160   5.292   6.408   1.00 9.36  ? 65   LEU A CD1 1 
ATOM   496  C  CD2 . LEU A 1 66  ? 4.470   4.484   4.442   1.00 7.94  ? 65   LEU A CD2 1 
ATOM   497  N  N   . ALA A 1 67  ? 7.765   4.005   8.105   1.00 5.05  ? 66   ALA A N   1 
ATOM   498  C  CA  . ALA A 1 67  ? 8.373   2.728   8.505   1.00 4.74  ? 66   ALA A CA  1 
ATOM   499  C  C   . ALA A 1 67  ? 8.193   2.501   9.999   1.00 5.07  ? 66   ALA A C   1 
ATOM   500  O  O   . ALA A 1 67  ? 7.807   1.414   10.414  1.00 6.26  ? 66   ALA A O   1 
ATOM   501  C  CB  . ALA A 1 67  ? 9.877   2.738   8.169   1.00 7.39  ? 66   ALA A CB  1 
ATOM   502  N  N   . SER A 1 68  ? 8.438   3.535   10.797  1.00 5.46  ? 67   SER A N   1 
ATOM   503  C  CA  . SER A 1 68  ? 8.333   3.353   12.257  1.00 4.57  ? 67   SER A CA  1 
ATOM   504  C  C   . SER A 1 68  ? 6.892   2.982   12.642  1.00 5.30  ? 67   SER A C   1 
ATOM   505  O  O   . SER A 1 68  ? 6.635   2.151   13.524  1.00 7.20  ? 67   SER A O   1 
ATOM   506  C  CB  . SER A 1 68  ? 8.720   4.668   12.948  1.00 4.27  ? 67   SER A CB  1 
ATOM   507  O  OG  . SER A 1 68  ? 8.749   4.478   14.349  1.00 6.30  ? 67   SER A OG  1 
ATOM   508  N  N   . ARG A 1 69  ? 5.932   3.606   11.983  1.00 5.02  ? 68   ARG A N   1 
ATOM   509  C  CA  . ARG A 1 69  ? 4.543   3.287   12.278  1.00 4.13  ? 68   ARG A CA  1 
ATOM   510  C  C   . ARG A 1 69  ? 4.173   1.858   11.869  1.00 3.83  ? 68   ARG A C   1 
ATOM   511  O  O   . ARG A 1 69  ? 3.384   1.206   12.553  1.00 4.44  ? 68   ARG A O   1 
ATOM   512  C  CB  . ARG A 1 69  ? 3.630   4.307   11.598  1.00 3.45  ? 68   ARG A CB  1 
ATOM   513  C  CG  . ARG A 1 69  ? 3.527   5.589   12.413  1.00 6.83  ? 68   ARG A CG  1 
ATOM   514  C  CD  . ARG A 1 69  ? 2.949   6.732   11.556  1.00 7.01  ? 68   ARG A CD  1 
ATOM   515  N  NE  . ARG A 1 69  ? 2.867   7.964   12.364  1.00 5.96  ? 68   ARG A NE  1 
ATOM   516  C  CZ  . ARG A 1 69  ? 3.891   8.797   12.534  1.00 7.93  ? 68   ARG A CZ  1 
ATOM   517  N  NH1 . ARG A 1 69  ? 5.114   8.472   12.138  1.00 8.68  ? 68   ARG A NH1 1 
ATOM   518  N  NH2 . ARG A 1 69  ? 3.683   9.937   13.200  1.00 15.04 ? 68   ARG A NH2 1 
ATOM   519  N  N   . HIS A 1 70  ? 4.785   1.349   10.799  1.00 4.89  ? 69   HIS A N   1 
ATOM   520  C  CA  . HIS A 1 70  ? 4.564   -0.048  10.420  1.00 5.62  ? 69   HIS A CA  1 
ATOM   521  C  C   . HIS A 1 70  ? 5.234   -1.036  11.378  1.00 5.75  ? 69   HIS A C   1 
ATOM   522  O  O   . HIS A 1 70  ? 4.599   -1.999  11.807  1.00 6.19  ? 69   HIS A O   1 
ATOM   523  C  CB  . HIS A 1 70  ? 4.944   -0.302  8.971   1.00 4.86  ? 69   HIS A CB  1 
ATOM   524  C  CG  . HIS A 1 70  ? 3.918   0.191   8.000   1.00 5.84  ? 69   HIS A CG  1 
ATOM   525  N  ND1 . HIS A 1 70  ? 3.825   1.521   7.621   1.00 6.16  ? 69   HIS A ND1 1 
ATOM   526  C  CD2 . HIS A 1 70  ? 2.888   -0.450  7.400   1.00 4.23  ? 69   HIS A CD2 1 
ATOM   527  C  CE1 . HIS A 1 70  ? 2.802   1.662   6.788   1.00 5.98  ? 69   HIS A CE1 1 
ATOM   528  N  NE2 . HIS A 1 70  ? 2.203   0.487   6.660   1.00 5.07  ? 69   HIS A NE2 1 
ATOM   529  N  N   . LYS A 1 71  ? 6.444   -0.690  11.845  1.00 5.58  ? 70   LYS A N   1 
ATOM   530  C  CA  . LYS A 1 71  ? 7.086   -1.462  12.917  1.00 6.55  ? 70   LYS A CA  1 
ATOM   531  C  C   . LYS A 1 71  ? 6.188   -1.514  14.130  1.00 4.68  ? 70   LYS A C   1 
ATOM   532  O  O   . LYS A 1 71  ? 6.154   -2.528  14.846  1.00 7.71  ? 70   LYS A O   1 
ATOM   533  C  CB  . LYS A 1 71  ? 8.444   -0.853  13.286  1.00 8.11  ? 70   LYS A CB  1 
ATOM   534  C  CG  . LYS A 1 71  ? 9.500   -1.002  12.243  1.00 12.06 ? 70   LYS A CG  1 
ATOM   535  C  CD  . LYS A 1 71  ? 10.836  -0.519  12.856  1.00 21.24 ? 70   LYS A CD  1 
ATOM   536  C  CE  . LYS A 1 71  ? 11.967  -0.420  11.836  1.00 31.59 ? 70   LYS A CE  1 
ATOM   537  N  NZ  . LYS A 1 71  ? 13.141  0.326   12.406  1.00 34.20 ? 70   LYS A NZ  1 
ATOM   538  N  N   . GLY A 1 72  ? 5.468   -0.414  14.373  1.00 6.24  ? 71   GLY A N   1 
ATOM   539  C  CA  . GLY A 1 72  ? 4.535   -0.308  15.503  1.00 6.34  ? 71   GLY A CA  1 
ATOM   540  C  C   . GLY A 1 72  ? 3.306   -1.203  15.386  1.00 7.93  ? 71   GLY A C   1 
ATOM   541  O  O   . GLY A 1 72  ? 2.477   -1.252  16.310  1.00 9.06  ? 71   GLY A O   1 
ATOM   542  N  N   . ARG A 1 73  ? 3.118   -1.791  14.203  1.00 6.47  ? 72   ARG A N   1 
ATOM   543  C  CA  . ARG A 1 73  ? 2.094   -2.813  13.972  1.00 6.99  ? 72   ARG A CA  1 
ATOM   544  C  C   . ARG A 1 73  ? 2.705   -4.187  13.703  1.00 6.00  ? 72   ARG A C   1 
ATOM   545  O  O   . ARG A 1 73  ? 1.994   -5.102  13.252  1.00 8.22  ? 72   ARG A O   1 
ATOM   546  C  CB  . ARG A 1 73  ? 1.200   -2.436  12.763  1.00 8.08  ? 72   ARG A CB  1 
ATOM   547  C  CG  . ARG A 1 73  ? 0.618   -1.027  12.791  1.00 9.88  ? 72   ARG A CG  1 
ATOM   548  C  CD  . ARG A 1 73  ? -0.432  -0.887  13.840  1.00 9.62  ? 72   ARG A CD  1 
ATOM   549  N  NE  . ARG A 1 73  ? -1.026  0.452   13.836  1.00 6.81  ? 72   ARG A NE  1 
ATOM   550  C  CZ  . ARG A 1 73  ? -2.310  0.690   14.077  1.00 6.33  ? 72   ARG A CZ  1 
ATOM   551  N  NH1 . ARG A 1 73  ? -3.196  -0.296  14.024  1.00 9.46  ? 72   ARG A NH1 1 
ATOM   552  N  NH2 . ARG A 1 73  ? -2.716  1.951   14.180  1.00 10.09 ? 72   ARG A NH2 1 
ATOM   553  N  N   . ASN A 1 74  ? 3.988   -4.349  14.026  1.00 6.59  ? 73   ASN A N   1 
ATOM   554  C  CA  . ASN A 1 74  ? 4.745   -5.581  13.749  1.00 7.54  ? 73   ASN A CA  1 
ATOM   555  C  C   . ASN A 1 74  ? 4.687   -5.930  12.280  1.00 6.64  ? 73   ASN A C   1 
ATOM   556  O  O   . ASN A 1 74  ? 4.559   -7.111  11.885  1.00 8.88  ? 73   ASN A O   1 
ATOM   557  C  CB  . ASN A 1 74  ? 4.240   -6.737  14.606  1.00 10.46 ? 73   ASN A CB  1 
ATOM   558  C  CG  . ASN A 1 74  ? 4.507   -6.519  16.071  1.00 16.01 ? 73   ASN A CG  1 
ATOM   559  O  OD1 . ASN A 1 74  ? 5.495   -5.884  16.433  1.00 22.01 ? 73   ASN A OD1 1 
ATOM   560  N  ND2 . ASN A 1 74  ? 3.562   -6.923  16.910  1.00 23.03 ? 73   ASN A ND2 1 
ATOM   561  N  N   . VAL A 1 75  ? 4.794   -4.885  11.455  1.00 6.18  ? 74   VAL A N   1 
ATOM   562  C  CA  . VAL A 1 75  ? 4.958   -5.026  10.020  1.00 6.34  ? 74   VAL A CA  1 
ATOM   563  C  C   . VAL A 1 75  ? 6.334   -4.548  9.608   1.00 9.52  ? 74   VAL A C   1 
ATOM   564  O  O   . VAL A 1 75  ? 6.711   -3.413  9.893   1.00 10.79 ? 74   VAL A O   1 
ATOM   565  C  CB  . VAL A 1 75  ? 3.929   -4.201  9.248   1.00 6.37  ? 74   VAL A CB  1 
ATOM   566  C  CG1 . VAL A 1 75  ? 4.186   -4.344  7.721   1.00 9.01  ? 74   VAL A CG1 1 
ATOM   567  C  CG2 . VAL A 1 75  ? 2.515   -4.677  9.618   1.00 6.76  ? 74   VAL A CG2 1 
ATOM   568  N  N   . GLY A 1 76  ? 7.094   -5.431  8.979   1.00 8.08  ? 75   GLY A N   1 
ATOM   569  C  CA  . GLY A 1 76  ? 8.492   -5.118  8.693   1.00 9.88  ? 75   GLY A CA  1 
ATOM   570  C  C   . GLY A 1 76  ? 8.941   -5.385  7.263   1.00 9.42  ? 75   GLY A C   1 
ATOM   571  O  O   . GLY A 1 76  ? 8.160   -5.296  6.296   1.00 8.11  ? 75   GLY A O   1 
ATOM   572  N  N   . SER A 1 77  ? 10.221  -5.714  7.125   1.00 10.53 ? 76   SER A N   1 
ATOM   573  C  CA  . SER A 1 77  ? 10.858  -5.755  5.818   1.00 9.04  ? 76   SER A CA  1 
ATOM   574  C  C   . SER A 1 77  ? 10.259  -6.814  4.919   1.00 8.84  ? 76   SER A C   1 
ATOM   575  O  O   . SER A 1 77  ? 10.031  -6.580  3.733   1.00 9.61  ? 76   SER A O   1 
ATOM   576  C  CB  . SER A 1 77  ? 12.361  -5.999  5.985   1.00 8.93  ? 76   SER A CB  1 
ATOM   577  O  OG  A SER A 1 77  ? 12.978  -4.863  6.552   0.50 11.40 ? 76   SER A OG  1 
ATOM   578  O  OG  B SER A 1 77  ? 12.997  -5.927  4.723   0.50 15.71 ? 76   SER A OG  1 
ATOM   579  N  N   . ALA A 1 78  ? 9.968   -7.983  5.465   1.00 10.51 ? 77   ALA A N   1 
ATOM   580  C  CA  . ALA A 1 78  ? 9.415   -9.031  4.607   1.00 10.39 ? 77   ALA A CA  1 
ATOM   581  C  C   . ALA A 1 78  ? 8.093   -8.591  3.979   1.00 9.07  ? 77   ALA A C   1 
ATOM   582  O  O   . ALA A 1 78  ? 7.850   -8.841  2.797   1.00 10.59 ? 77   ALA A O   1 
ATOM   583  C  CB  . ALA A 1 78  ? 9.228   -10.313 5.390   1.00 12.96 ? 77   ALA A CB  1 
ATOM   584  N  N   . GLU A 1 79  ? 7.221   -8.017  4.802   1.00 8.93  ? 78   GLU A N   1 
ATOM   585  C  CA  . GLU A 1 79  ? 5.914   -7.565  4.317   1.00 7.92  ? 78   GLU A CA  1 
ATOM   586  C  C   . GLU A 1 79  ? 6.099   -6.496  3.250   1.00 7.82  ? 78   GLU A C   1 
ATOM   587  O  O   . GLU A 1 79  ? 5.403   -6.507  2.231   1.00 7.40  ? 78   GLU A O   1 
ATOM   588  C  CB  . GLU A 1 79  ? 5.079   -6.995  5.480   1.00 9.43  ? 78   GLU A CB  1 
ATOM   589  C  CG  . GLU A 1 79  ? 4.608   -8.072  6.470   1.00 8.22  ? 78   GLU A CG  1 
ATOM   590  C  CD  . GLU A 1 79  ? 5.544   -8.266  7.657   1.00 11.17 ? 78   GLU A CD  1 
ATOM   591  O  OE1 . GLU A 1 79  ? 6.756   -7.979  7.576   1.00 11.62 ? 78   GLU A OE1 1 
ATOM   592  O  OE2 . GLU A 1 79  ? 5.031   -8.670  8.712   1.00 15.81 ? 78   GLU A OE2 1 
ATOM   593  N  N   . PHE A 1 80  ? 7.038   -5.574  3.466   1.00 7.23  ? 79   PHE A N   1 
ATOM   594  C  CA  . PHE A 1 80  ? 7.253   -4.556  2.457   1.00 6.50  ? 79   PHE A CA  1 
ATOM   595  C  C   . PHE A 1 80  ? 7.888   -5.048  1.161   1.00 8.21  ? 79   PHE A C   1 
ATOM   596  O  O   . PHE A 1 80  ? 7.610   -4.511  0.095   1.00 7.53  ? 79   PHE A O   1 
ATOM   597  C  CB  . PHE A 1 80  ? 7.989   -3.349  3.038   1.00 7.06  ? 79   PHE A CB  1 
ATOM   598  C  CG  . PHE A 1 80  ? 7.066   -2.346  3.650   1.00 6.73  ? 79   PHE A CG  1 
ATOM   599  C  CD1 . PHE A 1 80  ? 6.578   -1.291  2.902   1.00 8.45  ? 79   PHE A CD1 1 
ATOM   600  C  CD2 . PHE A 1 80  ? 6.590   -2.525  4.947   1.00 8.82  ? 79   PHE A CD2 1 
ATOM   601  C  CE1 . PHE A 1 80  ? 5.634   -0.392  3.443   1.00 6.74  ? 79   PHE A CE1 1 
ATOM   602  C  CE2 . PHE A 1 80  ? 5.645   -1.614  5.509   1.00 7.53  ? 79   PHE A CE2 1 
ATOM   603  C  CZ  . PHE A 1 80  ? 5.178   -0.563  4.747   1.00 5.58  ? 79   PHE A CZ  1 
ATOM   604  N  N   . HIS A 1 81  ? 8.718   -6.090  1.240   1.00 7.27  ? 80   HIS A N   1 
ATOM   605  C  CA  . HIS A 1 81  ? 9.166   -6.702  -0.008  1.00 9.08  ? 80   HIS A CA  1 
ATOM   606  C  C   . HIS A 1 81  ? 8.014   -7.351  -0.766  1.00 7.32  ? 80   HIS A C   1 
ATOM   607  O  O   . HIS A 1 81  ? 7.897   -7.178  -1.984  1.00 8.71  ? 80   HIS A O   1 
ATOM   608  C  CB  . HIS A 1 81  ? 10.308  -7.683  0.234   1.00 10.72 ? 80   HIS A CB  1 
ATOM   609  C  CG  . HIS A 1 81  ? 11.635  -7.006  0.421   1.00 13.35 ? 80   HIS A CG  1 
ATOM   610  N  ND1 . HIS A 1 81  ? 12.345  -6.463  -0.633  1.00 17.26 ? 80   HIS A ND1 1 
ATOM   611  C  CD2 . HIS A 1 81  ? 12.337  -6.708  1.541   1.00 19.13 ? 80   HIS A CD2 1 
ATOM   612  C  CE1 . HIS A 1 81  ? 13.446  -5.894  -0.171  1.00 12.41 ? 80   HIS A CE1 1 
ATOM   613  N  NE2 . HIS A 1 81  ? 13.483  -6.056  1.139   1.00 15.29 ? 80   HIS A NE2 1 
ATOM   614  N  N   . ASN A 1 82  ? 7.108   -8.014  -0.044  1.00 8.35  ? 81   ASN A N   1 
ATOM   615  C  CA  . ASN A 1 82  ? 5.875   -8.484  -0.673  1.00 9.22  ? 81   ASN A CA  1 
ATOM   616  C  C   . ASN A 1 82  ? 5.014   -7.344  -1.232  1.00 8.99  ? 81   ASN A C   1 
ATOM   617  O  O   . ASN A 1 82  ? 4.503   -7.416  -2.358  1.00 9.80  ? 81   ASN A O   1 
ATOM   618  C  CB  . ASN A 1 82  ? 5.043   -9.320  0.304   1.00 8.82  ? 81   ASN A CB  1 
ATOM   619  C  CG  . ASN A 1 82  ? 5.763   -10.601 0.757   1.00 13.09 ? 81   ASN A CG  1 
ATOM   620  O  OD1 . ASN A 1 82  ? 5.548   -11.102 1.869   1.00 16.24 ? 81   ASN A OD1 1 
ATOM   621  N  ND2 . ASN A 1 82  ? 6.653   -11.099 -0.082  1.00 16.43 ? 81   ASN A ND2 1 
ATOM   622  N  N   . ALA A 1 83  ? 4.914   -6.248  -0.492  1.00 9.07  ? 82   ALA A N   1 
ATOM   623  C  CA  . ALA A 1 83  ? 4.180   -5.087  -1.002  1.00 9.17  ? 82   ALA A CA  1 
ATOM   624  C  C   . ALA A 1 83  ? 4.802   -4.574  -2.292  1.00 10.85 ? 82   ALA A C   1 
ATOM   625  O  O   . ALA A 1 83  ? 4.092   -4.155  -3.203  1.00 9.28  ? 82   ALA A O   1 
ATOM   626  C  CB  . ALA A 1 83  ? 4.107   -3.970  0.050   1.00 9.70  ? 82   ALA A CB  1 
ATOM   627  N  N   . LYS A 1 84  ? 6.129   -4.548  -2.362  1.00 11.31 ? 83   LYS A N   1 
ATOM   628  C  CA  . LYS A 1 84  ? 6.789   -4.115  -3.582  1.00 9.97  ? 83   LYS A CA  1 
ATOM   629  C  C   . LYS A 1 84  ? 6.344   -4.911  -4.813  1.00 9.11  ? 83   LYS A C   1 
ATOM   630  O  O   . LYS A 1 84  ? 5.995   -4.341  -5.870  1.00 11.76 ? 83   LYS A O   1 
ATOM   631  C  CB  . LYS A 1 84  ? 8.314   -4.163  -3.398  1.00 10.19 ? 83   LYS A CB  1 
ATOM   632  C  CG  . LYS A 1 84  ? 9.049   -3.329  -4.414  1.00 13.05 ? 83   LYS A CG  1 
ATOM   633  C  CD  . LYS A 1 84  ? 10.520  -3.252  -4.074  1.00 13.69 ? 83   LYS A CD  1 
ATOM   634  C  CE  . LYS A 1 84  ? 11.286  -2.650  -5.224  1.00 19.25 ? 83   LYS A CE  1 
ATOM   635  N  NZ  . LYS A 1 84  ? 12.746  -2.844  -5.023  1.00 16.75 ? 83   LYS A NZ  1 
ATOM   636  N  N   . ALA A 1 85  ? 6.210   -6.223  -4.650  1.00 9.58  ? 84   ALA A N   1 
ATOM   637  C  CA  . ALA A 1 85  ? 5.782   -7.069  -5.749  1.00 8.89  ? 84   ALA A CA  1 
ATOM   638  C  C   . ALA A 1 85  ? 4.318   -6.826  -6.153  1.00 11.13 ? 84   ALA A C   1 
ATOM   639  O  O   . ALA A 1 85  ? 3.961   -6.759  -7.324  1.00 10.63 ? 84   ALA A O   1 
ATOM   640  C  CB  . ALA A 1 85  ? 6.000   -8.557  -5.379  1.00 13.21 ? 84   ALA A CB  1 
ATOM   641  N  N   . CYS A 1 86  ? 3.484   -6.605  -5.151  1.00 9.53  ? 85   CYS A N   1 
ATOM   642  C  CA  . CYS A 1 86  ? 2.080   -6.342  -5.416  1.00 7.89  ? 85   CYS A CA  1 
ATOM   643  C  C   . CYS A 1 86  ? 1.863   -4.978  -6.054  1.00 5.80  ? 85   CYS A C   1 
ATOM   644  O  O   . CYS A 1 86  ? 1.003   -4.828  -6.940  1.00 7.95  ? 85   CYS A O   1 
ATOM   645  C  CB  . CYS A 1 86  ? 1.293   -6.445  -4.108  1.00 7.45  ? 85   CYS A CB  1 
ATOM   646  S  SG  . CYS A 1 86  ? 1.296   -8.137  -3.458  1.00 9.17  ? 85   CYS A SG  1 
ATOM   647  N  N   . ALA A 1 87  ? 2.614   -3.977  -5.588  1.00 7.65  ? 86   ALA A N   1 
ATOM   648  C  CA  . ALA A 1 87  ? 2.505   -2.624  -6.175  1.00 5.55  ? 86   ALA A CA  1 
ATOM   649  C  C   . ALA A 1 87  ? 2.997   -2.590  -7.600  1.00 7.46  ? 86   ALA A C   1 
ATOM   650  O  O   . ALA A 1 87  ? 2.438   -1.885  -8.438  1.00 7.45  ? 86   ALA A O   1 
ATOM   651  C  CB  . ALA A 1 87  ? 3.288   -1.611  -5.356  1.00 7.21  ? 86   ALA A CB  1 
ATOM   652  N  N   . ALA A 1 88  ? 4.020   -3.388  -7.884  1.00 8.57  ? 87   ALA A N   1 
ATOM   653  C  CA  . ALA A 1 88  ? 4.513   -3.482  -9.265  1.00 10.21 ? 87   ALA A CA  1 
ATOM   654  C  C   . ALA A 1 88  ? 3.448   -4.011  -10.211 1.00 9.73  ? 87   ALA A C   1 
ATOM   655  O  O   . ALA A 1 88  ? 3.209   -3.433  -11.267 1.00 11.16 ? 87   ALA A O   1 
ATOM   656  C  CB  . ALA A 1 88  ? 5.777   -4.345  -9.316  1.00 11.86 ? 87   ALA A CB  1 
ATOM   657  N  N   . LYS A 1 89  ? 2.700   -5.020  -9.761  1.00 9.86  ? 88   LYS A N   1 
ATOM   658  C  CA  . LYS A 1 89  ? 1.579   -5.532  -10.547 1.00 11.85 ? 88   LYS A CA  1 
ATOM   659  C  C   . LYS A 1 89  ? 0.453   -4.517  -10.714 1.00 9.08  ? 88   LYS A C   1 
ATOM   660  O  O   . LYS A 1 89  ? -0.042  -4.304  -11.803 1.00 10.59 ? 88   LYS A O   1 
ATOM   661  C  CB  . LYS A 1 89  ? 1.025   -6.788  -9.890  1.00 11.48 ? 88   LYS A CB  1 
ATOM   662  C  CG  . LYS A 1 89  ? 2.026   -7.940  -9.876  1.00 18.13 ? 88   LYS A CG  1 
ATOM   663  C  CD  . LYS A 1 89  ? 1.400   -9.205  -9.267  1.00 31.28 ? 88   LYS A CD  1 
ATOM   664  C  CE  . LYS A 1 89  ? 2.442   -10.311 -9.149  1.00 34.04 ? 88   LYS A CE  1 
ATOM   665  N  NZ  . LYS A 1 89  ? 1.849   -11.588 -8.669  1.00 38.74 ? 88   LYS A NZ  1 
ATOM   666  N  N   . ALA A 1 90  ? 0.083   -3.846  -9.626  1.00 7.02  ? 89   ALA A N   1 
ATOM   667  C  CA  . ALA A 1 90  ? -0.980  -2.844  -9.679  1.00 7.14  ? 89   ALA A CA  1 
ATOM   668  C  C   . ALA A 1 90  ? -0.632  -1.651  -10.575 1.00 7.96  ? 89   ALA A C   1 
ATOM   669  O  O   . ALA A 1 90  ? -1.454  -1.191  -11.345 1.00 9.47  ? 89   ALA A O   1 
ATOM   670  C  CB  . ALA A 1 90  ? -1.316  -2.359  -8.255  1.00 7.71  ? 89   ALA A CB  1 
ATOM   671  N  N   . CYS A 1 91  ? 0.614   -1.176  -10.491 1.00 7.70  ? 90   CYS A N   1 
ATOM   672  C  CA  . CYS A 1 91  ? 1.054   -0.085  -11.355 1.00 8.95  ? 90   CYS A CA  1 
ATOM   673  C  C   . CYS A 1 91  ? 1.048   -0.523  -12.823 1.00 9.66  ? 90   CYS A C   1 
ATOM   674  O  O   . CYS A 1 91  ? 0.570   0.217   -13.679 1.00 11.93 ? 90   CYS A O   1 
ATOM   675  C  CB  . CYS A 1 91  ? 2.442   0.421   -10.947 1.00 7.67  ? 90   CYS A CB  1 
ATOM   676  S  SG  . CYS A 1 91  ? 2.422   1.267   -9.340  1.00 8.01  ? 90   CYS A SG  1 
ATOM   677  N  N   . SER A 1 92  ? 1.560   -1.711  -13.106 1.00 9.83  ? 91   SER A N   1 
ATOM   678  C  CA  . SER A 1 92  ? 1.615   -2.171  -14.506 1.00 11.78 ? 91   SER A CA  1 
ATOM   679  C  C   . SER A 1 92  ? 0.200   -2.270  -15.073 1.00 13.69 ? 91   SER A C   1 
ATOM   680  O  O   . SER A 1 92  ? -0.055  -1.921  -16.229 1.00 14.80 ? 91   SER A O   1 
ATOM   681  C  CB  . SER A 1 92  ? 2.299   -3.528  -14.623 1.00 13.34 ? 91   SER A CB  1 
ATOM   682  O  OG  A SER A 1 92  ? 2.469   -3.876  -15.985 0.50 17.02 ? 91   SER A OG  1 
ATOM   683  O  OG  B SER A 1 92  ? 3.683   -3.437  -14.376 0.50 11.52 ? 91   SER A OG  1 
ATOM   684  N  N   . ALA A 1 93  ? -0.744  -2.704  -14.243 1.00 11.33 ? 92   ALA A N   1 
ATOM   685  C  CA  . ALA A 1 93  ? -2.117  -2.873  -14.721 1.00 14.30 ? 92   ALA A CA  1 
ATOM   686  C  C   . ALA A 1 93  ? -2.779  -1.551  -15.111 1.00 15.99 ? 92   ALA A C   1 
ATOM   687  O  O   . ALA A 1 93  ? -3.767  -1.523  -15.852 1.00 20.36 ? 92   ALA A O   1 
ATOM   688  C  CB  . ALA A 1 93  ? -2.965  -3.601  -13.676 1.00 13.28 ? 92   ALA A CB  1 
ATOM   689  N  N   . HIS A 1 94  ? -2.241  -0.445  -14.622 1.00 12.87 ? 93   HIS A N   1 
ATOM   690  C  CA  . HIS A 1 94  ? -2.788  0.854   -14.939 1.00 12.90 ? 93   HIS A CA  1 
ATOM   691  C  C   . HIS A 1 94  ? -1.891  1.700   -15.827 1.00 12.21 ? 93   HIS A C   1 
ATOM   692  O  O   . HIS A 1 94  ? -2.208  2.855   -16.104 1.00 15.57 ? 93   HIS A O   1 
ATOM   693  C  CB  . HIS A 1 94  ? -3.155  1.598   -13.656 1.00 14.81 ? 93   HIS A CB  1 
ATOM   694  C  CG  . HIS A 1 94  ? -4.305  0.976   -12.935 1.00 11.55 ? 93   HIS A CG  1 
ATOM   695  N  ND1 . HIS A 1 94  ? -5.611  1.339   -13.181 1.00 13.37 ? 93   HIS A ND1 1 
ATOM   696  C  CD2 . HIS A 1 94  ? -4.356  -0.097  -12.111 1.00 13.93 ? 93   HIS A CD2 1 
ATOM   697  C  CE1 . HIS A 1 94  ? -6.416  0.556   -12.481 1.00 14.03 ? 93   HIS A CE1 1 
ATOM   698  N  NE2 . HIS A 1 94  ? -5.682  -0.338  -11.843 1.00 11.49 ? 93   HIS A NE2 1 
ATOM   699  N  N   . GLY A 1 95  ? -0.781  1.120   -16.278 1.00 13.07 ? 94   GLY A N   1 
ATOM   700  C  CA  . GLY A 1 95  ? 0.228   1.876   -17.029 1.00 12.45 ? 94   GLY A CA  1 
ATOM   701  C  C   . GLY A 1 95  ? 0.735   3.066   -16.226 1.00 15.79 ? 94   GLY A C   1 
ATOM   702  O  O   . GLY A 1 95  ? 1.071   4.109   -16.784 1.00 14.62 ? 94   GLY A O   1 
ATOM   703  N  N   . ALA A 1 96  ? 0.845   2.884   -14.913 1.00 12.08 ? 95   ALA A N   1 
ATOM   704  C  CA  . ALA A 1 96  ? 1.342   3.922   -14.001 1.00 9.69  ? 95   ALA A CA  1 
ATOM   705  C  C   . ALA A 1 96  ? 2.833   3.693   -13.757 1.00 9.17  ? 95   ALA A C   1 
ATOM   706  O  O   . ALA A 1 96  ? 3.291   2.554   -13.780 1.00 9.62  ? 95   ALA A O   1 
ATOM   707  C  CB  . ALA A 1 96  ? 0.592   3.784   -12.647 1.00 10.07 ? 95   ALA A CB  1 
ATOM   708  N  N   . PRO A 1 97  ? 3.584   4.770   -13.413 1.00 8.68  ? 96   PRO A N   1 
ATOM   709  C  CA  . PRO A 1 97  ? 4.959   4.525   -13.009 1.00 6.87  ? 96   PRO A CA  1 
ATOM   710  C  C   . PRO A 1 97  ? 4.993   3.612   -11.809 1.00 9.04  ? 96   PRO A C   1 
ATOM   711  O  O   . PRO A 1 97  ? 4.120   3.691   -10.947 1.00 9.58  ? 96   PRO A O   1 
ATOM   712  C  CB  . PRO A 1 97  ? 5.481   5.916   -12.604 1.00 9.95  ? 96   PRO A CB  1 
ATOM   713  C  CG  . PRO A 1 97  ? 4.440   6.890   -13.036 1.00 12.24 ? 96   PRO A CG  1 
ATOM   714  C  CD  . PRO A 1 97  ? 3.154   6.162   -13.215 1.00 10.69 ? 96   PRO A CD  1 
ATOM   715  N  N   . ASP A 1 98  ? 6.045   2.816   -11.724 1.00 8.65  ? 97   ASP A N   1 
ATOM   716  C  CA  A ASP A 1 98  ? 6.311   1.950   -10.587 0.50 8.39  ? 97   ASP A CA  1 
ATOM   717  C  CA  B ASP A 1 98  ? 6.203   1.980   -10.549 0.50 7.27  ? 97   ASP A CA  1 
ATOM   718  C  C   . ASP A 1 98  ? 6.616   2.775   -9.331  1.00 7.94  ? 97   ASP A C   1 
ATOM   719  O  O   . ASP A 1 98  ? 7.096   3.918   -9.427  1.00 9.74  ? 97   ASP A O   1 
ATOM   720  C  CB  A ASP A 1 98  ? 7.499   1.064   -10.953 0.50 10.16 ? 97   ASP A CB  1 
ATOM   721  C  CB  B ASP A 1 98  ? 7.116   0.771   -10.793 0.50 7.27  ? 97   ASP A CB  1 
ATOM   722  C  CG  A ASP A 1 98  ? 7.628   -0.146  -10.074 0.50 12.96 ? 97   ASP A CG  1 
ATOM   723  C  CG  B ASP A 1 98  ? 8.600   1.121   -10.768 0.50 8.53  ? 97   ASP A CG  1 
ATOM   724  O  OD1 A ASP A 1 98  ? 6.841   -1.105  -10.251 0.50 15.04 ? 97   ASP A OD1 1 
ATOM   725  O  OD1 B ASP A 1 98  ? 9.122   1.544   -9.709  0.50 8.27  ? 97   ASP A OD1 1 
ATOM   726  O  OD2 A ASP A 1 98  ? 8.622   -0.204  -9.325  0.50 16.91 ? 97   ASP A OD2 1 
ATOM   727  O  OD2 B ASP A 1 98  ? 9.269   0.854   -11.786 0.50 8.88  ? 97   ASP A OD2 1 
ATOM   728  N  N   . LEU A 1 99  ? 6.298   2.204   -8.177  1.00 8.15  ? 98   LEU A N   1 
ATOM   729  C  CA  . LEU A 1 99  ? 6.518   2.840   -6.884  1.00 7.34  ? 98   LEU A CA  1 
ATOM   730  C  C   . LEU A 1 99  ? 7.672   2.171   -6.140  1.00 9.60  ? 98   LEU A C   1 
ATOM   731  O  O   . LEU A 1 99  ? 7.828   2.342   -4.914  1.00 10.60 ? 98   LEU A O   1 
ATOM   732  C  CB  . LEU A 1 99  ? 5.245   2.706   -6.052  1.00 8.14  ? 98   LEU A CB  1 
ATOM   733  C  CG  . LEU A 1 99  ? 4.039   3.497   -6.553  1.00 10.06 ? 98   LEU A CG  1 
ATOM   734  C  CD1 . LEU A 1 99  ? 2.767   3.004   -5.878  1.00 11.52 ? 98   LEU A CD1 1 
ATOM   735  C  CD2 . LEU A 1 99  ? 4.254   4.994   -6.321  1.00 10.61 ? 98   LEU A CD2 1 
ATOM   736  N  N   . GLY A 1 100 ? 8.504   1.434   -6.868  1.00 10.36 ? 99   GLY A N   1 
ATOM   737  C  CA  . GLY A 1 100 ? 9.600   0.684   -6.248  1.00 10.36 ? 99   GLY A CA  1 
ATOM   738  C  C   . GLY A 1 100 ? 10.565  1.580   -5.490  1.00 12.98 ? 99   GLY A C   1 
ATOM   739  O  O   . GLY A 1 100 ? 11.010  1.221   -4.399  1.00 11.70 ? 99   GLY A O   1 
ATOM   740  N  N   . HIS A 1 101 ? 10.889  2.745   -6.039  1.00 13.64 ? 100  HIS A N   1 
ATOM   741  C  CA  A HIS A 1 101 ? 11.807  3.662   -5.348  0.50 14.91 ? 100  HIS A CA  1 
ATOM   742  C  CA  B HIS A 1 101 ? 11.796  3.669   -5.367  0.50 14.38 ? 100  HIS A CA  1 
ATOM   743  C  C   . HIS A 1 101 ? 11.212  4.174   -4.038  1.00 14.48 ? 100  HIS A C   1 
ATOM   744  O  O   . HIS A 1 101 ? 11.915  4.257   -3.022  1.00 14.93 ? 100  HIS A O   1 
ATOM   745  C  CB  A HIS A 1 101 ? 12.214  4.857   -6.230  0.50 18.60 ? 100  HIS A CB  1 
ATOM   746  C  CB  B HIS A 1 101 ? 12.138  4.850   -6.290  0.50 18.24 ? 100  HIS A CB  1 
ATOM   747  C  CG  A HIS A 1 101 ? 12.809  6.005   -5.465  0.50 22.32 ? 100  HIS A CG  1 
ATOM   748  C  CG  B HIS A 1 101 ? 10.939  5.578   -6.823  0.50 17.45 ? 100  HIS A CG  1 
ATOM   749  N  ND1 A HIS A 1 101 ? 14.162  6.111   -5.210  0.50 24.54 ? 100  HIS A ND1 1 
ATOM   750  N  ND1 B HIS A 1 101 ? 10.091  5.036   -7.769  0.50 27.16 ? 100  HIS A ND1 1 
ATOM   751  C  CD2 A HIS A 1 101 ? 12.244  7.125   -4.949  0.50 23.35 ? 100  HIS A CD2 1 
ATOM   752  C  CD2 B HIS A 1 101 ? 10.476  6.825   -6.576  0.50 20.50 ? 100  HIS A CD2 1 
ATOM   753  C  CE1 A HIS A 1 101 ? 14.399  7.229   -4.549  0.50 22.88 ? 100  HIS A CE1 1 
ATOM   754  C  CE1 B HIS A 1 101 ? 9.164   5.923   -8.084  0.50 23.73 ? 100  HIS A CE1 1 
ATOM   755  N  NE2 A HIS A 1 101 ? 13.256  7.876   -4.401  0.50 27.20 ? 100  HIS A NE2 1 
ATOM   756  N  NE2 B HIS A 1 101 ? 9.364   7.009   -7.361  0.50 22.74 ? 100  HIS A NE2 1 
ATOM   757  N  N   . ALA A 1 102 ? 9.922   4.509   -4.039  1.00 12.67 ? 101  ALA A N   1 
ATOM   758  C  CA  . ALA A 1 102 ? 9.288   4.973   -2.801  1.00 10.57 ? 101  ALA A CA  1 
ATOM   759  C  C   . ALA A 1 102 ? 9.275   3.851   -1.765  1.00 9.04  ? 101  ALA A C   1 
ATOM   760  O  O   . ALA A 1 102 ? 9.439   4.087   -0.562  1.00 11.32 ? 101  ALA A O   1 
ATOM   761  C  CB  . ALA A 1 102 ? 7.869   5.458   -3.063  1.00 11.71 ? 101  ALA A CB  1 
ATOM   762  N  N   . ILE A 1 103 ? 8.973   2.641   -2.220  1.00 7.79  ? 102  ILE A N   1 
ATOM   763  C  CA  . ILE A 1 103 ? 8.911   1.514   -1.288  1.00 8.10  ? 102  ILE A CA  1 
ATOM   764  C  C   . ILE A 1 103 ? 10.295  1.141   -0.771  1.00 9.58  ? 102  ILE A C   1 
ATOM   765  O  O   . ILE A 1 103 ? 10.454  0.840   0.408   1.00 10.02 ? 102  ILE A O   1 
ATOM   766  C  CB  . ILE A 1 103 ? 8.205   0.303   -1.925  1.00 7.74  ? 102  ILE A CB  1 
ATOM   767  C  CG1 . ILE A 1 103 ? 6.753   0.704   -2.222  1.00 8.26  ? 102  ILE A CG1 1 
ATOM   768  C  CG2 . ILE A 1 103 ? 8.295   -0.933  -1.010  1.00 10.62 ? 102  ILE A CG2 1 
ATOM   769  C  CD1 . ILE A 1 103 ? 5.981   -0.287  -3.075  1.00 10.10 ? 102  ILE A CD1 1 
ATOM   770  N  N   . ASP A 1 104 ? 11.310  1.287   -1.620  1.00 8.55  ? 103  ASP A N   1 
ATOM   771  C  CA  . ASP A 1 104 ? 12.693  1.126   -1.175  1.00 10.20 ? 103  ASP A CA  1 
ATOM   772  C  C   . ASP A 1 104 ? 13.027  2.149   -0.076  1.00 8.53  ? 103  ASP A C   1 
ATOM   773  O  O   . ASP A 1 104 ? 13.819  1.847   0.820   1.00 8.90  ? 103  ASP A O   1 
ATOM   774  C  CB  . ASP A 1 104 ? 13.674  1.302   -2.344  1.00 9.70  ? 103  ASP A CB  1 
ATOM   775  C  CG  . ASP A 1 104 ? 13.698  0.111   -3.267  1.00 13.91 ? 103  ASP A CG  1 
ATOM   776  O  OD1 . ASP A 1 104 ? 13.215  -0.977  -2.876  1.00 13.06 ? 103  ASP A OD1 1 
ATOM   777  O  OD2 . ASP A 1 104 ? 14.202  0.260   -4.403  1.00 16.69 ? 103  ASP A OD2 1 
ATOM   778  N  N   . ASP A 1 105 ? 12.523  3.372   -0.201  1.00 8.11  ? 104  ASP A N   1 
ATOM   779  C  CA  . ASP A 1 105 ? 12.828  4.410   0.814   1.00 9.59  ? 104  ASP A CA  1 
ATOM   780  C  C   . ASP A 1 105 ? 12.279  3.986   2.175   1.00 10.86 ? 104  ASP A C   1 
ATOM   781  O  O   . ASP A 1 105 ? 12.942  4.142   3.202   1.00 10.48 ? 104  ASP A O   1 
ATOM   782  C  CB  . ASP A 1 105 ? 12.267  5.769   0.417   1.00 10.65 ? 104  ASP A CB  1 
ATOM   783  C  CG  . ASP A 1 105 ? 13.049  6.425   -0.710  1.00 19.82 ? 104  ASP A CG  1 
ATOM   784  O  OD1 . ASP A 1 105 ? 14.199  5.993   -0.984  1.00 21.91 ? 104  ASP A OD1 1 
ATOM   785  O  OD2 . ASP A 1 105 ? 12.505  7.373   -1.324  1.00 23.67 ? 104  ASP A OD2 1 
ATOM   786  N  N   . ILE A 1 106 ? 11.090  3.393   2.177   1.00 8.98  ? 105  ILE A N   1 
ATOM   787  C  CA  . ILE A 1 106 ? 10.515  2.863   3.412   1.00 6.51  ? 105  ILE A CA  1 
ATOM   788  C  C   . ILE A 1 106 ? 11.346  1.699   3.918   1.00 7.58  ? 105  ILE A C   1 
ATOM   789  O  O   . ILE A 1 106 ? 11.737  1.678   5.090   1.00 8.62  ? 105  ILE A O   1 
ATOM   790  C  CB  . ILE A 1 106 ? 9.034   2.440   3.215   1.00 5.69  ? 105  ILE A CB  1 
ATOM   791  C  CG1 . ILE A 1 106 ? 8.192   3.633   2.775   1.00 9.27  ? 105  ILE A CG1 1 
ATOM   792  C  CG2 . ILE A 1 106 ? 8.476   1.816   4.516   1.00 8.47  ? 105  ILE A CG2 1 
ATOM   793  C  CD1 . ILE A 1 106 ? 6.883   3.197   2.103   1.00 9.73  ? 105  ILE A CD1 1 
ATOM   794  N  N   . LEU A 1 107 ? 11.733  0.807   3.000   1.00 7.95  ? 106  LEU A N   1 
ATOM   795  C  CA  . LEU A 1 107 ? 12.542  -0.373  3.332   1.00 8.60  ? 106  LEU A CA  1 
ATOM   796  C  C   . LEU A 1 107 ? 13.882  0.016   3.951   1.00 10.95 ? 106  LEU A C   1 
ATOM   797  O  O   . LEU A 1 107 ? 14.396  -0.723  4.804   1.00 13.46 ? 106  LEU A O   1 
ATOM   798  C  CB  . LEU A 1 107 ? 12.753  -1.228  2.077   1.00 8.95  ? 106  LEU A CB  1 
ATOM   799  C  CG  . LEU A 1 107 ? 11.608  -2.224  1.814   1.00 9.30  ? 106  LEU A CG  1 
ATOM   800  C  CD1 . LEU A 1 107 ? 11.630  -2.726  0.348   1.00 13.00 ? 106  LEU A CD1 1 
ATOM   801  C  CD2 . LEU A 1 107 ? 11.604  -3.386  2.791   1.00 12.07 ? 106  LEU A CD2 1 
ATOM   802  N  N   . SER A 1 108 ? 14.391  1.199   3.595   1.00 11.56 ? 107  SER A N   1 
ATOM   803  C  CA  . SER A 1 108 ? 15.717  1.623   4.071   1.00 12.96 ? 107  SER A CA  1 
ATOM   804  C  C   . SER A 1 108 ? 15.665  1.919   5.568   1.00 14.61 ? 107  SER A C   1 
ATOM   805  O  O   . SER A 1 108 ? 16.704  1.946   6.244   1.00 17.01 ? 107  SER A O   1 
ATOM   806  C  CB  . SER A 1 108 ? 16.247  2.823   3.282   1.00 14.57 ? 107  SER A CB  1 
ATOM   807  O  OG  . SER A 1 108 ? 15.598  4.028   3.620   1.00 15.85 ? 107  SER A OG  1 
ATOM   808  N  N   . HIS A 1 109 ? 14.453  2.086   6.091   1.00 10.64 ? 108  HIS A N   1 
ATOM   809  C  CA  . HIS A 1 109 ? 14.244  2.358   7.507   1.00 13.06 ? 108  HIS A CA  1 
ATOM   810  C  C   . HIS A 1 109 ? 13.691  1.147   8.260   1.00 14.91 ? 108  HIS A C   1 
ATOM   811  O  O   . HIS A 1 109 ? 13.411  1.236   9.460   1.00 19.01 ? 108  HIS A O   1 
ATOM   812  C  CB  . HIS A 1 109 ? 13.318  3.575   7.670   1.00 13.04 ? 108  HIS A CB  1 
ATOM   813  C  CG  . HIS A 1 109 ? 13.874  4.839   7.088   1.00 15.26 ? 108  HIS A CG  1 
ATOM   814  N  ND1 . HIS A 1 109 ? 14.972  5.480   7.627   1.00 19.47 ? 108  HIS A ND1 1 
ATOM   815  C  CD2 . HIS A 1 109 ? 13.518  5.556   5.995   1.00 14.30 ? 108  HIS A CD2 1 
ATOM   816  C  CE1 . HIS A 1 109 ? 15.271  6.533   6.887   1.00 22.92 ? 108  HIS A CE1 1 
ATOM   817  N  NE2 . HIS A 1 109 ? 14.395  6.610   5.899   1.00 18.78 ? 108  HIS A NE2 1 
ATOM   818  N  N   . LEU A 1 110 ? 13.571  0.008   7.582   1.00 13.42 ? 109  LEU A N   1 
ATOM   819  C  CA  . LEU A 1 110 ? 13.072  -1.226  8.207   1.00 15.23 ? 109  LEU A CA  1 
ATOM   820  C  C   . LEU A 1 110 ? 14.168  -2.269  8.405   1.00 22.57 ? 109  LEU A C   1 
ATOM   821  O  O   . LEU A 1 110 ? 13.900  -3.422  8.789   1.00 25.63 ? 109  LEU A O   1 
ATOM   822  C  CB  . LEU A 1 110 ? 11.948  -1.841  7.376   1.00 13.11 ? 109  LEU A CB  1 
ATOM   823  C  CG  . LEU A 1 110 ? 10.647  -1.035  7.286   1.00 10.31 ? 109  LEU A CG  1 
ATOM   824  C  CD1 . LEU A 1 110 ? 9.714   -1.591  6.222   1.00 12.27 ? 109  LEU A CD1 1 
ATOM   825  C  CD2 . LEU A 1 110 ? 9.923   -0.926  8.653   1.00 10.90 ? 109  LEU A CD2 1 
ATOM   826  O  OXT . LEU A 1 110 ? 15.308  -2.062  7.996   1.00 22.30 ? 109  LEU A OXT 1 
HETATM 827  C  CHA . HEM B 2 .   ? -1.143  2.109   7.967   1.00 5.14  ? 144  HEM A CHA 1 
HETATM 828  C  CHB . HEM B 2 .   ? 0.901   3.031   3.688   1.00 4.48  ? 144  HEM A CHB 1 
HETATM 829  C  CHC . HEM B 2 .   ? 2.101   -1.664  3.215   1.00 7.31  ? 144  HEM A CHC 1 
HETATM 830  C  CHD . HEM B 2 .   ? -0.092  -2.649  7.406   1.00 6.44  ? 144  HEM A CHD 1 
HETATM 831  C  C1A . HEM B 2 .   ? -0.661  2.770   6.871   1.00 4.70  ? 144  HEM A C1A 1 
HETATM 832  C  C2A . HEM B 2 .   ? -0.797  4.197   6.632   1.00 4.10  ? 144  HEM A C2A 1 
HETATM 833  C  C3A . HEM B 2 .   ? -0.227  4.434   5.443   1.00 2.99  ? 144  HEM A C3A 1 
HETATM 834  C  C4A . HEM B 2 .   ? 0.255   3.183   4.903   1.00 4.41  ? 144  HEM A C4A 1 
HETATM 835  C  CMA . HEM B 2 .   ? -0.131  5.769   4.688   1.00 6.44  ? 144  HEM A CMA 1 
HETATM 836  C  CAA . HEM B 2 .   ? -1.426  5.214   7.619   1.00 7.36  ? 144  HEM A CAA 1 
HETATM 837  C  CBA . HEM B 2 .   ? -0.318  5.727   8.556   1.00 9.36  ? 144  HEM A CBA 1 
HETATM 838  C  CGA . HEM B 2 .   ? -0.795  6.905   9.378   1.00 11.68 ? 144  HEM A CGA 1 
HETATM 839  O  O1A . HEM B 2 .   ? -2.023  7.023   9.599   1.00 14.43 ? 144  HEM A O1A 1 
HETATM 840  O  O2A . HEM B 2 .   ? 0.078   7.625   9.947   1.00 13.65 ? 144  HEM A O2A 1 
HETATM 841  C  C1B . HEM B 2 .   ? 1.479   1.867   3.228   1.00 4.71  ? 144  HEM A C1B 1 
HETATM 842  C  C2B . HEM B 2 .   ? 2.208   1.713   2.001   1.00 7.29  ? 144  HEM A C2B 1 
HETATM 843  C  C3B . HEM B 2 .   ? 2.505   0.417   1.848   1.00 6.63  ? 144  HEM A C3B 1 
HETATM 844  C  C4B . HEM B 2 .   ? 2.003   -0.296  3.014   1.00 5.77  ? 144  HEM A C4B 1 
HETATM 845  C  CMB . HEM B 2 .   ? 2.527   2.879   1.049   1.00 9.52  ? 144  HEM A CMB 1 
HETATM 846  C  CAB . HEM B 2 .   ? 3.401   -0.215  0.756   1.00 9.60  ? 144  HEM A CAB 1 
HETATM 847  C  CBB . HEM B 2 .   ? 3.285   0.121   -0.530  1.00 19.84 ? 144  HEM A CBB 1 
HETATM 848  C  C1C . HEM B 2 .   ? 1.596   -2.338  4.304   1.00 5.37  ? 144  HEM A C1C 1 
HETATM 849  C  C2C . HEM B 2 .   ? 1.711   -3.761  4.530   1.00 6.69  ? 144  HEM A C2C 1 
HETATM 850  C  C3C . HEM B 2 .   ? 1.020   -4.048  5.638   1.00 5.98  ? 144  HEM A C3C 1 
HETATM 851  C  C4C . HEM B 2 .   ? 0.535   -2.801  6.195   1.00 5.62  ? 144  HEM A C4C 1 
HETATM 852  C  CMC . HEM B 2 .   ? 2.442   -4.757  3.598   1.00 8.39  ? 144  HEM A CMC 1 
HETATM 853  C  CAC . HEM B 2 .   ? 0.949   -5.429  6.321   1.00 10.55 ? 144  HEM A CAC 1 
HETATM 854  C  CBC . HEM B 2 .   ? -0.117  -5.835  6.998   1.00 15.96 ? 144  HEM A CBC 1 
HETATM 855  C  C1D . HEM B 2 .   ? -0.602  -1.483  7.905   1.00 5.53  ? 144  HEM A C1D 1 
HETATM 856  C  C2D . HEM B 2 .   ? -1.347  -1.373  9.119   1.00 6.11  ? 144  HEM A C2D 1 
HETATM 857  C  C3D . HEM B 2 .   ? -1.699  0.073   9.281   1.00 5.71  ? 144  HEM A C3D 1 
HETATM 858  C  C4D . HEM B 2 .   ? -1.081  0.746   8.162   1.00 5.72  ? 144  HEM A C4D 1 
HETATM 859  C  CMD . HEM B 2 .   ? -1.844  -2.523  9.996   1.00 5.81  ? 144  HEM A CMD 1 
HETATM 860  C  CAD . HEM B 2 .   ? -2.562  0.724   10.372  1.00 5.48  ? 144  HEM A CAD 1 
HETATM 861  C  CBD . HEM B 2 .   ? -4.006  0.658   9.897   1.00 6.57  ? 144  HEM A CBD 1 
HETATM 862  C  CGD . HEM B 2 .   ? -4.908  1.155   11.006  1.00 10.29 ? 144  HEM A CGD 1 
HETATM 863  O  O1D . HEM B 2 .   ? -6.035  0.624   11.162  1.00 10.06 ? 144  HEM A O1D 1 
HETATM 864  O  O2D . HEM B 2 .   ? -4.568  2.169   11.672  1.00 10.10 ? 144  HEM A O2D 1 
HETATM 865  N  NA  . HEM B 2 .   ? 0.028   2.184   5.843   1.00 4.80  ? 144  HEM A NA  1 
HETATM 866  N  NB  . HEM B 2 .   ? 1.339   0.610   3.811   1.00 5.73  ? 144  HEM A NB  1 
HETATM 867  N  NC  . HEM B 2 .   ? 0.933   -1.768  5.377   1.00 5.28  ? 144  HEM A NC  1 
HETATM 868  N  ND  . HEM B 2 .   ? -0.427  -0.201  7.370   1.00 4.99  ? 144  HEM A ND  1 
HETATM 869  FE FE  . HEM B 2 .   ? 0.459   0.210   5.596   1.00 5.54  ? 144  HEM A FE  1 
HETATM 870  O  O1  . OXY C 3 .   ? -1.285  -0.042  4.713   1.00 7.10  ? 150  OXY A O1  1 
HETATM 871  O  O2  . OXY C 3 .   ? -1.131  -0.638  3.652   1.00 23.71 ? 150  OXY A O2  1 
HETATM 872  S  S   A SO4 D 4 .   ? -0.463  10.001  12.679  0.50 5.91  ? 152  SO4 A S   1 
HETATM 873  S  S   B SO4 D 4 .   ? 0.615   9.807   14.431  0.50 11.67 ? 152  SO4 A S   1 
HETATM 874  O  O1  A SO4 D 4 .   ? -1.692  10.371  13.353  0.50 8.02  ? 152  SO4 A O1  1 
HETATM 875  O  O1  B SO4 D 4 .   ? -0.673  10.506  14.407  0.50 14.72 ? 152  SO4 A O1  1 
HETATM 876  O  O2  A SO4 D 4 .   ? 0.558   11.003  12.885  0.50 12.20 ? 152  SO4 A O2  1 
HETATM 877  O  O2  B SO4 D 4 .   ? 1.652   10.775  14.128  0.50 8.58  ? 152  SO4 A O2  1 
HETATM 878  O  O3  A SO4 D 4 .   ? -0.043  8.688   13.177  0.50 8.78  ? 152  SO4 A O3  1 
HETATM 879  O  O3  B SO4 D 4 .   ? 0.841   9.193   15.773  0.50 2.00  ? 152  SO4 A O3  1 
HETATM 880  O  O4  A SO4 D 4 .   ? -0.694  9.796   11.236  0.50 8.02  ? 152  SO4 A O4  1 
HETATM 881  O  O4  B SO4 D 4 .   ? 0.611   8.754   13.428  0.50 9.09  ? 152  SO4 A O4  1 
HETATM 882  S  S   . SO4 E 4 .   ? 3.372   -15.094 3.898   0.50 19.74 ? 153  SO4 A S   1 
HETATM 883  O  O1  . SO4 E 4 .   ? 2.242   -14.155 3.962   0.50 10.41 ? 153  SO4 A O1  1 
HETATM 884  O  O2  . SO4 E 4 .   ? 4.567   -14.574 4.554   0.50 20.58 ? 153  SO4 A O2  1 
HETATM 885  O  O3  . SO4 E 4 .   ? 3.028   -16.376 4.520   0.50 18.63 ? 153  SO4 A O3  1 
HETATM 886  O  O4  . SO4 E 4 .   ? 3.669   -15.337 2.489   0.50 16.74 ? 153  SO4 A O4  1 
HETATM 887  S  S   . SO4 F 4 .   ? 13.156  -6.267  -4.289  1.00 43.02 ? 154  SO4 A S   1 
HETATM 888  O  O1  . SO4 F 4 .   ? 12.009  -6.479  -3.391  1.00 45.44 ? 154  SO4 A O1  1 
HETATM 889  O  O2  . SO4 F 4 .   ? 14.006  -5.197  -3.779  1.00 43.71 ? 154  SO4 A O2  1 
HETATM 890  O  O3  . SO4 F 4 .   ? 13.929  -7.508  -4.360  1.00 42.36 ? 154  SO4 A O3  1 
HETATM 891  O  O4  . SO4 F 4 .   ? 12.678  -5.903  -5.629  1.00 45.50 ? 154  SO4 A O4  1 
HETATM 892  S  S   . SO4 G 4 .   ? -7.255  3.934   -15.092 1.00 34.60 ? 155  SO4 A S   1 
HETATM 893  O  O1  . SO4 G 4 .   ? -7.940  2.768   -14.529 1.00 44.28 ? 155  SO4 A O1  1 
HETATM 894  O  O2  . SO4 G 4 .   ? -8.081  5.119   -14.817 1.00 28.70 ? 155  SO4 A O2  1 
HETATM 895  O  O3  . SO4 G 4 .   ? -5.932  4.015   -14.469 1.00 27.35 ? 155  SO4 A O3  1 
HETATM 896  O  O4  . SO4 G 4 .   ? -7.077  3.750   -16.533 1.00 43.64 ? 155  SO4 A O4  1 
HETATM 897  O  O   . HOH H 5 .   ? -5.240  8.444   -15.885 1.00 30.06 ? 2001 HOH A O   1 
HETATM 898  O  O   . HOH H 5 .   ? -5.576  10.936  -9.150  1.00 18.64 ? 2002 HOH A O   1 
HETATM 899  O  O   . HOH H 5 .   ? -8.895  6.036   -2.429  1.00 16.12 ? 2003 HOH A O   1 
HETATM 900  O  O   . HOH H 5 .   ? -10.026 7.665   -9.003  1.00 31.81 ? 2004 HOH A O   1 
HETATM 901  O  O   . HOH H 5 .   ? -11.362 5.986   -4.335  1.00 25.03 ? 2005 HOH A O   1 
HETATM 902  O  O   . HOH H 5 .   ? -8.194  3.613   -3.461  1.00 10.62 ? 2006 HOH A O   1 
HETATM 903  O  O   . HOH H 5 .   ? -6.926  8.761   -8.128  1.00 19.95 ? 2007 HOH A O   1 
HETATM 904  O  O   . HOH H 5 .   ? -0.417  -13.555 -6.304  1.00 21.37 ? 2008 HOH A O   1 
HETATM 905  O  O   . HOH H 5 .   ? -8.779  -12.720 -4.726  1.00 23.11 ? 2009 HOH A O   1 
HETATM 906  O  O   . HOH H 5 .   ? -8.814  -0.536  -9.450  1.00 22.18 ? 2010 HOH A O   1 
HETATM 907  O  O   . HOH H 5 .   ? -10.806 0.958   -8.379  1.00 20.02 ? 2011 HOH A O   1 
HETATM 908  O  O   . HOH H 5 .   ? -12.055 3.026   -4.272  1.00 22.30 ? 2012 HOH A O   1 
HETATM 909  O  O   . HOH H 5 .   ? -9.098  -3.098  -3.189  1.00 9.35  ? 2013 HOH A O   1 
HETATM 910  O  O   . HOH H 5 .   ? -2.572  -10.427 12.893  1.00 29.65 ? 2014 HOH A O   1 
HETATM 911  O  O   . HOH H 5 .   ? -12.137 -12.838 10.585  1.00 34.90 ? 2015 HOH A O   1 
HETATM 912  O  O   . HOH H 5 .   ? 1.058   -10.934 9.209   1.00 24.38 ? 2016 HOH A O   1 
HETATM 913  O  O   . HOH H 5 .   ? 1.666   -9.665  14.987  0.50 17.95 ? 2017 HOH A O   1 
HETATM 914  O  O   . HOH H 5 .   ? -17.060 -5.774  9.392   1.00 25.44 ? 2018 HOH A O   1 
HETATM 915  O  O   . HOH H 5 .   ? -12.241 -8.520  -5.576  1.00 22.27 ? 2019 HOH A O   1 
HETATM 916  O  O   . HOH H 5 .   ? -11.357 -2.909  -4.805  1.00 20.19 ? 2020 HOH A O   1 
HETATM 917  O  O   . HOH H 5 .   ? -8.128  -10.209 -5.389  1.00 22.05 ? 2021 HOH A O   1 
HETATM 918  O  O   . HOH H 5 .   ? -0.787  -10.897 -5.538  1.00 16.77 ? 2022 HOH A O   1 
HETATM 919  O  O   . HOH H 5 .   ? -3.251  -6.006  -10.430 1.00 28.18 ? 2023 HOH A O   1 
HETATM 920  O  O   . HOH H 5 .   ? -12.096 3.127   -1.621  1.00 25.77 ? 2024 HOH A O   1 
HETATM 921  O  O   . HOH H 5 .   ? -7.581  -12.674 0.993   1.00 29.37 ? 2025 HOH A O   1 
HETATM 922  O  O   . HOH H 5 .   ? -8.017  10.204  6.540   1.00 29.71 ? 2026 HOH A O   1 
HETATM 923  O  O   . HOH H 5 .   ? -10.957 9.159   2.984   1.00 32.38 ? 2027 HOH A O   1 
HETATM 924  O  O   . HOH H 5 .   ? -6.335  -15.527 -1.614  1.00 11.84 ? 2028 HOH A O   1 
HETATM 925  O  O   . HOH H 5 .   ? 1.467   8.674   6.483   0.50 13.91 ? 2029 HOH A O   1 
HETATM 926  O  O   . HOH H 5 .   ? 0.100   -16.804 -0.954  1.00 13.32 ? 2030 HOH A O   1 
HETATM 927  O  O   . HOH H 5 .   ? 3.544   -10.750 -2.668  1.00 19.24 ? 2031 HOH A O   1 
HETATM 928  O  O   . HOH H 5 .   ? -7.015  10.904  -4.693  1.00 19.36 ? 2032 HOH A O   1 
HETATM 929  O  O   . HOH H 5 .   ? -5.358  11.452  6.611   1.00 27.16 ? 2033 HOH A O   1 
HETATM 930  O  O   . HOH H 5 .   ? -8.114  8.715   -2.845  1.00 18.58 ? 2034 HOH A O   1 
HETATM 931  O  O   . HOH H 5 .   ? 0.075   13.733  2.648   1.00 14.53 ? 2035 HOH A O   1 
HETATM 932  O  O   . HOH H 5 .   ? -8.200  -12.346 5.296   1.00 25.08 ? 2036 HOH A O   1 
HETATM 933  O  O   . HOH H 5 .   ? -1.562  -10.513 10.361  1.00 21.60 ? 2037 HOH A O   1 
HETATM 934  O  O   . HOH H 5 .   ? -9.821  -13.152 9.323   1.00 28.46 ? 2038 HOH A O   1 
HETATM 935  O  O   . HOH H 5 .   ? -7.960  -5.496  13.489  1.00 32.87 ? 2039 HOH A O   1 
HETATM 936  O  O   . HOH H 5 .   ? -9.080  -10.444 7.172   1.00 11.10 ? 2040 HOH A O   1 
HETATM 937  O  O   . HOH H 5 .   ? -3.688  -13.144 11.402  1.00 28.51 ? 2041 HOH A O   1 
HETATM 938  O  O   . HOH H 5 .   ? -0.207  4.235   11.628  1.00 12.13 ? 2042 HOH A O   1 
HETATM 939  O  O   . HOH H 5 .   ? 2.507   -9.900  13.670  0.50 14.46 ? 2043 HOH A O   1 
HETATM 940  O  O   . HOH H 5 .   ? -2.902  -3.232  13.506  1.00 11.21 ? 2044 HOH A O   1 
HETATM 941  O  O   . HOH H 5 .   ? -6.023  -1.747  12.582  1.00 14.16 ? 2045 HOH A O   1 
HETATM 942  O  O   . HOH H 5 .   ? 2.368   -8.445  9.353   1.00 12.33 ? 2046 HOH A O   1 
HETATM 943  O  O   . HOH H 5 .   ? -14.884 -2.700  9.124   1.00 12.80 ? 2047 HOH A O   1 
HETATM 944  O  O   . HOH H 5 .   ? 12.875  -7.842  9.409   1.00 38.79 ? 2048 HOH A O   1 
HETATM 945  O  O   . HOH H 5 .   ? 12.189  -10.367 2.185   1.00 23.00 ? 2049 HOH A O   1 
HETATM 946  O  O   . HOH H 5 .   ? -15.691 -8.584  8.749   1.00 25.15 ? 2050 HOH A O   1 
HETATM 947  O  O   . HOH H 5 .   ? -13.581 -5.832  10.624  1.00 30.09 ? 2051 HOH A O   1 
HETATM 948  O  O   . HOH H 5 .   ? -11.191 -11.367 2.866   1.00 23.21 ? 2052 HOH A O   1 
HETATM 949  O  O   . HOH H 5 .   ? -12.750 -12.416 -0.528  1.00 10.85 ? 2053 HOH A O   1 
HETATM 950  O  O   . HOH H 5 .   ? -13.589 -4.120  -3.417  1.00 13.94 ? 2054 HOH A O   1 
HETATM 951  O  O   . HOH H 5 .   ? -16.832 -6.332  -6.443  1.00 28.99 ? 2055 HOH A O   1 
HETATM 952  O  O   . HOH H 5 .   ? -14.344 -11.309 -2.680  1.00 9.51  ? 2056 HOH A O   1 
HETATM 953  O  O   . HOH H 5 .   ? -19.805 -4.766  -1.310  1.00 17.92 ? 2057 HOH A O   1 
HETATM 954  O  O   . HOH H 5 .   ? 2.125   9.427   -15.988 1.00 22.91 ? 2058 HOH A O   1 
HETATM 955  O  O   . HOH H 5 .   ? 9.583   -4.952  -8.089  1.00 32.49 ? 2059 HOH A O   1 
HETATM 956  O  O   . HOH H 5 .   ? -18.275 -3.533  5.810   1.00 15.52 ? 2060 HOH A O   1 
HETATM 957  O  O   . HOH H 5 .   ? -18.275 -0.251  6.567   1.00 21.74 ? 2061 HOH A O   1 
HETATM 958  O  O   . HOH H 5 .   ? -14.471 6.097   5.673   1.00 17.36 ? 2062 HOH A O   1 
HETATM 959  O  O   . HOH H 5 .   ? -9.074  2.263   8.436   1.00 8.28  ? 2063 HOH A O   1 
HETATM 960  O  O   . HOH H 5 .   ? -10.771 5.769   -0.525  1.00 14.32 ? 2064 HOH A O   1 
HETATM 961  O  O   . HOH H 5 .   ? -8.476  8.793   4.165   1.00 13.06 ? 2065 HOH A O   1 
HETATM 962  O  O   . HOH H 5 .   ? -6.815  3.853   8.199   1.00 20.33 ? 2066 HOH A O   1 
HETATM 963  O  O   . HOH H 5 .   ? -1.336  9.432   4.313   1.00 11.24 ? 2067 HOH A O   1 
HETATM 964  O  O   . HOH H 5 .   ? -6.852  10.423  -1.220  1.00 21.36 ? 2068 HOH A O   1 
HETATM 965  O  O   . HOH H 5 .   ? -0.572  13.697  -0.023  1.00 8.62  ? 2069 HOH A O   1 
HETATM 966  O  O   . HOH H 5 .   ? -7.430  10.736  2.423   1.00 20.95 ? 2070 HOH A O   1 
HETATM 967  O  O   . HOH H 5 .   ? -3.581  11.255  4.683   1.00 13.68 ? 2071 HOH A O   1 
HETATM 968  O  O   . HOH H 5 .   ? 0.734   11.182  3.398   1.00 16.11 ? 2072 HOH A O   1 
HETATM 969  O  O   . HOH H 5 .   ? 8.463   6.507   0.368   1.00 8.91  ? 2073 HOH A O   1 
HETATM 970  O  O   . HOH H 5 .   ? 2.495   14.408  -6.034  1.00 6.34  ? 2074 HOH A O   1 
HETATM 971  O  O   . HOH H 5 .   ? 1.324   12.553  -7.518  1.00 8.74  ? 2075 HOH A O   1 
HETATM 972  O  O   . HOH H 5 .   ? -4.848  10.707  -6.210  1.00 10.76 ? 2076 HOH A O   1 
HETATM 973  O  O   . HOH H 5 .   ? 9.432   11.730  -1.128  1.00 28.70 ? 2077 HOH A O   1 
HETATM 974  O  O   . HOH H 5 .   ? 8.772   16.604  -7.555  1.00 26.91 ? 2078 HOH A O   1 
HETATM 975  O  O   . HOH H 5 .   ? 7.300   18.677  -1.270  1.00 22.91 ? 2079 HOH A O   1 
HETATM 976  O  O   . HOH H 5 .   ? 9.222   17.901  -5.434  1.00 29.35 ? 2080 HOH A O   1 
HETATM 977  O  O   . HOH H 5 .   ? 2.661   15.303  3.136   1.00 30.08 ? 2081 HOH A O   1 
HETATM 978  O  O   . HOH H 5 .   ? 11.499  10.290  3.442   1.00 29.22 ? 2082 HOH A O   1 
HETATM 979  O  O   . HOH H 5 .   ? 10.236  11.234  11.146  1.00 16.77 ? 2083 HOH A O   1 
HETATM 980  O  O   . HOH H 5 .   ? 4.572   11.900  5.014   1.00 28.02 ? 2084 HOH A O   1 
HETATM 981  O  O   . HOH H 5 .   ? 12.182  4.739   10.860  1.00 19.64 ? 2085 HOH A O   1 
HETATM 982  O  O   . HOH H 5 .   ? 12.344  9.798   5.989   1.00 17.92 ? 2086 HOH A O   1 
HETATM 983  O  O   . HOH H 5 .   ? 1.042   2.470   13.457  1.00 8.38  ? 2087 HOH A O   1 
HETATM 984  O  O   . HOH H 5 .   ? 11.894  2.669   12.542  1.00 24.60 ? 2088 HOH A O   1 
HETATM 985  O  O   . HOH H 5 .   ? -0.823  -4.969  14.296  1.00 25.18 ? 2089 HOH A O   1 
HETATM 986  O  O   . HOH H 5 .   ? -5.647  0.982   14.999  1.00 21.67 ? 2090 HOH A O   1 
HETATM 987  O  O   . HOH H 5 .   ? -1.202  4.328   15.088  1.00 9.30  ? 2091 HOH A O   1 
HETATM 988  O  O   . HOH H 5 .   ? 5.900   -9.457  11.234  1.00 21.64 ? 2092 HOH A O   1 
HETATM 989  O  O   . HOH H 5 .   ? 8.431   -6.891  12.057  1.00 29.32 ? 2093 HOH A O   1 
HETATM 990  O  O   . HOH H 5 .   ? 11.880  -5.510  9.567   1.00 25.33 ? 2094 HOH A O   1 
HETATM 991  O  O   . HOH H 5 .   ? 13.139  -8.613  4.291   1.00 24.39 ? 2095 HOH A O   1 
HETATM 992  O  O   . HOH H 5 .   ? 14.572  -3.446  5.001   1.00 20.34 ? 2096 HOH A O   1 
HETATM 993  O  O   . HOH H 5 .   ? 10.907  -8.732  8.237   1.00 20.30 ? 2097 HOH A O   1 
HETATM 994  O  O   . HOH H 5 .   ? 8.594   -8.894  9.435   1.00 25.41 ? 2098 HOH A O   1 
HETATM 995  O  O   . HOH H 5 .   ? 15.348  -4.938  2.954   0.50 15.04 ? 2099 HOH A O   1 
HETATM 996  O  O   . HOH H 5 .   ? 15.813  -4.298  1.893   0.50 21.86 ? 2100 HOH A O   1 
HETATM 997  O  O   . HOH H 5 .   ? 14.156  -9.341  0.459   1.00 35.96 ? 2101 HOH A O   1 
HETATM 998  O  O   . HOH H 5 .   ? 8.919   -10.816 -1.731  1.00 34.85 ? 2102 HOH A O   1 
HETATM 999  O  O   . HOH H 5 .   ? 6.362   -11.525 -3.303  1.00 26.20 ? 2103 HOH A O   1 
HETATM 1000 O  O   . HOH H 5 .   ? 6.739   -13.659 -0.375  1.00 25.82 ? 2104 HOH A O   1 
HETATM 1001 O  O   . HOH H 5 .   ? 6.910   -1.831  -6.625  1.00 12.77 ? 2105 HOH A O   1 
HETATM 1002 O  O   . HOH H 5 .   ? 9.114   -6.836  -6.552  1.00 28.59 ? 2106 HOH A O   1 
HETATM 1003 O  O   . HOH H 5 .   ? 5.514   -8.097  -9.237  1.00 27.21 ? 2107 HOH A O   1 
HETATM 1004 O  O   . HOH H 5 .   ? -0.309  -6.349  -13.485 1.00 25.09 ? 2108 HOH A O   1 
HETATM 1005 O  O   . HOH H 5 .   ? 6.441   -13.720 2.847   0.50 12.78 ? 2109 HOH A O   1 
HETATM 1006 O  O   . HOH H 5 .   ? 0.600   -4.469  -17.685 1.00 18.37 ? 2110 HOH A O   1 
HETATM 1007 O  O   . HOH H 5 .   ? -6.638  -1.970  -15.095 1.00 34.09 ? 2111 HOH A O   1 
HETATM 1008 O  O   . HOH H 5 .   ? -4.503  -4.352  -17.077 1.00 33.93 ? 2112 HOH A O   1 
HETATM 1009 O  O   . HOH H 5 .   ? -4.292  3.775   -17.562 1.00 29.74 ? 2113 HOH A O   1 
HETATM 1010 O  O   . HOH H 5 .   ? -1.643  5.446   -15.136 1.00 16.21 ? 2114 HOH A O   1 
HETATM 1011 O  O   . HOH H 5 .   ? 0.539   4.740   -19.468 1.00 27.25 ? 2115 HOH A O   1 
HETATM 1012 O  O   . HOH H 5 .   ? 2.795   6.486   -16.790 1.00 20.84 ? 2116 HOH A O   1 
HETATM 1013 O  O   . HOH H 5 .   ? 4.911   0.324   -14.053 1.00 19.79 ? 2117 HOH A O   1 
HETATM 1014 O  O   . HOH H 5 .   ? 7.906   0.647   -14.258 1.00 25.36 ? 2118 HOH A O   1 
HETATM 1015 O  O   . HOH H 5 .   ? 5.288   -1.761  -12.303 1.00 16.07 ? 2119 HOH A O   1 
HETATM 1016 O  O   . HOH H 5 .   ? 9.042   -2.278  -8.337  1.00 18.79 ? 2120 HOH A O   1 
HETATM 1017 O  O   . HOH H 5 .   ? 5.175   -0.287  -8.059  1.00 9.09  ? 2121 HOH A O   1 
HETATM 1018 O  O   . HOH H 5 .   ? 12.974  0.057   -6.951  1.00 30.71 ? 2122 HOH A O   1 
HETATM 1019 O  O   . HOH H 5 .   ? 15.427  2.595   -5.112  1.00 30.62 ? 2123 HOH A O   1 
HETATM 1020 O  O   . HOH H 5 .   ? 15.946  -0.020  0.553   1.00 19.28 ? 2124 HOH A O   1 
HETATM 1021 O  O   . HOH H 5 .   ? 10.020  8.425   -0.795  1.00 20.51 ? 2125 HOH A O   1 
HETATM 1022 O  O   . HOH H 5 .   ? 14.160  8.073   3.489   1.00 36.19 ? 2126 HOH A O   1 
HETATM 1023 O  O   . HOH H 5 .   ? -0.869  8.877   6.860   0.50 9.61  ? 2127 HOH A O   1 
HETATM 1024 O  O   . HOH H 5 .   ? -6.985  4.135   12.237  0.50 20.87 ? 2128 HOH A O   1 
HETATM 1025 O  O   . HOH H 5 .   ? -6.286  3.135   13.196  0.50 13.12 ? 2129 HOH A O   1 
HETATM 1026 O  O   . HOH H 5 .   ? -3.633  6.568   12.529  1.00 14.09 ? 2130 HOH A O   1 
HETATM 1027 O  O   . HOH H 5 .   ? -8.216  1.492   12.526  1.00 18.23 ? 2131 HOH A O   1 
HETATM 1028 O  O   . HOH H 5 .   ? -2.865  4.095   10.863  1.00 11.66 ? 2132 HOH A O   1 
HETATM 1029 O  O   . HOH H 5 .   ? -7.557  -0.123  8.989   1.00 8.82  ? 2133 HOH A O   1 
HETATM 1030 O  O   . HOH H 5 .   ? -1.670  10.447  8.860   1.00 37.46 ? 2134 HOH A O   1 
HETATM 1031 O  O   . HOH H 5 .   ? -4.032  9.456   12.356  1.00 25.94 ? 2135 HOH A O   1 
HETATM 1032 O  O   . HOH H 5 .   ? -0.639  10.488  17.693  1.00 8.06  ? 2136 HOH A O   1 
HETATM 1033 O  O   . HOH H 5 .   ? -2.295  11.675  15.893  1.00 11.04 ? 2137 HOH A O   1 
HETATM 1034 O  O   . HOH H 5 .   ? 6.063   -14.961 2.038   0.50 24.20 ? 2138 HOH A O   1 
HETATM 1035 O  O   . HOH H 5 .   ? 4.768   -12.218 5.553   1.00 17.30 ? 2139 HOH A O   1 
HETATM 1036 O  O   . HOH H 5 .   ? -4.094  6.013   -14.386 1.00 13.67 ? 2140 HOH A O   1 
# 
loop_
_pdbx_poly_seq_scheme.asym_id 
_pdbx_poly_seq_scheme.entity_id 
_pdbx_poly_seq_scheme.seq_id 
_pdbx_poly_seq_scheme.mon_id 
_pdbx_poly_seq_scheme.ndb_seq_num 
_pdbx_poly_seq_scheme.pdb_seq_num 
_pdbx_poly_seq_scheme.auth_seq_num 
_pdbx_poly_seq_scheme.pdb_mon_id 
_pdbx_poly_seq_scheme.auth_mon_id 
_pdbx_poly_seq_scheme.pdb_strand_id 
_pdbx_poly_seq_scheme.pdb_ins_code 
_pdbx_poly_seq_scheme.hetero 
A 1 1   MET 1   0   0   MET MET A . n 
A 1 2   VAL 2   1   1   VAL VAL A . n 
A 1 3   ASN 3   2   2   ASN ASN A . n 
A 1 4   TRP 4   3   3   TRP TRP A . n 
A 1 5   ALA 5   4   4   ALA ALA A . n 
A 1 6   ALA 6   5   5   ALA ALA A . n 
A 1 7   VAL 7   6   6   VAL VAL A . n 
A 1 8   VAL 8   7   7   VAL VAL A . n 
A 1 9   ASP 9   8   8   ASP ASP A . n 
A 1 10  ASP 10  9   9   ASP ASP A . n 
A 1 11  PHE 11  10  10  PHE PHE A . n 
A 1 12  TYR 12  11  11  TYR TYR A . n 
A 1 13  GLN 13  12  12  GLN GLN A . n 
A 1 14  GLU 14  13  13  GLU GLU A . n 
A 1 15  LEU 15  14  14  LEU LEU A . n 
A 1 16  PHE 16  15  15  PHE PHE A . n 
A 1 17  LYS 17  16  16  LYS LYS A . n 
A 1 18  ALA 18  17  17  ALA ALA A . n 
A 1 19  HIS 19  18  18  HIS HIS A . n 
A 1 20  PRO 20  19  19  PRO PRO A . n 
A 1 21  GLU 21  20  20  GLU GLU A . n 
A 1 22  TYR 22  21  21  TYR TYR A . n 
A 1 23  GLN 23  22  22  GLN GLN A . n 
A 1 24  ASN 24  23  23  ASN ASN A . n 
A 1 25  LYS 25  24  24  LYS LYS A . n 
A 1 26  PHE 26  25  25  PHE PHE A . n 
A 1 27  GLY 27  26  26  GLY GLY A . n 
A 1 28  PHE 28  27  27  PHE PHE A . n 
A 1 29  LYS 29  28  28  LYS LYS A . n 
A 1 30  GLY 30  29  29  GLY GLY A . n 
A 1 31  VAL 31  30  30  VAL VAL A . n 
A 1 32  ALA 32  31  31  ALA ALA A . n 
A 1 33  LEU 33  32  32  LEU LEU A . n 
A 1 34  GLY 34  33  33  GLY GLY A . n 
A 1 35  SER 35  34  34  SER SER A . n 
A 1 36  LEU 36  35  35  LEU LEU A . n 
A 1 37  LYS 37  36  36  LYS LYS A . n 
A 1 38  GLY 38  37  37  GLY GLY A . n 
A 1 39  ASN 39  38  38  ASN ASN A . n 
A 1 40  ALA 40  39  39  ALA ALA A . n 
A 1 41  ALA 41  40  40  ALA ALA A . n 
A 1 42  TYR 42  41  41  TYR TYR A . n 
A 1 43  LYS 43  42  42  LYS LYS A . n 
A 1 44  THR 44  43  43  THR THR A . n 
A 1 45  GLN 45  44  44  GLN GLN A . n 
A 1 46  ALA 46  45  45  ALA ALA A . n 
A 1 47  GLY 47  46  46  GLY GLY A . n 
A 1 48  LYS 48  47  47  LYS LYS A . n 
A 1 49  THR 49  48  48  THR THR A . n 
A 1 50  VAL 50  49  49  VAL VAL A . n 
A 1 51  ASP 51  50  50  ASP ASP A . n 
A 1 52  TYR 52  51  51  TYR TYR A . n 
A 1 53  ILE 53  52  52  ILE ILE A . n 
A 1 54  ASN 54  53  53  ASN ASN A . n 
A 1 55  ALA 55  54  54  ALA ALA A . n 
A 1 56  ALA 56  55  55  ALA ALA A . n 
A 1 57  ILE 57  56  56  ILE ILE A . n 
A 1 58  GLY 58  57  57  GLY GLY A . n 
A 1 59  GLY 59  58  58  GLY GLY A . n 
A 1 60  SER 60  59  59  SER SER A . n 
A 1 61  ALA 61  60  60  ALA ALA A . n 
A 1 62  ASP 62  61  61  ASP ASP A . n 
A 1 63  ALA 63  62  62  ALA ALA A . n 
A 1 64  ALA 64  63  63  ALA ALA A . n 
A 1 65  GLY 65  64  64  GLY GLY A . n 
A 1 66  LEU 66  65  65  LEU LEU A . n 
A 1 67  ALA 67  66  66  ALA ALA A . n 
A 1 68  SER 68  67  67  SER SER A . n 
A 1 69  ARG 69  68  68  ARG ARG A . n 
A 1 70  HIS 70  69  69  HIS HIS A . n 
A 1 71  LYS 71  70  70  LYS LYS A . n 
A 1 72  GLY 72  71  71  GLY GLY A . n 
A 1 73  ARG 73  72  72  ARG ARG A . n 
A 1 74  ASN 74  73  73  ASN ASN A . n 
A 1 75  VAL 75  74  74  VAL VAL A . n 
A 1 76  GLY 76  75  75  GLY GLY A . n 
A 1 77  SER 77  76  76  SER SER A . n 
A 1 78  ALA 78  77  77  ALA ALA A . n 
A 1 79  GLU 79  78  78  GLU GLU A . n 
A 1 80  PHE 80  79  79  PHE PHE A . n 
A 1 81  HIS 81  80  80  HIS HIS A . n 
A 1 82  ASN 82  81  81  ASN ASN A . n 
A 1 83  ALA 83  82  82  ALA ALA A . n 
A 1 84  LYS 84  83  83  LYS LYS A . n 
A 1 85  ALA 85  84  84  ALA ALA A . n 
A 1 86  CYS 86  85  85  CYS CYS A . n 
A 1 87  ALA 87  86  86  ALA ALA A . n 
A 1 88  ALA 88  87  87  ALA ALA A . n 
A 1 89  LYS 89  88  88  LYS LYS A . n 
A 1 90  ALA 90  89  89  ALA ALA A . n 
A 1 91  CYS 91  90  90  CYS CYS A . n 
A 1 92  SER 92  91  91  SER SER A . n 
A 1 93  ALA 93  92  92  ALA ALA A . n 
A 1 94  HIS 94  93  93  HIS HIS A . n 
A 1 95  GLY 95  94  94  GLY GLY A . n 
A 1 96  ALA 96  95  95  ALA ALA A . n 
A 1 97  PRO 97  96  96  PRO PRO A . n 
A 1 98  ASP 98  97  97  ASP ASP A . n 
A 1 99  LEU 99  98  98  LEU LEU A . n 
A 1 100 GLY 100 99  99  GLY GLY A . n 
A 1 101 HIS 101 100 100 HIS HIS A . n 
A 1 102 ALA 102 101 101 ALA ALA A . n 
A 1 103 ILE 103 102 102 ILE ILE A . n 
A 1 104 ASP 104 103 103 ASP ASP A . n 
A 1 105 ASP 105 104 104 ASP ASP A . n 
A 1 106 ILE 106 105 105 ILE ILE A . n 
A 1 107 LEU 107 106 106 LEU LEU A . n 
A 1 108 SER 108 107 107 SER SER A . n 
A 1 109 HIS 109 108 108 HIS HIS A . n 
A 1 110 LEU 110 109 109 LEU LEU A . n 
# 
loop_
_pdbx_nonpoly_scheme.asym_id 
_pdbx_nonpoly_scheme.entity_id 
_pdbx_nonpoly_scheme.mon_id 
_pdbx_nonpoly_scheme.ndb_seq_num 
_pdbx_nonpoly_scheme.pdb_seq_num 
_pdbx_nonpoly_scheme.auth_seq_num 
_pdbx_nonpoly_scheme.pdb_mon_id 
_pdbx_nonpoly_scheme.auth_mon_id 
_pdbx_nonpoly_scheme.pdb_strand_id 
_pdbx_nonpoly_scheme.pdb_ins_code 
B 2 HEM 1   144  144  HEM HEM A . 
C 3 OXY 1   150  150  OXY OXY A . 
D 4 SO4 1   152  152  SO4 SO4 A . 
E 4 SO4 1   153  153  SO4 SO4 A . 
F 4 SO4 1   154  154  SO4 SO4 A . 
G 4 SO4 1   155  155  SO4 SO4 A . 
H 5 HOH 1   2001 2001 HOH HOH A . 
H 5 HOH 2   2002 2002 HOH HOH A . 
H 5 HOH 3   2003 2003 HOH HOH A . 
H 5 HOH 4   2004 2004 HOH HOH A . 
H 5 HOH 5   2005 2005 HOH HOH A . 
H 5 HOH 6   2006 2006 HOH HOH A . 
H 5 HOH 7   2007 2007 HOH HOH A . 
H 5 HOH 8   2008 2008 HOH HOH A . 
H 5 HOH 9   2009 2009 HOH HOH A . 
H 5 HOH 10  2010 2010 HOH HOH A . 
H 5 HOH 11  2011 2011 HOH HOH A . 
H 5 HOH 12  2012 2012 HOH HOH A . 
H 5 HOH 13  2013 2013 HOH HOH A . 
H 5 HOH 14  2014 2014 HOH HOH A . 
H 5 HOH 15  2015 2015 HOH HOH A . 
H 5 HOH 16  2016 2016 HOH HOH A . 
H 5 HOH 17  2017 2017 HOH HOH A . 
H 5 HOH 18  2018 2018 HOH HOH A . 
H 5 HOH 19  2019 2019 HOH HOH A . 
H 5 HOH 20  2020 2020 HOH HOH A . 
H 5 HOH 21  2021 2021 HOH HOH A . 
H 5 HOH 22  2022 2022 HOH HOH A . 
H 5 HOH 23  2023 2023 HOH HOH A . 
H 5 HOH 24  2024 2024 HOH HOH A . 
H 5 HOH 25  2025 2025 HOH HOH A . 
H 5 HOH 26  2026 2026 HOH HOH A . 
H 5 HOH 27  2027 2027 HOH HOH A . 
H 5 HOH 28  2028 2028 HOH HOH A . 
H 5 HOH 29  2029 2029 HOH HOH A . 
H 5 HOH 30  2030 2030 HOH HOH A . 
H 5 HOH 31  2031 2031 HOH HOH A . 
H 5 HOH 32  2032 2032 HOH HOH A . 
H 5 HOH 33  2033 2033 HOH HOH A . 
H 5 HOH 34  2034 2034 HOH HOH A . 
H 5 HOH 35  2035 2035 HOH HOH A . 
H 5 HOH 36  2036 2036 HOH HOH A . 
H 5 HOH 37  2037 2037 HOH HOH A . 
H 5 HOH 38  2038 2038 HOH HOH A . 
H 5 HOH 39  2039 2039 HOH HOH A . 
H 5 HOH 40  2040 2040 HOH HOH A . 
H 5 HOH 41  2041 2041 HOH HOH A . 
H 5 HOH 42  2042 2042 HOH HOH A . 
H 5 HOH 43  2043 2043 HOH HOH A . 
H 5 HOH 44  2044 2044 HOH HOH A . 
H 5 HOH 45  2045 2045 HOH HOH A . 
H 5 HOH 46  2046 2046 HOH HOH A . 
H 5 HOH 47  2047 2047 HOH HOH A . 
H 5 HOH 48  2048 2048 HOH HOH A . 
H 5 HOH 49  2049 2049 HOH HOH A . 
H 5 HOH 50  2050 2050 HOH HOH A . 
H 5 HOH 51  2051 2051 HOH HOH A . 
H 5 HOH 52  2052 2052 HOH HOH A . 
H 5 HOH 53  2053 2053 HOH HOH A . 
H 5 HOH 54  2054 2054 HOH HOH A . 
H 5 HOH 55  2055 2055 HOH HOH A . 
H 5 HOH 56  2056 2056 HOH HOH A . 
H 5 HOH 57  2057 2057 HOH HOH A . 
H 5 HOH 58  2058 2058 HOH HOH A . 
H 5 HOH 59  2059 2059 HOH HOH A . 
H 5 HOH 60  2060 2060 HOH HOH A . 
H 5 HOH 61  2061 2061 HOH HOH A . 
H 5 HOH 62  2062 2062 HOH HOH A . 
H 5 HOH 63  2063 2063 HOH HOH A . 
H 5 HOH 64  2064 2064 HOH HOH A . 
H 5 HOH 65  2065 2065 HOH HOH A . 
H 5 HOH 66  2066 2066 HOH HOH A . 
H 5 HOH 67  2067 2067 HOH HOH A . 
H 5 HOH 68  2068 2068 HOH HOH A . 
H 5 HOH 69  2069 2069 HOH HOH A . 
H 5 HOH 70  2070 2070 HOH HOH A . 
H 5 HOH 71  2071 2071 HOH HOH A . 
H 5 HOH 72  2072 2072 HOH HOH A . 
H 5 HOH 73  2073 2073 HOH HOH A . 
H 5 HOH 74  2074 2074 HOH HOH A . 
H 5 HOH 75  2075 2075 HOH HOH A . 
H 5 HOH 76  2076 2076 HOH HOH A . 
H 5 HOH 77  2077 2077 HOH HOH A . 
H 5 HOH 78  2078 2078 HOH HOH A . 
H 5 HOH 79  2079 2079 HOH HOH A . 
H 5 HOH 80  2080 2080 HOH HOH A . 
H 5 HOH 81  2081 2081 HOH HOH A . 
H 5 HOH 82  2082 2082 HOH HOH A . 
H 5 HOH 83  2083 2083 HOH HOH A . 
H 5 HOH 84  2084 2084 HOH HOH A . 
H 5 HOH 85  2085 2085 HOH HOH A . 
H 5 HOH 86  2086 2086 HOH HOH A . 
H 5 HOH 87  2087 2087 HOH HOH A . 
H 5 HOH 88  2088 2088 HOH HOH A . 
H 5 HOH 89  2089 2089 HOH HOH A . 
H 5 HOH 90  2090 2090 HOH HOH A . 
H 5 HOH 91  2091 2091 HOH HOH A . 
H 5 HOH 92  2092 2092 HOH HOH A . 
H 5 HOH 93  2093 2093 HOH HOH A . 
H 5 HOH 94  2094 2094 HOH HOH A . 
H 5 HOH 95  2095 2095 HOH HOH A . 
H 5 HOH 96  2096 2096 HOH HOH A . 
H 5 HOH 97  2097 2097 HOH HOH A . 
H 5 HOH 98  2098 2098 HOH HOH A . 
H 5 HOH 99  2099 2099 HOH HOH A . 
H 5 HOH 100 2100 2100 HOH HOH A . 
H 5 HOH 101 2101 2101 HOH HOH A . 
H 5 HOH 102 2102 2102 HOH HOH A . 
H 5 HOH 103 2103 2103 HOH HOH A . 
H 5 HOH 104 2104 2104 HOH HOH A . 
H 5 HOH 105 2105 2105 HOH HOH A . 
H 5 HOH 106 2106 2106 HOH HOH A . 
H 5 HOH 107 2107 2107 HOH HOH A . 
H 5 HOH 108 2108 2108 HOH HOH A . 
H 5 HOH 109 2109 2109 HOH HOH A . 
H 5 HOH 110 2110 2110 HOH HOH A . 
H 5 HOH 111 2111 2111 HOH HOH A . 
H 5 HOH 112 2112 2112 HOH HOH A . 
H 5 HOH 113 2113 2113 HOH HOH A . 
H 5 HOH 114 2114 2114 HOH HOH A . 
H 5 HOH 115 2115 2115 HOH HOH A . 
H 5 HOH 116 2116 2116 HOH HOH A . 
H 5 HOH 117 2117 2117 HOH HOH A . 
H 5 HOH 118 2118 2118 HOH HOH A . 
H 5 HOH 119 2119 2119 HOH HOH A . 
H 5 HOH 120 2120 2120 HOH HOH A . 
H 5 HOH 121 2121 2121 HOH HOH A . 
H 5 HOH 122 2122 2122 HOH HOH A . 
H 5 HOH 123 2123 2123 HOH HOH A . 
H 5 HOH 124 2124 2124 HOH HOH A . 
H 5 HOH 125 2125 2125 HOH HOH A . 
H 5 HOH 126 2126 2126 HOH HOH A . 
H 5 HOH 127 2127 2127 HOH HOH A . 
H 5 HOH 128 2128 2128 HOH HOH A . 
H 5 HOH 129 2129 2129 HOH HOH A . 
H 5 HOH 130 2130 2130 HOH HOH A . 
H 5 HOH 131 2131 2131 HOH HOH A . 
H 5 HOH 132 2132 2132 HOH HOH A . 
H 5 HOH 133 2133 2133 HOH HOH A . 
H 5 HOH 134 2134 2134 HOH HOH A . 
H 5 HOH 135 2135 2135 HOH HOH A . 
H 5 HOH 136 2136 2136 HOH HOH A . 
H 5 HOH 137 2137 2137 HOH HOH A . 
H 5 HOH 138 2138 2138 HOH HOH A . 
H 5 HOH 139 2139 2139 HOH HOH A . 
H 5 HOH 140 2140 2140 HOH HOH A . 
# 
_pdbx_struct_assembly.id                   1 
_pdbx_struct_assembly.details              author_and_software_defined_assembly 
_pdbx_struct_assembly.method_details       PISA 
_pdbx_struct_assembly.oligomeric_details   monomeric 
_pdbx_struct_assembly.oligomeric_count     1 
# 
_pdbx_struct_assembly_gen.assembly_id       1 
_pdbx_struct_assembly_gen.oper_expression   1 
_pdbx_struct_assembly_gen.asym_id_list      A,B,C,D,E,F,G,H 
# 
_pdbx_struct_oper_list.id                   1 
_pdbx_struct_oper_list.type                 'identity operation' 
_pdbx_struct_oper_list.name                 1_555 
_pdbx_struct_oper_list.symmetry_operation   x,y,z 
_pdbx_struct_oper_list.matrix[1][1]         1.0000000000 
_pdbx_struct_oper_list.matrix[1][2]         0.0000000000 
_pdbx_struct_oper_list.matrix[1][3]         0.0000000000 
_pdbx_struct_oper_list.vector[1]            0.0000000000 
_pdbx_struct_oper_list.matrix[2][1]         0.0000000000 
_pdbx_struct_oper_list.matrix[2][2]         1.0000000000 
_pdbx_struct_oper_list.matrix[2][3]         0.0000000000 
_pdbx_struct_oper_list.vector[2]            0.0000000000 
_pdbx_struct_oper_list.matrix[3][1]         0.0000000000 
_pdbx_struct_oper_list.matrix[3][2]         0.0000000000 
_pdbx_struct_oper_list.matrix[3][3]         1.0000000000 
_pdbx_struct_oper_list.vector[3]            0.0000000000 
# 
loop_
_pdbx_struct_conn_angle.id 
_pdbx_struct_conn_angle.ptnr1_label_atom_id 
_pdbx_struct_conn_angle.ptnr1_label_alt_id 
_pdbx_struct_conn_angle.ptnr1_label_asym_id 
_pdbx_struct_conn_angle.ptnr1_label_comp_id 
_pdbx_struct_conn_angle.ptnr1_label_seq_id 
_pdbx_struct_conn_angle.ptnr1_auth_atom_id 
_pdbx_struct_conn_angle.ptnr1_auth_asym_id 
_pdbx_struct_conn_angle.ptnr1_auth_comp_id 
_pdbx_struct_conn_angle.ptnr1_auth_seq_id 
_pdbx_struct_conn_angle.ptnr1_PDB_ins_code 
_pdbx_struct_conn_angle.ptnr1_symmetry 
_pdbx_struct_conn_angle.ptnr2_label_atom_id 
_pdbx_struct_conn_angle.ptnr2_label_alt_id 
_pdbx_struct_conn_angle.ptnr2_label_asym_id 
_pdbx_struct_conn_angle.ptnr2_label_comp_id 
_pdbx_struct_conn_angle.ptnr2_label_seq_id 
_pdbx_struct_conn_angle.ptnr2_auth_atom_id 
_pdbx_struct_conn_angle.ptnr2_auth_asym_id 
_pdbx_struct_conn_angle.ptnr2_auth_comp_id 
_pdbx_struct_conn_angle.ptnr2_auth_seq_id 
_pdbx_struct_conn_angle.ptnr2_PDB_ins_code 
_pdbx_struct_conn_angle.ptnr2_symmetry 
_pdbx_struct_conn_angle.ptnr3_label_atom_id 
_pdbx_struct_conn_angle.ptnr3_label_alt_id 
_pdbx_struct_conn_angle.ptnr3_label_asym_id 
_pdbx_struct_conn_angle.ptnr3_label_comp_id 
_pdbx_struct_conn_angle.ptnr3_label_seq_id 
_pdbx_struct_conn_angle.ptnr3_auth_atom_id 
_pdbx_struct_conn_angle.ptnr3_auth_asym_id 
_pdbx_struct_conn_angle.ptnr3_auth_comp_id 
_pdbx_struct_conn_angle.ptnr3_auth_seq_id 
_pdbx_struct_conn_angle.ptnr3_PDB_ins_code 
_pdbx_struct_conn_angle.ptnr3_symmetry 
_pdbx_struct_conn_angle.value 
_pdbx_struct_conn_angle.value_esd 
1  NE2 ? A HIS 70 ? A HIS 69  ? 1_555 FE ? B HEM . ? A HEM 144 ? 1_555 NA ? B HEM . ? A HEM 144 ? 1_555 89.2  ? 
2  NE2 ? A HIS 70 ? A HIS 69  ? 1_555 FE ? B HEM . ? A HEM 144 ? 1_555 NB ? B HEM . ? A HEM 144 ? 1_555 93.5  ? 
3  NA  ? B HEM .  ? A HEM 144 ? 1_555 FE ? B HEM . ? A HEM 144 ? 1_555 NB ? B HEM . ? A HEM 144 ? 1_555 90.5  ? 
4  NE2 ? A HIS 70 ? A HIS 69  ? 1_555 FE ? B HEM . ? A HEM 144 ? 1_555 NC ? B HEM . ? A HEM 144 ? 1_555 89.4  ? 
5  NA  ? B HEM .  ? A HEM 144 ? 1_555 FE ? B HEM . ? A HEM 144 ? 1_555 NC ? B HEM . ? A HEM 144 ? 1_555 178.6 ? 
6  NB  ? B HEM .  ? A HEM 144 ? 1_555 FE ? B HEM . ? A HEM 144 ? 1_555 NC ? B HEM . ? A HEM 144 ? 1_555 89.8  ? 
7  NE2 ? A HIS 70 ? A HIS 69  ? 1_555 FE ? B HEM . ? A HEM 144 ? 1_555 ND ? B HEM . ? A HEM 144 ? 1_555 86.8  ? 
8  NA  ? B HEM .  ? A HEM 144 ? 1_555 FE ? B HEM . ? A HEM 144 ? 1_555 ND ? B HEM . ? A HEM 144 ? 1_555 89.9  ? 
9  NB  ? B HEM .  ? A HEM 144 ? 1_555 FE ? B HEM . ? A HEM 144 ? 1_555 ND ? B HEM . ? A HEM 144 ? 1_555 179.5 ? 
10 NC  ? B HEM .  ? A HEM 144 ? 1_555 FE ? B HEM . ? A HEM 144 ? 1_555 ND ? B HEM . ? A HEM 144 ? 1_555 89.9  ? 
11 NE2 ? A HIS 70 ? A HIS 69  ? 1_555 FE ? B HEM . ? A HEM 144 ? 1_555 O2 ? C OXY . ? A OXY 150 ? 1_555 158.3 ? 
12 NA  ? B HEM .  ? A HEM 144 ? 1_555 FE ? B HEM . ? A HEM 144 ? 1_555 O2 ? C OXY . ? A OXY 150 ? 1_555 105.8 ? 
13 NB  ? B HEM .  ? A HEM 144 ? 1_555 FE ? B HEM . ? A HEM 144 ? 1_555 O2 ? C OXY . ? A OXY 150 ? 1_555 71.2  ? 
14 NC  ? B HEM .  ? A HEM 144 ? 1_555 FE ? B HEM . ? A HEM 144 ? 1_555 O2 ? C OXY . ? A OXY 150 ? 1_555 75.6  ? 
15 ND  ? B HEM .  ? A HEM 144 ? 1_555 FE ? B HEM . ? A HEM 144 ? 1_555 O2 ? C OXY . ? A OXY 150 ? 1_555 108.4 ? 
16 NE2 ? A HIS 70 ? A HIS 69  ? 1_555 FE ? B HEM . ? A HEM 144 ? 1_555 O1 ? C OXY . ? A OXY 150 ? 1_555 175.5 ? 
17 NA  ? B HEM .  ? A HEM 144 ? 1_555 FE ? B HEM . ? A HEM 144 ? 1_555 O1 ? C OXY . ? A OXY 150 ? 1_555 89.5  ? 
18 NB  ? B HEM .  ? A HEM 144 ? 1_555 FE ? B HEM . ? A HEM 144 ? 1_555 O1 ? C OXY . ? A OXY 150 ? 1_555 90.8  ? 
19 NC  ? B HEM .  ? A HEM 144 ? 1_555 FE ? B HEM . ? A HEM 144 ? 1_555 O1 ? C OXY . ? A OXY 150 ? 1_555 91.9  ? 
20 ND  ? B HEM .  ? A HEM 144 ? 1_555 FE ? B HEM . ? A HEM 144 ? 1_555 O1 ? C OXY . ? A OXY 150 ? 1_555 88.8  ? 
21 O2  ? C OXY .  ? A OXY 150 ? 1_555 FE ? B HEM . ? A HEM 144 ? 1_555 O1 ? C OXY . ? A OXY 150 ? 1_555 25.8  ? 
# 
loop_
_pdbx_audit_revision_history.ordinal 
_pdbx_audit_revision_history.data_content_type 
_pdbx_audit_revision_history.major_revision 
_pdbx_audit_revision_history.minor_revision 
_pdbx_audit_revision_history.revision_date 
1 'Structure model' 1 0 2010-12-08 
2 'Structure model' 1 1 2011-07-07 
3 'Structure model' 1 2 2011-07-13 
4 'Structure model' 1 3 2019-05-15 
5 'Structure model' 1 4 2023-12-20 
# 
_pdbx_audit_revision_details.ordinal             1 
_pdbx_audit_revision_details.revision_ordinal    1 
_pdbx_audit_revision_details.data_content_type   'Structure model' 
_pdbx_audit_revision_details.provider            repository 
_pdbx_audit_revision_details.type                'Initial release' 
_pdbx_audit_revision_details.description         ? 
_pdbx_audit_revision_details.details             ? 
# 
loop_
_pdbx_audit_revision_group.ordinal 
_pdbx_audit_revision_group.revision_ordinal 
_pdbx_audit_revision_group.data_content_type 
_pdbx_audit_revision_group.group 
1  2 'Structure model' 'Version format compliance' 
2  3 'Structure model' 'Version format compliance' 
3  4 'Structure model' 'Data collection'           
4  4 'Structure model' 'Experimental preparation'  
5  4 'Structure model' Other                       
6  5 'Structure model' 'Data collection'           
7  5 'Structure model' 'Database references'       
8  5 'Structure model' 'Derived calculations'      
9  5 'Structure model' Other                       
10 5 'Structure model' 'Refinement description'    
# 
loop_
_pdbx_audit_revision_category.ordinal 
_pdbx_audit_revision_category.revision_ordinal 
_pdbx_audit_revision_category.data_content_type 
_pdbx_audit_revision_category.category 
1 4 'Structure model' exptl_crystal_grow            
2 4 'Structure model' pdbx_database_proc            
3 4 'Structure model' pdbx_database_status          
4 5 'Structure model' chem_comp_atom                
5 5 'Structure model' chem_comp_bond                
6 5 'Structure model' database_2                    
7 5 'Structure model' pdbx_database_status          
8 5 'Structure model' pdbx_initial_refinement_model 
9 5 'Structure model' struct_site                   
# 
loop_
_pdbx_audit_revision_item.ordinal 
_pdbx_audit_revision_item.revision_ordinal 
_pdbx_audit_revision_item.data_content_type 
_pdbx_audit_revision_item.item 
1 4 'Structure model' '_exptl_crystal_grow.temp'                    
2 4 'Structure model' '_pdbx_database_status.recvd_author_approval' 
3 5 'Structure model' '_database_2.pdbx_DOI'                        
4 5 'Structure model' '_database_2.pdbx_database_accession'         
5 5 'Structure model' '_pdbx_database_status.status_code_sf'        
6 5 'Structure model' '_struct_site.pdbx_auth_asym_id'              
7 5 'Structure model' '_struct_site.pdbx_auth_comp_id'              
8 5 'Structure model' '_struct_site.pdbx_auth_seq_id'               
# 
loop_
_software.name 
_software.classification 
_software.version 
_software.citation_id 
_software.pdbx_ordinal 
REFMAC refinement       5.5.0072 ? 1 
MOSFLM 'data reduction' .        ? 2 
SCALA  'data scaling'   .        ? 3 
MOLREP phasing          .        ? 4 
# 
_pdbx_entry_details.entry_id                 2XKG 
_pdbx_entry_details.compound_details         'ENGINEERED RESIDUE IN CHAIN A, LEU  87 TO ALA' 
_pdbx_entry_details.source_details           ? 
_pdbx_entry_details.nonpolymer_details       ? 
_pdbx_entry_details.sequence_details         ? 
_pdbx_entry_details.has_ligand_of_interest   ? 
# 
_pdbx_validate_symm_contact.id                1 
_pdbx_validate_symm_contact.PDB_model_num     1 
_pdbx_validate_symm_contact.auth_atom_id_1    O 
_pdbx_validate_symm_contact.auth_asym_id_1    A 
_pdbx_validate_symm_contact.auth_comp_id_1    HOH 
_pdbx_validate_symm_contact.auth_seq_id_1     2101 
_pdbx_validate_symm_contact.PDB_ins_code_1    ? 
_pdbx_validate_symm_contact.label_alt_id_1    ? 
_pdbx_validate_symm_contact.site_symmetry_1   1_555 
_pdbx_validate_symm_contact.auth_atom_id_2    O 
_pdbx_validate_symm_contact.auth_asym_id_2    A 
_pdbx_validate_symm_contact.auth_comp_id_2    HOH 
_pdbx_validate_symm_contact.auth_seq_id_2     2112 
_pdbx_validate_symm_contact.PDB_ins_code_2    ? 
_pdbx_validate_symm_contact.label_alt_id_2    ? 
_pdbx_validate_symm_contact.site_symmetry_2   3_745 
_pdbx_validate_symm_contact.dist              2.16 
# 
loop_
_chem_comp_atom.comp_id 
_chem_comp_atom.atom_id 
_chem_comp_atom.type_symbol 
_chem_comp_atom.pdbx_aromatic_flag 
_chem_comp_atom.pdbx_stereo_config 
_chem_comp_atom.pdbx_ordinal 
ALA N    N  N N 1   
ALA CA   C  N S 2   
ALA C    C  N N 3   
ALA O    O  N N 4   
ALA CB   C  N N 5   
ALA OXT  O  N N 6   
ALA H    H  N N 7   
ALA H2   H  N N 8   
ALA HA   H  N N 9   
ALA HB1  H  N N 10  
ALA HB2  H  N N 11  
ALA HB3  H  N N 12  
ALA HXT  H  N N 13  
ARG N    N  N N 14  
ARG CA   C  N S 15  
ARG C    C  N N 16  
ARG O    O  N N 17  
ARG CB   C  N N 18  
ARG CG   C  N N 19  
ARG CD   C  N N 20  
ARG NE   N  N N 21  
ARG CZ   C  N N 22  
ARG NH1  N  N N 23  
ARG NH2  N  N N 24  
ARG OXT  O  N N 25  
ARG H    H  N N 26  
ARG H2   H  N N 27  
ARG HA   H  N N 28  
ARG HB2  H  N N 29  
ARG HB3  H  N N 30  
ARG HG2  H  N N 31  
ARG HG3  H  N N 32  
ARG HD2  H  N N 33  
ARG HD3  H  N N 34  
ARG HE   H  N N 35  
ARG HH11 H  N N 36  
ARG HH12 H  N N 37  
ARG HH21 H  N N 38  
ARG HH22 H  N N 39  
ARG HXT  H  N N 40  
ASN N    N  N N 41  
ASN CA   C  N S 42  
ASN C    C  N N 43  
ASN O    O  N N 44  
ASN CB   C  N N 45  
ASN CG   C  N N 46  
ASN OD1  O  N N 47  
ASN ND2  N  N N 48  
ASN OXT  O  N N 49  
ASN H    H  N N 50  
ASN H2   H  N N 51  
ASN HA   H  N N 52  
ASN HB2  H  N N 53  
ASN HB3  H  N N 54  
ASN HD21 H  N N 55  
ASN HD22 H  N N 56  
ASN HXT  H  N N 57  
ASP N    N  N N 58  
ASP CA   C  N S 59  
ASP C    C  N N 60  
ASP O    O  N N 61  
ASP CB   C  N N 62  
ASP CG   C  N N 63  
ASP OD1  O  N N 64  
ASP OD2  O  N N 65  
ASP OXT  O  N N 66  
ASP H    H  N N 67  
ASP H2   H  N N 68  
ASP HA   H  N N 69  
ASP HB2  H  N N 70  
ASP HB3  H  N N 71  
ASP HD2  H  N N 72  
ASP HXT  H  N N 73  
CYS N    N  N N 74  
CYS CA   C  N R 75  
CYS C    C  N N 76  
CYS O    O  N N 77  
CYS CB   C  N N 78  
CYS SG   S  N N 79  
CYS OXT  O  N N 80  
CYS H    H  N N 81  
CYS H2   H  N N 82  
CYS HA   H  N N 83  
CYS HB2  H  N N 84  
CYS HB3  H  N N 85  
CYS HG   H  N N 86  
CYS HXT  H  N N 87  
GLN N    N  N N 88  
GLN CA   C  N S 89  
GLN C    C  N N 90  
GLN O    O  N N 91  
GLN CB   C  N N 92  
GLN CG   C  N N 93  
GLN CD   C  N N 94  
GLN OE1  O  N N 95  
GLN NE2  N  N N 96  
GLN OXT  O  N N 97  
GLN H    H  N N 98  
GLN H2   H  N N 99  
GLN HA   H  N N 100 
GLN HB2  H  N N 101 
GLN HB3  H  N N 102 
GLN HG2  H  N N 103 
GLN HG3  H  N N 104 
GLN HE21 H  N N 105 
GLN HE22 H  N N 106 
GLN HXT  H  N N 107 
GLU N    N  N N 108 
GLU CA   C  N S 109 
GLU C    C  N N 110 
GLU O    O  N N 111 
GLU CB   C  N N 112 
GLU CG   C  N N 113 
GLU CD   C  N N 114 
GLU OE1  O  N N 115 
GLU OE2  O  N N 116 
GLU OXT  O  N N 117 
GLU H    H  N N 118 
GLU H2   H  N N 119 
GLU HA   H  N N 120 
GLU HB2  H  N N 121 
GLU HB3  H  N N 122 
GLU HG2  H  N N 123 
GLU HG3  H  N N 124 
GLU HE2  H  N N 125 
GLU HXT  H  N N 126 
GLY N    N  N N 127 
GLY CA   C  N N 128 
GLY C    C  N N 129 
GLY O    O  N N 130 
GLY OXT  O  N N 131 
GLY H    H  N N 132 
GLY H2   H  N N 133 
GLY HA2  H  N N 134 
GLY HA3  H  N N 135 
GLY HXT  H  N N 136 
HEM CHA  C  N N 137 
HEM CHB  C  N N 138 
HEM CHC  C  N N 139 
HEM CHD  C  N N 140 
HEM C1A  C  Y N 141 
HEM C2A  C  Y N 142 
HEM C3A  C  Y N 143 
HEM C4A  C  Y N 144 
HEM CMA  C  N N 145 
HEM CAA  C  N N 146 
HEM CBA  C  N N 147 
HEM CGA  C  N N 148 
HEM O1A  O  N N 149 
HEM O2A  O  N N 150 
HEM C1B  C  N N 151 
HEM C2B  C  N N 152 
HEM C3B  C  N N 153 
HEM C4B  C  N N 154 
HEM CMB  C  N N 155 
HEM CAB  C  N N 156 
HEM CBB  C  N N 157 
HEM C1C  C  Y N 158 
HEM C2C  C  Y N 159 
HEM C3C  C  Y N 160 
HEM C4C  C  Y N 161 
HEM CMC  C  N N 162 
HEM CAC  C  N N 163 
HEM CBC  C  N N 164 
HEM C1D  C  N N 165 
HEM C2D  C  N N 166 
HEM C3D  C  N N 167 
HEM C4D  C  N N 168 
HEM CMD  C  N N 169 
HEM CAD  C  N N 170 
HEM CBD  C  N N 171 
HEM CGD  C  N N 172 
HEM O1D  O  N N 173 
HEM O2D  O  N N 174 
HEM NA   N  Y N 175 
HEM NB   N  N N 176 
HEM NC   N  Y N 177 
HEM ND   N  N N 178 
HEM FE   FE N N 179 
HEM HHB  H  N N 180 
HEM HHC  H  N N 181 
HEM HHD  H  N N 182 
HEM HMA  H  N N 183 
HEM HMAA H  N N 184 
HEM HMAB H  N N 185 
HEM HAA  H  N N 186 
HEM HAAA H  N N 187 
HEM HBA  H  N N 188 
HEM HBAA H  N N 189 
HEM HMB  H  N N 190 
HEM HMBA H  N N 191 
HEM HMBB H  N N 192 
HEM HAB  H  N N 193 
HEM HBB  H  N N 194 
HEM HBBA H  N N 195 
HEM HMC  H  N N 196 
HEM HMCA H  N N 197 
HEM HMCB H  N N 198 
HEM HAC  H  N N 199 
HEM HBC  H  N N 200 
HEM HBCA H  N N 201 
HEM HMD  H  N N 202 
HEM HMDA H  N N 203 
HEM HMDB H  N N 204 
HEM HAD  H  N N 205 
HEM HADA H  N N 206 
HEM HBD  H  N N 207 
HEM HBDA H  N N 208 
HEM H2A  H  N N 209 
HEM H2D  H  N N 210 
HEM HHA  H  N N 211 
HIS N    N  N N 212 
HIS CA   C  N S 213 
HIS C    C  N N 214 
HIS O    O  N N 215 
HIS CB   C  N N 216 
HIS CG   C  Y N 217 
HIS ND1  N  Y N 218 
HIS CD2  C  Y N 219 
HIS CE1  C  Y N 220 
HIS NE2  N  Y N 221 
HIS OXT  O  N N 222 
HIS H    H  N N 223 
HIS H2   H  N N 224 
HIS HA   H  N N 225 
HIS HB2  H  N N 226 
HIS HB3  H  N N 227 
HIS HD1  H  N N 228 
HIS HD2  H  N N 229 
HIS HE1  H  N N 230 
HIS HE2  H  N N 231 
HIS HXT  H  N N 232 
HOH O    O  N N 233 
HOH H1   H  N N 234 
HOH H2   H  N N 235 
ILE N    N  N N 236 
ILE CA   C  N S 237 
ILE C    C  N N 238 
ILE O    O  N N 239 
ILE CB   C  N S 240 
ILE CG1  C  N N 241 
ILE CG2  C  N N 242 
ILE CD1  C  N N 243 
ILE OXT  O  N N 244 
ILE H    H  N N 245 
ILE H2   H  N N 246 
ILE HA   H  N N 247 
ILE HB   H  N N 248 
ILE HG12 H  N N 249 
ILE HG13 H  N N 250 
ILE HG21 H  N N 251 
ILE HG22 H  N N 252 
ILE HG23 H  N N 253 
ILE HD11 H  N N 254 
ILE HD12 H  N N 255 
ILE HD13 H  N N 256 
ILE HXT  H  N N 257 
LEU N    N  N N 258 
LEU CA   C  N S 259 
LEU C    C  N N 260 
LEU O    O  N N 261 
LEU CB   C  N N 262 
LEU CG   C  N N 263 
LEU CD1  C  N N 264 
LEU CD2  C  N N 265 
LEU OXT  O  N N 266 
LEU H    H  N N 267 
LEU H2   H  N N 268 
LEU HA   H  N N 269 
LEU HB2  H  N N 270 
LEU HB3  H  N N 271 
LEU HG   H  N N 272 
LEU HD11 H  N N 273 
LEU HD12 H  N N 274 
LEU HD13 H  N N 275 
LEU HD21 H  N N 276 
LEU HD22 H  N N 277 
LEU HD23 H  N N 278 
LEU HXT  H  N N 279 
LYS N    N  N N 280 
LYS CA   C  N S 281 
LYS C    C  N N 282 
LYS O    O  N N 283 
LYS CB   C  N N 284 
LYS CG   C  N N 285 
LYS CD   C  N N 286 
LYS CE   C  N N 287 
LYS NZ   N  N N 288 
LYS OXT  O  N N 289 
LYS H    H  N N 290 
LYS H2   H  N N 291 
LYS HA   H  N N 292 
LYS HB2  H  N N 293 
LYS HB3  H  N N 294 
LYS HG2  H  N N 295 
LYS HG3  H  N N 296 
LYS HD2  H  N N 297 
LYS HD3  H  N N 298 
LYS HE2  H  N N 299 
LYS HE3  H  N N 300 
LYS HZ1  H  N N 301 
LYS HZ2  H  N N 302 
LYS HZ3  H  N N 303 
LYS HXT  H  N N 304 
MET N    N  N N 305 
MET CA   C  N S 306 
MET C    C  N N 307 
MET O    O  N N 308 
MET CB   C  N N 309 
MET CG   C  N N 310 
MET SD   S  N N 311 
MET CE   C  N N 312 
MET OXT  O  N N 313 
MET H    H  N N 314 
MET H2   H  N N 315 
MET HA   H  N N 316 
MET HB2  H  N N 317 
MET HB3  H  N N 318 
MET HG2  H  N N 319 
MET HG3  H  N N 320 
MET HE1  H  N N 321 
MET HE2  H  N N 322 
MET HE3  H  N N 323 
MET HXT  H  N N 324 
OXY O1   O  N N 325 
OXY O2   O  N N 326 
PHE N    N  N N 327 
PHE CA   C  N S 328 
PHE C    C  N N 329 
PHE O    O  N N 330 
PHE CB   C  N N 331 
PHE CG   C  Y N 332 
PHE CD1  C  Y N 333 
PHE CD2  C  Y N 334 
PHE CE1  C  Y N 335 
PHE CE2  C  Y N 336 
PHE CZ   C  Y N 337 
PHE OXT  O  N N 338 
PHE H    H  N N 339 
PHE H2   H  N N 340 
PHE HA   H  N N 341 
PHE HB2  H  N N 342 
PHE HB3  H  N N 343 
PHE HD1  H  N N 344 
PHE HD2  H  N N 345 
PHE HE1  H  N N 346 
PHE HE2  H  N N 347 
PHE HZ   H  N N 348 
PHE HXT  H  N N 349 
PRO N    N  N N 350 
PRO CA   C  N S 351 
PRO C    C  N N 352 
PRO O    O  N N 353 
PRO CB   C  N N 354 
PRO CG   C  N N 355 
PRO CD   C  N N 356 
PRO OXT  O  N N 357 
PRO H    H  N N 358 
PRO HA   H  N N 359 
PRO HB2  H  N N 360 
PRO HB3  H  N N 361 
PRO HG2  H  N N 362 
PRO HG3  H  N N 363 
PRO HD2  H  N N 364 
PRO HD3  H  N N 365 
PRO HXT  H  N N 366 
SER N    N  N N 367 
SER CA   C  N S 368 
SER C    C  N N 369 
SER O    O  N N 370 
SER CB   C  N N 371 
SER OG   O  N N 372 
SER OXT  O  N N 373 
SER H    H  N N 374 
SER H2   H  N N 375 
SER HA   H  N N 376 
SER HB2  H  N N 377 
SER HB3  H  N N 378 
SER HG   H  N N 379 
SER HXT  H  N N 380 
SO4 S    S  N N 381 
SO4 O1   O  N N 382 
SO4 O2   O  N N 383 
SO4 O3   O  N N 384 
SO4 O4   O  N N 385 
THR N    N  N N 386 
THR CA   C  N S 387 
THR C    C  N N 388 
THR O    O  N N 389 
THR CB   C  N R 390 
THR OG1  O  N N 391 
THR CG2  C  N N 392 
THR OXT  O  N N 393 
THR H    H  N N 394 
THR H2   H  N N 395 
THR HA   H  N N 396 
THR HB   H  N N 397 
THR HG1  H  N N 398 
THR HG21 H  N N 399 
THR HG22 H  N N 400 
THR HG23 H  N N 401 
THR HXT  H  N N 402 
TRP N    N  N N 403 
TRP CA   C  N S 404 
TRP C    C  N N 405 
TRP O    O  N N 406 
TRP CB   C  N N 407 
TRP CG   C  Y N 408 
TRP CD1  C  Y N 409 
TRP CD2  C  Y N 410 
TRP NE1  N  Y N 411 
TRP CE2  C  Y N 412 
TRP CE3  C  Y N 413 
TRP CZ2  C  Y N 414 
TRP CZ3  C  Y N 415 
TRP CH2  C  Y N 416 
TRP OXT  O  N N 417 
TRP H    H  N N 418 
TRP H2   H  N N 419 
TRP HA   H  N N 420 
TRP HB2  H  N N 421 
TRP HB3  H  N N 422 
TRP HD1  H  N N 423 
TRP HE1  H  N N 424 
TRP HE3  H  N N 425 
TRP HZ2  H  N N 426 
TRP HZ3  H  N N 427 
TRP HH2  H  N N 428 
TRP HXT  H  N N 429 
TYR N    N  N N 430 
TYR CA   C  N S 431 
TYR C    C  N N 432 
TYR O    O  N N 433 
TYR CB   C  N N 434 
TYR CG   C  Y N 435 
TYR CD1  C  Y N 436 
TYR CD2  C  Y N 437 
TYR CE1  C  Y N 438 
TYR CE2  C  Y N 439 
TYR CZ   C  Y N 440 
TYR OH   O  N N 441 
TYR OXT  O  N N 442 
TYR H    H  N N 443 
TYR H2   H  N N 444 
TYR HA   H  N N 445 
TYR HB2  H  N N 446 
TYR HB3  H  N N 447 
TYR HD1  H  N N 448 
TYR HD2  H  N N 449 
TYR HE1  H  N N 450 
TYR HE2  H  N N 451 
TYR HH   H  N N 452 
TYR HXT  H  N N 453 
VAL N    N  N N 454 
VAL CA   C  N S 455 
VAL C    C  N N 456 
VAL O    O  N N 457 
VAL CB   C  N N 458 
VAL CG1  C  N N 459 
VAL CG2  C  N N 460 
VAL OXT  O  N N 461 
VAL H    H  N N 462 
VAL H2   H  N N 463 
VAL HA   H  N N 464 
VAL HB   H  N N 465 
VAL HG11 H  N N 466 
VAL HG12 H  N N 467 
VAL HG13 H  N N 468 
VAL HG21 H  N N 469 
VAL HG22 H  N N 470 
VAL HG23 H  N N 471 
VAL HXT  H  N N 472 
# 
loop_
_chem_comp_bond.comp_id 
_chem_comp_bond.atom_id_1 
_chem_comp_bond.atom_id_2 
_chem_comp_bond.value_order 
_chem_comp_bond.pdbx_aromatic_flag 
_chem_comp_bond.pdbx_stereo_config 
_chem_comp_bond.pdbx_ordinal 
ALA N   CA   sing N N 1   
ALA N   H    sing N N 2   
ALA N   H2   sing N N 3   
ALA CA  C    sing N N 4   
ALA CA  CB   sing N N 5   
ALA CA  HA   sing N N 6   
ALA C   O    doub N N 7   
ALA C   OXT  sing N N 8   
ALA CB  HB1  sing N N 9   
ALA CB  HB2  sing N N 10  
ALA CB  HB3  sing N N 11  
ALA OXT HXT  sing N N 12  
ARG N   CA   sing N N 13  
ARG N   H    sing N N 14  
ARG N   H2   sing N N 15  
ARG CA  C    sing N N 16  
ARG CA  CB   sing N N 17  
ARG CA  HA   sing N N 18  
ARG C   O    doub N N 19  
ARG C   OXT  sing N N 20  
ARG CB  CG   sing N N 21  
ARG CB  HB2  sing N N 22  
ARG CB  HB3  sing N N 23  
ARG CG  CD   sing N N 24  
ARG CG  HG2  sing N N 25  
ARG CG  HG3  sing N N 26  
ARG CD  NE   sing N N 27  
ARG CD  HD2  sing N N 28  
ARG CD  HD3  sing N N 29  
ARG NE  CZ   sing N N 30  
ARG NE  HE   sing N N 31  
ARG CZ  NH1  sing N N 32  
ARG CZ  NH2  doub N N 33  
ARG NH1 HH11 sing N N 34  
ARG NH1 HH12 sing N N 35  
ARG NH2 HH21 sing N N 36  
ARG NH2 HH22 sing N N 37  
ARG OXT HXT  sing N N 38  
ASN N   CA   sing N N 39  
ASN N   H    sing N N 40  
ASN N   H2   sing N N 41  
ASN CA  C    sing N N 42  
ASN CA  CB   sing N N 43  
ASN CA  HA   sing N N 44  
ASN C   O    doub N N 45  
ASN C   OXT  sing N N 46  
ASN CB  CG   sing N N 47  
ASN CB  HB2  sing N N 48  
ASN CB  HB3  sing N N 49  
ASN CG  OD1  doub N N 50  
ASN CG  ND2  sing N N 51  
ASN ND2 HD21 sing N N 52  
ASN ND2 HD22 sing N N 53  
ASN OXT HXT  sing N N 54  
ASP N   CA   sing N N 55  
ASP N   H    sing N N 56  
ASP N   H2   sing N N 57  
ASP CA  C    sing N N 58  
ASP CA  CB   sing N N 59  
ASP CA  HA   sing N N 60  
ASP C   O    doub N N 61  
ASP C   OXT  sing N N 62  
ASP CB  CG   sing N N 63  
ASP CB  HB2  sing N N 64  
ASP CB  HB3  sing N N 65  
ASP CG  OD1  doub N N 66  
ASP CG  OD2  sing N N 67  
ASP OD2 HD2  sing N N 68  
ASP OXT HXT  sing N N 69  
CYS N   CA   sing N N 70  
CYS N   H    sing N N 71  
CYS N   H2   sing N N 72  
CYS CA  C    sing N N 73  
CYS CA  CB   sing N N 74  
CYS CA  HA   sing N N 75  
CYS C   O    doub N N 76  
CYS C   OXT  sing N N 77  
CYS CB  SG   sing N N 78  
CYS CB  HB2  sing N N 79  
CYS CB  HB3  sing N N 80  
CYS SG  HG   sing N N 81  
CYS OXT HXT  sing N N 82  
GLN N   CA   sing N N 83  
GLN N   H    sing N N 84  
GLN N   H2   sing N N 85  
GLN CA  C    sing N N 86  
GLN CA  CB   sing N N 87  
GLN CA  HA   sing N N 88  
GLN C   O    doub N N 89  
GLN C   OXT  sing N N 90  
GLN CB  CG   sing N N 91  
GLN CB  HB2  sing N N 92  
GLN CB  HB3  sing N N 93  
GLN CG  CD   sing N N 94  
GLN CG  HG2  sing N N 95  
GLN CG  HG3  sing N N 96  
GLN CD  OE1  doub N N 97  
GLN CD  NE2  sing N N 98  
GLN NE2 HE21 sing N N 99  
GLN NE2 HE22 sing N N 100 
GLN OXT HXT  sing N N 101 
GLU N   CA   sing N N 102 
GLU N   H    sing N N 103 
GLU N   H2   sing N N 104 
GLU CA  C    sing N N 105 
GLU CA  CB   sing N N 106 
GLU CA  HA   sing N N 107 
GLU C   O    doub N N 108 
GLU C   OXT  sing N N 109 
GLU CB  CG   sing N N 110 
GLU CB  HB2  sing N N 111 
GLU CB  HB3  sing N N 112 
GLU CG  CD   sing N N 113 
GLU CG  HG2  sing N N 114 
GLU CG  HG3  sing N N 115 
GLU CD  OE1  doub N N 116 
GLU CD  OE2  sing N N 117 
GLU OE2 HE2  sing N N 118 
GLU OXT HXT  sing N N 119 
GLY N   CA   sing N N 120 
GLY N   H    sing N N 121 
GLY N   H2   sing N N 122 
GLY CA  C    sing N N 123 
GLY CA  HA2  sing N N 124 
GLY CA  HA3  sing N N 125 
GLY C   O    doub N N 126 
GLY C   OXT  sing N N 127 
GLY OXT HXT  sing N N 128 
HEM CHA C1A  sing N N 129 
HEM CHA C4D  doub N N 130 
HEM CHA HHA  sing N N 131 
HEM CHB C4A  sing N N 132 
HEM CHB C1B  doub N N 133 
HEM CHB HHB  sing N N 134 
HEM CHC C4B  sing N N 135 
HEM CHC C1C  doub N N 136 
HEM CHC HHC  sing N N 137 
HEM CHD C4C  doub N N 138 
HEM CHD C1D  sing N N 139 
HEM CHD HHD  sing N N 140 
HEM C1A C2A  doub Y N 141 
HEM C1A NA   sing Y N 142 
HEM C2A C3A  sing Y N 143 
HEM C2A CAA  sing N N 144 
HEM C3A C4A  doub Y N 145 
HEM C3A CMA  sing N N 146 
HEM C4A NA   sing Y N 147 
HEM CMA HMA  sing N N 148 
HEM CMA HMAA sing N N 149 
HEM CMA HMAB sing N N 150 
HEM CAA CBA  sing N N 151 
HEM CAA HAA  sing N N 152 
HEM CAA HAAA sing N N 153 
HEM CBA CGA  sing N N 154 
HEM CBA HBA  sing N N 155 
HEM CBA HBAA sing N N 156 
HEM CGA O1A  doub N N 157 
HEM CGA O2A  sing N N 158 
HEM C1B C2B  sing N N 159 
HEM C1B NB   sing N N 160 
HEM C2B C3B  doub N N 161 
HEM C2B CMB  sing N N 162 
HEM C3B C4B  sing N N 163 
HEM C3B CAB  sing N N 164 
HEM C4B NB   doub N N 165 
HEM CMB HMB  sing N N 166 
HEM CMB HMBA sing N N 167 
HEM CMB HMBB sing N N 168 
HEM CAB CBB  doub N N 169 
HEM CAB HAB  sing N N 170 
HEM CBB HBB  sing N N 171 
HEM CBB HBBA sing N N 172 
HEM C1C C2C  sing Y N 173 
HEM C1C NC   sing Y N 174 
HEM C2C C3C  doub Y N 175 
HEM C2C CMC  sing N N 176 
HEM C3C C4C  sing Y N 177 
HEM C3C CAC  sing N N 178 
HEM C4C NC   sing Y N 179 
HEM CMC HMC  sing N N 180 
HEM CMC HMCA sing N N 181 
HEM CMC HMCB sing N N 182 
HEM CAC CBC  doub N N 183 
HEM CAC HAC  sing N N 184 
HEM CBC HBC  sing N N 185 
HEM CBC HBCA sing N N 186 
HEM C1D C2D  sing N N 187 
HEM C1D ND   doub N N 188 
HEM C2D C3D  doub N N 189 
HEM C2D CMD  sing N N 190 
HEM C3D C4D  sing N N 191 
HEM C3D CAD  sing N N 192 
HEM C4D ND   sing N N 193 
HEM CMD HMD  sing N N 194 
HEM CMD HMDA sing N N 195 
HEM CMD HMDB sing N N 196 
HEM CAD CBD  sing N N 197 
HEM CAD HAD  sing N N 198 
HEM CAD HADA sing N N 199 
HEM CBD CGD  sing N N 200 
HEM CBD HBD  sing N N 201 
HEM CBD HBDA sing N N 202 
HEM CGD O1D  doub N N 203 
HEM CGD O2D  sing N N 204 
HEM O2A H2A  sing N N 205 
HEM O2D H2D  sing N N 206 
HEM FE  NA   sing N N 207 
HEM FE  NB   sing N N 208 
HEM FE  NC   sing N N 209 
HEM FE  ND   sing N N 210 
HIS N   CA   sing N N 211 
HIS N   H    sing N N 212 
HIS N   H2   sing N N 213 
HIS CA  C    sing N N 214 
HIS CA  CB   sing N N 215 
HIS CA  HA   sing N N 216 
HIS C   O    doub N N 217 
HIS C   OXT  sing N N 218 
HIS CB  CG   sing N N 219 
HIS CB  HB2  sing N N 220 
HIS CB  HB3  sing N N 221 
HIS CG  ND1  sing Y N 222 
HIS CG  CD2  doub Y N 223 
HIS ND1 CE1  doub Y N 224 
HIS ND1 HD1  sing N N 225 
HIS CD2 NE2  sing Y N 226 
HIS CD2 HD2  sing N N 227 
HIS CE1 NE2  sing Y N 228 
HIS CE1 HE1  sing N N 229 
HIS NE2 HE2  sing N N 230 
HIS OXT HXT  sing N N 231 
HOH O   H1   sing N N 232 
HOH O   H2   sing N N 233 
ILE N   CA   sing N N 234 
ILE N   H    sing N N 235 
ILE N   H2   sing N N 236 
ILE CA  C    sing N N 237 
ILE CA  CB   sing N N 238 
ILE CA  HA   sing N N 239 
ILE C   O    doub N N 240 
ILE C   OXT  sing N N 241 
ILE CB  CG1  sing N N 242 
ILE CB  CG2  sing N N 243 
ILE CB  HB   sing N N 244 
ILE CG1 CD1  sing N N 245 
ILE CG1 HG12 sing N N 246 
ILE CG1 HG13 sing N N 247 
ILE CG2 HG21 sing N N 248 
ILE CG2 HG22 sing N N 249 
ILE CG2 HG23 sing N N 250 
ILE CD1 HD11 sing N N 251 
ILE CD1 HD12 sing N N 252 
ILE CD1 HD13 sing N N 253 
ILE OXT HXT  sing N N 254 
LEU N   CA   sing N N 255 
LEU N   H    sing N N 256 
LEU N   H2   sing N N 257 
LEU CA  C    sing N N 258 
LEU CA  CB   sing N N 259 
LEU CA  HA   sing N N 260 
LEU C   O    doub N N 261 
LEU C   OXT  sing N N 262 
LEU CB  CG   sing N N 263 
LEU CB  HB2  sing N N 264 
LEU CB  HB3  sing N N 265 
LEU CG  CD1  sing N N 266 
LEU CG  CD2  sing N N 267 
LEU CG  HG   sing N N 268 
LEU CD1 HD11 sing N N 269 
LEU CD1 HD12 sing N N 270 
LEU CD1 HD13 sing N N 271 
LEU CD2 HD21 sing N N 272 
LEU CD2 HD22 sing N N 273 
LEU CD2 HD23 sing N N 274 
LEU OXT HXT  sing N N 275 
LYS N   CA   sing N N 276 
LYS N   H    sing N N 277 
LYS N   H2   sing N N 278 
LYS CA  C    sing N N 279 
LYS CA  CB   sing N N 280 
LYS CA  HA   sing N N 281 
LYS C   O    doub N N 282 
LYS C   OXT  sing N N 283 
LYS CB  CG   sing N N 284 
LYS CB  HB2  sing N N 285 
LYS CB  HB3  sing N N 286 
LYS CG  CD   sing N N 287 
LYS CG  HG2  sing N N 288 
LYS CG  HG3  sing N N 289 
LYS CD  CE   sing N N 290 
LYS CD  HD2  sing N N 291 
LYS CD  HD3  sing N N 292 
LYS CE  NZ   sing N N 293 
LYS CE  HE2  sing N N 294 
LYS CE  HE3  sing N N 295 
LYS NZ  HZ1  sing N N 296 
LYS NZ  HZ2  sing N N 297 
LYS NZ  HZ3  sing N N 298 
LYS OXT HXT  sing N N 299 
MET N   CA   sing N N 300 
MET N   H    sing N N 301 
MET N   H2   sing N N 302 
MET CA  C    sing N N 303 
MET CA  CB   sing N N 304 
MET CA  HA   sing N N 305 
MET C   O    doub N N 306 
MET C   OXT  sing N N 307 
MET CB  CG   sing N N 308 
MET CB  HB2  sing N N 309 
MET CB  HB3  sing N N 310 
MET CG  SD   sing N N 311 
MET CG  HG2  sing N N 312 
MET CG  HG3  sing N N 313 
MET SD  CE   sing N N 314 
MET CE  HE1  sing N N 315 
MET CE  HE2  sing N N 316 
MET CE  HE3  sing N N 317 
MET OXT HXT  sing N N 318 
OXY O1  O2   doub N N 319 
PHE N   CA   sing N N 320 
PHE N   H    sing N N 321 
PHE N   H2   sing N N 322 
PHE CA  C    sing N N 323 
PHE CA  CB   sing N N 324 
PHE CA  HA   sing N N 325 
PHE C   O    doub N N 326 
PHE C   OXT  sing N N 327 
PHE CB  CG   sing N N 328 
PHE CB  HB2  sing N N 329 
PHE CB  HB3  sing N N 330 
PHE CG  CD1  doub Y N 331 
PHE CG  CD2  sing Y N 332 
PHE CD1 CE1  sing Y N 333 
PHE CD1 HD1  sing N N 334 
PHE CD2 CE2  doub Y N 335 
PHE CD2 HD2  sing N N 336 
PHE CE1 CZ   doub Y N 337 
PHE CE1 HE1  sing N N 338 
PHE CE2 CZ   sing Y N 339 
PHE CE2 HE2  sing N N 340 
PHE CZ  HZ   sing N N 341 
PHE OXT HXT  sing N N 342 
PRO N   CA   sing N N 343 
PRO N   CD   sing N N 344 
PRO N   H    sing N N 345 
PRO CA  C    sing N N 346 
PRO CA  CB   sing N N 347 
PRO CA  HA   sing N N 348 
PRO C   O    doub N N 349 
PRO C   OXT  sing N N 350 
PRO CB  CG   sing N N 351 
PRO CB  HB2  sing N N 352 
PRO CB  HB3  sing N N 353 
PRO CG  CD   sing N N 354 
PRO CG  HG2  sing N N 355 
PRO CG  HG3  sing N N 356 
PRO CD  HD2  sing N N 357 
PRO CD  HD3  sing N N 358 
PRO OXT HXT  sing N N 359 
SER N   CA   sing N N 360 
SER N   H    sing N N 361 
SER N   H2   sing N N 362 
SER CA  C    sing N N 363 
SER CA  CB   sing N N 364 
SER CA  HA   sing N N 365 
SER C   O    doub N N 366 
SER C   OXT  sing N N 367 
SER CB  OG   sing N N 368 
SER CB  HB2  sing N N 369 
SER CB  HB3  sing N N 370 
SER OG  HG   sing N N 371 
SER OXT HXT  sing N N 372 
SO4 S   O1   doub N N 373 
SO4 S   O2   doub N N 374 
SO4 S   O3   sing N N 375 
SO4 S   O4   sing N N 376 
THR N   CA   sing N N 377 
THR N   H    sing N N 378 
THR N   H2   sing N N 379 
THR CA  C    sing N N 380 
THR CA  CB   sing N N 381 
THR CA  HA   sing N N 382 
THR C   O    doub N N 383 
THR C   OXT  sing N N 384 
THR CB  OG1  sing N N 385 
THR CB  CG2  sing N N 386 
THR CB  HB   sing N N 387 
THR OG1 HG1  sing N N 388 
THR CG2 HG21 sing N N 389 
THR CG2 HG22 sing N N 390 
THR CG2 HG23 sing N N 391 
THR OXT HXT  sing N N 392 
TRP N   CA   sing N N 393 
TRP N   H    sing N N 394 
TRP N   H2   sing N N 395 
TRP CA  C    sing N N 396 
TRP CA  CB   sing N N 397 
TRP CA  HA   sing N N 398 
TRP C   O    doub N N 399 
TRP C   OXT  sing N N 400 
TRP CB  CG   sing N N 401 
TRP CB  HB2  sing N N 402 
TRP CB  HB3  sing N N 403 
TRP CG  CD1  doub Y N 404 
TRP CG  CD2  sing Y N 405 
TRP CD1 NE1  sing Y N 406 
TRP CD1 HD1  sing N N 407 
TRP CD2 CE2  doub Y N 408 
TRP CD2 CE3  sing Y N 409 
TRP NE1 CE2  sing Y N 410 
TRP NE1 HE1  sing N N 411 
TRP CE2 CZ2  sing Y N 412 
TRP CE3 CZ3  doub Y N 413 
TRP CE3 HE3  sing N N 414 
TRP CZ2 CH2  doub Y N 415 
TRP CZ2 HZ2  sing N N 416 
TRP CZ3 CH2  sing Y N 417 
TRP CZ3 HZ3  sing N N 418 
TRP CH2 HH2  sing N N 419 
TRP OXT HXT  sing N N 420 
TYR N   CA   sing N N 421 
TYR N   H    sing N N 422 
TYR N   H2   sing N N 423 
TYR CA  C    sing N N 424 
TYR CA  CB   sing N N 425 
TYR CA  HA   sing N N 426 
TYR C   O    doub N N 427 
TYR C   OXT  sing N N 428 
TYR CB  CG   sing N N 429 
TYR CB  HB2  sing N N 430 
TYR CB  HB3  sing N N 431 
TYR CG  CD1  doub Y N 432 
TYR CG  CD2  sing Y N 433 
TYR CD1 CE1  sing Y N 434 
TYR CD1 HD1  sing N N 435 
TYR CD2 CE2  doub Y N 436 
TYR CD2 HD2  sing N N 437 
TYR CE1 CZ   doub Y N 438 
TYR CE1 HE1  sing N N 439 
TYR CE2 CZ   sing Y N 440 
TYR CE2 HE2  sing N N 441 
TYR CZ  OH   sing N N 442 
TYR OH  HH   sing N N 443 
TYR OXT HXT  sing N N 444 
VAL N   CA   sing N N 445 
VAL N   H    sing N N 446 
VAL N   H2   sing N N 447 
VAL CA  C    sing N N 448 
VAL CA  CB   sing N N 449 
VAL CA  HA   sing N N 450 
VAL C   O    doub N N 451 
VAL C   OXT  sing N N 452 
VAL CB  CG1  sing N N 453 
VAL CB  CG2  sing N N 454 
VAL CB  HB   sing N N 455 
VAL CG1 HG11 sing N N 456 
VAL CG1 HG12 sing N N 457 
VAL CG1 HG13 sing N N 458 
VAL CG2 HG21 sing N N 459 
VAL CG2 HG22 sing N N 460 
VAL CG2 HG23 sing N N 461 
VAL OXT HXT  sing N N 462 
# 
loop_
_pdbx_entity_nonpoly.entity_id 
_pdbx_entity_nonpoly.name 
_pdbx_entity_nonpoly.comp_id 
2 'PROTOPORPHYRIN IX CONTAINING FE' HEM 
3 'OXYGEN MOLECULE'                 OXY 
4 'SULFATE ION'                     SO4 
5 water                             HOH 
# 
_pdbx_initial_refinement_model.id               1 
_pdbx_initial_refinement_model.entity_id_list   ? 
_pdbx_initial_refinement_model.type             'experimental model' 
_pdbx_initial_refinement_model.source_name      PDB 
_pdbx_initial_refinement_model.accession_code   1KR7 
_pdbx_initial_refinement_model.details          'PDB ENTRY 1KR7' 
# 
